data_7GAM
# 
_entry.id   7GAM 
# 
_audit_conform.dict_name       mmcif_pdbx.dic 
_audit_conform.dict_version    5.396 
_audit_conform.dict_location   http://mmcif.pdb.org/dictionaries/ascii/mmcif_pdbx.dic 
# 
loop_
_database_2.database_id 
_database_2.database_code 
_database_2.pdbx_database_accession 
_database_2.pdbx_DOI 
PDB   7GAM         pdb_00007gam 10.2210/pdb7gam/pdb 
WWPDB D_1001405943 ?            ?                   
# 
_pdbx_audit_revision_history.ordinal             1 
_pdbx_audit_revision_history.data_content_type   'Structure model' 
_pdbx_audit_revision_history.major_revision      1 
_pdbx_audit_revision_history.minor_revision      0 
_pdbx_audit_revision_history.revision_date       2024-09-04 
# 
_pdbx_audit_revision_details.ordinal             1 
_pdbx_audit_revision_details.revision_ordinal    1 
_pdbx_audit_revision_details.data_content_type   'Structure model' 
_pdbx_audit_revision_details.provider            repository 
_pdbx_audit_revision_details.type                'Initial release' 
_pdbx_audit_revision_details.description         ? 
_pdbx_audit_revision_details.details             ? 
# 
_pdbx_database_status.entry_id                        7GAM 
_pdbx_database_status.status_code                     REL 
_pdbx_database_status.status_code_sf                  REL 
_pdbx_database_status.status_code_mr                  ? 
_pdbx_database_status.status_code_cs                  ? 
_pdbx_database_status.recvd_initial_deposition_date   2023-08-10 
_pdbx_database_status.status_code_nmr_data            ? 
_pdbx_database_status.deposit_site                    RCSB 
_pdbx_database_status.process_site                    RCSB 
_pdbx_database_status.SG_entry                        ? 
_pdbx_database_status.pdb_format_compatible           Y 
_pdbx_database_status.methods_development_category    ? 
# 
_pdbx_contact_author.id                 1 
_pdbx_contact_author.email              knapp@pharmchem.uni-frankfurt.de 
_pdbx_contact_author.name_first         Stefan 
_pdbx_contact_author.name_last          Knapp 
_pdbx_contact_author.role               'principal investigator/group leader' 
_pdbx_contact_author.identifier_ORCID   0000-0001-5995-6494 
_pdbx_contact_author.name_mi            ? 
# 
loop_
_audit_author.name 
_audit_author.pdbx_ordinal 
_audit_author.identifier_ORCID 
'Kumar, A.'                            1 ? 
'Marples, P.G.'                        2 ? 
'Tomlinson, C.W.E.'                    3 ? 
'Fearon, D.'                           4 ? 
'von-Delft, F.'                        5 ? 
'Knapp, S.'                            6 ? 
'Structural Genomics Consortium (SGC)' 7 ? 
# 
_citation.id                        primary 
_citation.title                     'PanDDA analysis group deposition' 
_citation.journal_abbrev            'To Be Published' 
_citation.journal_volume            ? 
_citation.page_first                ? 
_citation.page_last                 ? 
_citation.year                      ? 
_citation.journal_id_ASTM           ? 
_citation.country                   ? 
_citation.journal_id_ISSN           ? 
_citation.journal_id_CSD            0353 
_citation.book_publisher            ? 
_citation.pdbx_database_id_PubMed   ? 
_citation.pdbx_database_id_DOI      ? 
# 
loop_
_citation_author.citation_id 
_citation_author.name 
_citation_author.identifier_ORCID 
_citation_author.ordinal 
primary 'Kumar, A.'                            ? 1 
primary 'Knapp, S.'                            ? 2 
primary 'Structural Genomics Consortium (SGC)' ? 3 
# 
loop_
_entity.id 
_entity.type 
_entity.src_method 
_entity.pdbx_description 
_entity.formula_weight 
_entity.pdbx_number_of_molecules 
_entity.pdbx_ec 
_entity.pdbx_mutation 
_entity.pdbx_fragment 
_entity.details 
1 polymer     man 'Microtubule-associated proteins 1A/1B light chain 3B' 14237.361 1  ? TruncationafterGly120 ? ? 
2 non-polymer syn 'N-(1-ethyl-1H-pyrazol-4-yl)cyclobutanecarboxamide'    193.246   1  ? ?                     ? ? 
3 non-polymer syn 1,2-ETHANEDIOL                                         62.068    8  ? ?                     ? ? 
4 non-polymer syn 'CHLORIDE ION'                                         35.453    1  ? ?                     ? ? 
5 water       nat water                                                  18.015    91 ? ?                     ? ? 
# 
_entity_name_com.entity_id   1 
_entity_name_com.name        
;Autophagy-related protein LC3 B,Autophagy-related ubiquitin-like modifier LC3 B,MAP1 light chain 3-like protein 2,MAP1A/MAP1B light chain 3 B,MAP1A/MAP1B LC3 B,Microtubule-associated protein 1 light chain 3 beta
;
# 
_entity_poly.entity_id                      1 
_entity_poly.type                           'polypeptide(L)' 
_entity_poly.nstd_linkage                   no 
_entity_poly.nstd_monomer                   no 
_entity_poly.pdbx_seq_one_letter_code       
;SMPSEKTFKQRRTFEQRVEDVRLIREQHPTKIPVIIERYKGEKQLPVLDKTKFLVPDHVNMSELIKIIRRRLQLNANQAF
FLLVNGHSMVSVSTPISEVYESEKDEDGFLYMVYASQETFG
;
_entity_poly.pdbx_seq_one_letter_code_can   
;SMPSEKTFKQRRTFEQRVEDVRLIREQHPTKIPVIIERYKGEKQLPVLDKTKFLVPDHVNMSELIKIIRRRLQLNANQAF
FLLVNGHSMVSVSTPISEVYESEKDEDGFLYMVYASQETFG
;
_entity_poly.pdbx_strand_id                 A 
_entity_poly.pdbx_target_identifier         ? 
# 
loop_
_pdbx_entity_nonpoly.entity_id 
_pdbx_entity_nonpoly.name 
_pdbx_entity_nonpoly.comp_id 
2 'N-(1-ethyl-1H-pyrazol-4-yl)cyclobutanecarboxamide' NUA 
3 1,2-ETHANEDIOL                                      EDO 
4 'CHLORIDE ION'                                      CL  
5 water                                               HOH 
# 
loop_
_entity_poly_seq.entity_id 
_entity_poly_seq.num 
_entity_poly_seq.mon_id 
_entity_poly_seq.hetero 
1 1   SER n 
1 2   MET n 
1 3   PRO n 
1 4   SER n 
1 5   GLU n 
1 6   LYS n 
1 7   THR n 
1 8   PHE n 
1 9   LYS n 
1 10  GLN n 
1 11  ARG n 
1 12  ARG n 
1 13  THR n 
1 14  PHE n 
1 15  GLU n 
1 16  GLN n 
1 17  ARG n 
1 18  VAL n 
1 19  GLU n 
1 20  ASP n 
1 21  VAL n 
1 22  ARG n 
1 23  LEU n 
1 24  ILE n 
1 25  ARG n 
1 26  GLU n 
1 27  GLN n 
1 28  HIS n 
1 29  PRO n 
1 30  THR n 
1 31  LYS n 
1 32  ILE n 
1 33  PRO n 
1 34  VAL n 
1 35  ILE n 
1 36  ILE n 
1 37  GLU n 
1 38  ARG n 
1 39  TYR n 
1 40  LYS n 
1 41  GLY n 
1 42  GLU n 
1 43  LYS n 
1 44  GLN n 
1 45  LEU n 
1 46  PRO n 
1 47  VAL n 
1 48  LEU n 
1 49  ASP n 
1 50  LYS n 
1 51  THR n 
1 52  LYS n 
1 53  PHE n 
1 54  LEU n 
1 55  VAL n 
1 56  PRO n 
1 57  ASP n 
1 58  HIS n 
1 59  VAL n 
1 60  ASN n 
1 61  MET n 
1 62  SER n 
1 63  GLU n 
1 64  LEU n 
1 65  ILE n 
1 66  LYS n 
1 67  ILE n 
1 68  ILE n 
1 69  ARG n 
1 70  ARG n 
1 71  ARG n 
1 72  LEU n 
1 73  GLN n 
1 74  LEU n 
1 75  ASN n 
1 76  ALA n 
1 77  ASN n 
1 78  GLN n 
1 79  ALA n 
1 80  PHE n 
1 81  PHE n 
1 82  LEU n 
1 83  LEU n 
1 84  VAL n 
1 85  ASN n 
1 86  GLY n 
1 87  HIS n 
1 88  SER n 
1 89  MET n 
1 90  VAL n 
1 91  SER n 
1 92  VAL n 
1 93  SER n 
1 94  THR n 
1 95  PRO n 
1 96  ILE n 
1 97  SER n 
1 98  GLU n 
1 99  VAL n 
1 100 TYR n 
1 101 GLU n 
1 102 SER n 
1 103 GLU n 
1 104 LYS n 
1 105 ASP n 
1 106 GLU n 
1 107 ASP n 
1 108 GLY n 
1 109 PHE n 
1 110 LEU n 
1 111 TYR n 
1 112 MET n 
1 113 VAL n 
1 114 TYR n 
1 115 ALA n 
1 116 SER n 
1 117 GLN n 
1 118 GLU n 
1 119 THR n 
1 120 PHE n 
1 121 GLY n 
# 
_entity_src_gen.entity_id                          1 
_entity_src_gen.pdbx_src_id                        1 
_entity_src_gen.pdbx_alt_source_flag               sample 
_entity_src_gen.pdbx_seq_type                      'Biological sequence' 
_entity_src_gen.pdbx_beg_seq_num                   1 
_entity_src_gen.pdbx_end_seq_num                   121 
_entity_src_gen.gene_src_common_name               human 
_entity_src_gen.gene_src_genus                     ? 
_entity_src_gen.pdbx_gene_src_gene                 'MAP1LC3B, MAP1ALC3' 
_entity_src_gen.gene_src_species                   ? 
_entity_src_gen.gene_src_strain                    ? 
_entity_src_gen.gene_src_tissue                    ? 
_entity_src_gen.gene_src_tissue_fraction           ? 
_entity_src_gen.gene_src_details                   ? 
_entity_src_gen.pdbx_gene_src_fragment             ? 
_entity_src_gen.pdbx_gene_src_scientific_name      'Homo sapiens' 
_entity_src_gen.pdbx_gene_src_ncbi_taxonomy_id     9606 
_entity_src_gen.pdbx_gene_src_variant              ? 
_entity_src_gen.pdbx_gene_src_cell_line            ? 
_entity_src_gen.pdbx_gene_src_atcc                 ? 
_entity_src_gen.pdbx_gene_src_organ                ? 
_entity_src_gen.pdbx_gene_src_organelle            ? 
_entity_src_gen.pdbx_gene_src_cell                 ? 
_entity_src_gen.pdbx_gene_src_cellular_location    ? 
_entity_src_gen.host_org_common_name               ? 
_entity_src_gen.pdbx_host_org_scientific_name      'Escherichia coli' 
_entity_src_gen.pdbx_host_org_ncbi_taxonomy_id     562 
_entity_src_gen.host_org_genus                     ? 
_entity_src_gen.pdbx_host_org_gene                 ? 
_entity_src_gen.pdbx_host_org_organ                ? 
_entity_src_gen.host_org_species                   ? 
_entity_src_gen.pdbx_host_org_tissue               ? 
_entity_src_gen.pdbx_host_org_tissue_fraction      ? 
_entity_src_gen.pdbx_host_org_strain               ? 
_entity_src_gen.pdbx_host_org_variant              ? 
_entity_src_gen.pdbx_host_org_cell_line            ? 
_entity_src_gen.pdbx_host_org_atcc                 ? 
_entity_src_gen.pdbx_host_org_culture_collection   ? 
_entity_src_gen.pdbx_host_org_cell                 ? 
_entity_src_gen.pdbx_host_org_organelle            ? 
_entity_src_gen.pdbx_host_org_cellular_location    ? 
_entity_src_gen.pdbx_host_org_vector_type          ? 
_entity_src_gen.pdbx_host_org_vector               ? 
_entity_src_gen.host_org_details                   ? 
_entity_src_gen.expression_system_id               ? 
_entity_src_gen.plasmid_name                       ? 
_entity_src_gen.plasmid_details                    ? 
_entity_src_gen.pdbx_description                   ? 
# 
loop_
_chem_comp.id 
_chem_comp.type 
_chem_comp.mon_nstd_flag 
_chem_comp.name 
_chem_comp.pdbx_synonyms 
_chem_comp.formula 
_chem_comp.formula_weight 
ALA 'L-peptide linking' y ALANINE                                             ?                 'C3 H7 N O2'     89.093  
ARG 'L-peptide linking' y ARGININE                                            ?                 'C6 H15 N4 O2 1' 175.209 
ASN 'L-peptide linking' y ASPARAGINE                                          ?                 'C4 H8 N2 O3'    132.118 
ASP 'L-peptide linking' y 'ASPARTIC ACID'                                     ?                 'C4 H7 N O4'     133.103 
CL  non-polymer         . 'CHLORIDE ION'                                      ?                 'Cl -1'          35.453  
EDO non-polymer         . 1,2-ETHANEDIOL                                      'ETHYLENE GLYCOL' 'C2 H6 O2'       62.068  
GLN 'L-peptide linking' y GLUTAMINE                                           ?                 'C5 H10 N2 O3'   146.144 
GLU 'L-peptide linking' y 'GLUTAMIC ACID'                                     ?                 'C5 H9 N O4'     147.129 
GLY 'peptide linking'   y GLYCINE                                             ?                 'C2 H5 N O2'     75.067  
HIS 'L-peptide linking' y HISTIDINE                                           ?                 'C6 H10 N3 O2 1' 156.162 
HOH non-polymer         . WATER                                               ?                 'H2 O'           18.015  
ILE 'L-peptide linking' y ISOLEUCINE                                          ?                 'C6 H13 N O2'    131.173 
LEU 'L-peptide linking' y LEUCINE                                             ?                 'C6 H13 N O2'    131.173 
LYS 'L-peptide linking' y LYSINE                                              ?                 'C6 H15 N2 O2 1' 147.195 
MET 'L-peptide linking' y METHIONINE                                          ?                 'C5 H11 N O2 S'  149.211 
NUA non-polymer         . 'N-(1-ethyl-1H-pyrazol-4-yl)cyclobutanecarboxamide' ?                 'C10 H15 N3 O'   193.246 
PHE 'L-peptide linking' y PHENYLALANINE                                       ?                 'C9 H11 N O2'    165.189 
PRO 'L-peptide linking' y PROLINE                                             ?                 'C5 H9 N O2'     115.130 
SER 'L-peptide linking' y SERINE                                              ?                 'C3 H7 N O3'     105.093 
THR 'L-peptide linking' y THREONINE                                           ?                 'C4 H9 N O3'     119.119 
TYR 'L-peptide linking' y TYROSINE                                            ?                 'C9 H11 N O3'    181.189 
VAL 'L-peptide linking' y VALINE                                              ?                 'C5 H11 N O2'    117.146 
# 
loop_
_pdbx_poly_seq_scheme.asym_id 
_pdbx_poly_seq_scheme.entity_id 
_pdbx_poly_seq_scheme.seq_id 
_pdbx_poly_seq_scheme.mon_id 
_pdbx_poly_seq_scheme.ndb_seq_num 
_pdbx_poly_seq_scheme.pdb_seq_num 
_pdbx_poly_seq_scheme.auth_seq_num 
_pdbx_poly_seq_scheme.pdb_mon_id 
_pdbx_poly_seq_scheme.auth_mon_id 
_pdbx_poly_seq_scheme.pdb_strand_id 
_pdbx_poly_seq_scheme.pdb_ins_code 
_pdbx_poly_seq_scheme.hetero 
A 1 1   SER 1   0   ?   ?   ?   A . n 
A 1 2   MET 2   1   ?   ?   ?   A . n 
A 1 3   PRO 3   2   ?   ?   ?   A . n 
A 1 4   SER 4   3   ?   ?   ?   A . n 
A 1 5   GLU 5   4   ?   ?   ?   A . n 
A 1 6   LYS 6   5   5   LYS LYS A . n 
A 1 7   THR 7   6   6   THR THR A . n 
A 1 8   PHE 8   7   7   PHE PHE A . n 
A 1 9   LYS 9   8   8   LYS LYS A . n 
A 1 10  GLN 10  9   9   GLN GLN A . n 
A 1 11  ARG 11  10  10  ARG ARG A . n 
A 1 12  ARG 12  11  11  ARG ARG A . n 
A 1 13  THR 13  12  12  THR THR A . n 
A 1 14  PHE 14  13  13  PHE PHE A . n 
A 1 15  GLU 15  14  14  GLU GLU A . n 
A 1 16  GLN 16  15  15  GLN GLN A . n 
A 1 17  ARG 17  16  16  ARG ARG A . n 
A 1 18  VAL 18  17  17  VAL VAL A . n 
A 1 19  GLU 19  18  18  GLU GLU A . n 
A 1 20  ASP 20  19  19  ASP ASP A . n 
A 1 21  VAL 21  20  20  VAL VAL A . n 
A 1 22  ARG 22  21  21  ARG ARG A . n 
A 1 23  LEU 23  22  22  LEU LEU A . n 
A 1 24  ILE 24  23  23  ILE ILE A . n 
A 1 25  ARG 25  24  24  ARG ARG A . n 
A 1 26  GLU 26  25  25  GLU GLU A . n 
A 1 27  GLN 27  26  26  GLN GLN A . n 
A 1 28  HIS 28  27  27  HIS HIS A . n 
A 1 29  PRO 29  28  28  PRO PRO A . n 
A 1 30  THR 30  29  29  THR THR A . n 
A 1 31  LYS 31  30  30  LYS LYS A . n 
A 1 32  ILE 32  31  31  ILE ILE A . n 
A 1 33  PRO 33  32  32  PRO PRO A . n 
A 1 34  VAL 34  33  33  VAL VAL A . n 
A 1 35  ILE 35  34  34  ILE ILE A . n 
A 1 36  ILE 36  35  35  ILE ILE A . n 
A 1 37  GLU 37  36  36  GLU GLU A . n 
A 1 38  ARG 38  37  37  ARG ARG A . n 
A 1 39  TYR 39  38  38  TYR TYR A . n 
A 1 40  LYS 40  39  39  LYS LYS A . n 
A 1 41  GLY 41  40  40  GLY GLY A . n 
A 1 42  GLU 42  41  41  GLU GLU A . n 
A 1 43  LYS 43  42  42  LYS LYS A . n 
A 1 44  GLN 44  43  43  GLN GLN A . n 
A 1 45  LEU 45  44  44  LEU LEU A . n 
A 1 46  PRO 46  45  45  PRO PRO A . n 
A 1 47  VAL 47  46  46  VAL VAL A . n 
A 1 48  LEU 48  47  47  LEU LEU A . n 
A 1 49  ASP 49  48  48  ASP ASP A . n 
A 1 50  LYS 50  49  49  LYS LYS A . n 
A 1 51  THR 51  50  50  THR THR A . n 
A 1 52  LYS 52  51  51  LYS LYS A . n 
A 1 53  PHE 53  52  52  PHE PHE A . n 
A 1 54  LEU 54  53  53  LEU LEU A . n 
A 1 55  VAL 55  54  54  VAL VAL A . n 
A 1 56  PRO 56  55  55  PRO PRO A . n 
A 1 57  ASP 57  56  56  ASP ASP A . n 
A 1 58  HIS 58  57  57  HIS HIS A . n 
A 1 59  VAL 59  58  58  VAL VAL A . n 
A 1 60  ASN 60  59  59  ASN ASN A . n 
A 1 61  MET 61  60  60  MET MET A . n 
A 1 62  SER 62  61  61  SER SER A . n 
A 1 63  GLU 63  62  62  GLU GLU A . n 
A 1 64  LEU 64  63  63  LEU LEU A . n 
A 1 65  ILE 65  64  64  ILE ILE A . n 
A 1 66  LYS 66  65  65  LYS LYS A . n 
A 1 67  ILE 67  66  66  ILE ILE A . n 
A 1 68  ILE 68  67  67  ILE ILE A . n 
A 1 69  ARG 69  68  68  ARG ARG A . n 
A 1 70  ARG 70  69  69  ARG ARG A . n 
A 1 71  ARG 71  70  70  ARG ARG A . n 
A 1 72  LEU 72  71  71  LEU LEU A . n 
A 1 73  GLN 73  72  72  GLN GLN A . n 
A 1 74  LEU 74  73  73  LEU LEU A . n 
A 1 75  ASN 75  74  74  ASN ASN A . n 
A 1 76  ALA 76  75  75  ALA ALA A . n 
A 1 77  ASN 77  76  76  ASN ASN A . n 
A 1 78  GLN 78  77  77  GLN GLN A . n 
A 1 79  ALA 79  78  78  ALA ALA A . n 
A 1 80  PHE 80  79  79  PHE PHE A . n 
A 1 81  PHE 81  80  80  PHE PHE A . n 
A 1 82  LEU 82  81  81  LEU LEU A . n 
A 1 83  LEU 83  82  82  LEU LEU A . n 
A 1 84  VAL 84  83  83  VAL VAL A . n 
A 1 85  ASN 85  84  84  ASN ASN A . n 
A 1 86  GLY 86  85  85  GLY GLY A . n 
A 1 87  HIS 87  86  86  HIS HIS A . n 
A 1 88  SER 88  87  87  SER SER A . n 
A 1 89  MET 89  88  88  MET MET A . n 
A 1 90  VAL 90  89  89  VAL VAL A . n 
A 1 91  SER 91  90  90  SER SER A . n 
A 1 92  VAL 92  91  91  VAL VAL A . n 
A 1 93  SER 93  92  92  SER SER A . n 
A 1 94  THR 94  93  93  THR THR A . n 
A 1 95  PRO 95  94  94  PRO PRO A . n 
A 1 96  ILE 96  95  95  ILE ILE A . n 
A 1 97  SER 97  96  96  SER SER A . n 
A 1 98  GLU 98  97  97  GLU GLU A . n 
A 1 99  VAL 99  98  98  VAL VAL A . n 
A 1 100 TYR 100 99  99  TYR TYR A . n 
A 1 101 GLU 101 100 100 GLU GLU A . n 
A 1 102 SER 102 101 101 SER SER A . n 
A 1 103 GLU 103 102 102 GLU GLU A . n 
A 1 104 LYS 104 103 103 LYS LYS A . n 
A 1 105 ASP 105 104 104 ASP ASP A . n 
A 1 106 GLU 106 105 105 GLU GLU A . n 
A 1 107 ASP 107 106 106 ASP ASP A . n 
A 1 108 GLY 108 107 107 GLY GLY A . n 
A 1 109 PHE 109 108 108 PHE PHE A . n 
A 1 110 LEU 110 109 109 LEU LEU A . n 
A 1 111 TYR 111 110 110 TYR TYR A . n 
A 1 112 MET 112 111 111 MET MET A . n 
A 1 113 VAL 113 112 112 VAL VAL A . n 
A 1 114 TYR 114 113 113 TYR TYR A . n 
A 1 115 ALA 115 114 114 ALA ALA A . n 
A 1 116 SER 116 115 115 SER SER A . n 
A 1 117 GLN 117 116 116 GLN GLN A . n 
A 1 118 GLU 118 117 117 GLU GLU A . n 
A 1 119 THR 119 118 118 THR THR A . n 
A 1 120 PHE 120 119 119 PHE PHE A . n 
A 1 121 GLY 121 120 ?   ?   ?   A . n 
# 
_pdbx_entity_instance_feature.ordinal        1 
_pdbx_entity_instance_feature.comp_id        NUA 
_pdbx_entity_instance_feature.asym_id        ? 
_pdbx_entity_instance_feature.seq_num        ? 
_pdbx_entity_instance_feature.auth_comp_id   NUA 
_pdbx_entity_instance_feature.auth_asym_id   ? 
_pdbx_entity_instance_feature.auth_seq_num   ? 
_pdbx_entity_instance_feature.feature_type   'SUBJECT OF INVESTIGATION' 
_pdbx_entity_instance_feature.details        ? 
# 
loop_
_pdbx_nonpoly_scheme.asym_id 
_pdbx_nonpoly_scheme.entity_id 
_pdbx_nonpoly_scheme.mon_id 
_pdbx_nonpoly_scheme.ndb_seq_num 
_pdbx_nonpoly_scheme.pdb_seq_num 
_pdbx_nonpoly_scheme.auth_seq_num 
_pdbx_nonpoly_scheme.pdb_mon_id 
_pdbx_nonpoly_scheme.auth_mon_id 
_pdbx_nonpoly_scheme.pdb_strand_id 
_pdbx_nonpoly_scheme.pdb_ins_code 
B 2 NUA 1  201 201 NUA LIG A . 
C 3 EDO 1  202 105 EDO EDO A . 
D 3 EDO 1  203 107 EDO EDO A . 
E 3 EDO 1  204 108 EDO EDO A . 
F 3 EDO 1  205 109 EDO EDO A . 
G 3 EDO 1  206 110 EDO EDO A . 
H 3 EDO 1  207 111 EDO EDO A . 
I 3 EDO 1  208 112 EDO EDO A . 
J 3 EDO 1  209 113 EDO EDO A . 
K 4 CL  1  210 114 CL  CL  A . 
L 5 HOH 1  301 56  HOH HOH A . 
L 5 HOH 2  302 55  HOH HOH A . 
L 5 HOH 3  303 59  HOH HOH A . 
L 5 HOH 4  304 93  HOH HOH A . 
L 5 HOH 5  305 40  HOH HOH A . 
L 5 HOH 6  306 43  HOH HOH A . 
L 5 HOH 7  307 86  HOH HOH A . 
L 5 HOH 8  308 33  HOH HOH A . 
L 5 HOH 9  309 84  HOH HOH A . 
L 5 HOH 10 310 10  HOH HOH A . 
L 5 HOH 11 311 52  HOH HOH A . 
L 5 HOH 12 312 82  HOH HOH A . 
L 5 HOH 13 313 42  HOH HOH A . 
L 5 HOH 14 314 48  HOH HOH A . 
L 5 HOH 15 315 1   HOH HOH A . 
L 5 HOH 16 316 9   HOH HOH A . 
L 5 HOH 17 317 18  HOH HOH A . 
L 5 HOH 18 318 27  HOH HOH A . 
L 5 HOH 19 319 34  HOH HOH A . 
L 5 HOH 20 320 62  HOH HOH A . 
L 5 HOH 21 321 83  HOH HOH A . 
L 5 HOH 22 322 19  HOH HOH A . 
L 5 HOH 23 323 45  HOH HOH A . 
L 5 HOH 24 324 64  HOH HOH A . 
L 5 HOH 25 325 89  HOH HOH A . 
L 5 HOH 26 326 63  HOH HOH A . 
L 5 HOH 27 327 47  HOH HOH A . 
L 5 HOH 28 328 21  HOH HOH A . 
L 5 HOH 29 329 44  HOH HOH A . 
L 5 HOH 30 330 51  HOH HOH A . 
L 5 HOH 31 331 4   HOH HOH A . 
L 5 HOH 32 332 16  HOH HOH A . 
L 5 HOH 33 333 36  HOH HOH A . 
L 5 HOH 34 334 49  HOH HOH A . 
L 5 HOH 35 335 81  HOH HOH A . 
L 5 HOH 36 336 66  HOH HOH A . 
L 5 HOH 37 337 5   HOH HOH A . 
L 5 HOH 38 338 71  HOH HOH A . 
L 5 HOH 39 339 8   HOH HOH A . 
L 5 HOH 40 340 41  HOH HOH A . 
L 5 HOH 41 341 35  HOH HOH A . 
L 5 HOH 42 342 25  HOH HOH A . 
L 5 HOH 43 343 1   HOH HOH A . 
L 5 HOH 44 344 75  HOH HOH A . 
L 5 HOH 45 345 13  HOH HOH A . 
L 5 HOH 46 346 2   HOH HOH A . 
L 5 HOH 47 347 3   HOH HOH A . 
L 5 HOH 48 348 12  HOH HOH A . 
L 5 HOH 49 349 15  HOH HOH A . 
L 5 HOH 50 350 7   HOH HOH A . 
L 5 HOH 51 351 17  HOH HOH A . 
L 5 HOH 52 352 23  HOH HOH A . 
L 5 HOH 53 353 31  HOH HOH A . 
L 5 HOH 54 354 53  HOH HOH A . 
L 5 HOH 55 355 69  HOH HOH A . 
L 5 HOH 56 356 74  HOH HOH A . 
L 5 HOH 57 357 32  HOH HOH A . 
L 5 HOH 58 358 73  HOH HOH A . 
L 5 HOH 59 359 20  HOH HOH A . 
L 5 HOH 60 360 77  HOH HOH A . 
L 5 HOH 61 361 11  HOH HOH A . 
L 5 HOH 62 362 37  HOH HOH A . 
L 5 HOH 63 363 6   HOH HOH A . 
L 5 HOH 64 364 79  HOH HOH A . 
L 5 HOH 65 365 72  HOH HOH A . 
L 5 HOH 66 366 87  HOH HOH A . 
L 5 HOH 67 367 92  HOH HOH A . 
L 5 HOH 68 368 57  HOH HOH A . 
L 5 HOH 69 369 14  HOH HOH A . 
L 5 HOH 70 370 91  HOH HOH A . 
L 5 HOH 71 371 24  HOH HOH A . 
L 5 HOH 72 372 90  HOH HOH A . 
L 5 HOH 73 373 60  HOH HOH A . 
L 5 HOH 74 374 46  HOH HOH A . 
L 5 HOH 75 375 78  HOH HOH A . 
L 5 HOH 76 376 67  HOH HOH A . 
L 5 HOH 77 377 30  HOH HOH A . 
L 5 HOH 78 378 80  HOH HOH A . 
L 5 HOH 79 379 76  HOH HOH A . 
L 5 HOH 80 380 68  HOH HOH A . 
L 5 HOH 81 381 39  HOH HOH A . 
L 5 HOH 82 382 85  HOH HOH A . 
L 5 HOH 83 383 88  HOH HOH A . 
L 5 HOH 84 384 28  HOH HOH A . 
L 5 HOH 85 385 61  HOH HOH A . 
L 5 HOH 86 386 94  HOH HOH A . 
L 5 HOH 87 387 29  HOH HOH A . 
L 5 HOH 88 388 26  HOH HOH A . 
L 5 HOH 89 389 54  HOH HOH A . 
L 5 HOH 90 390 65  HOH HOH A . 
L 5 HOH 91 391 50  HOH HOH A . 
# 
loop_
_pdbx_unobs_or_zero_occ_atoms.id 
_pdbx_unobs_or_zero_occ_atoms.PDB_model_num 
_pdbx_unobs_or_zero_occ_atoms.polymer_flag 
_pdbx_unobs_or_zero_occ_atoms.occupancy_flag 
_pdbx_unobs_or_zero_occ_atoms.auth_asym_id 
_pdbx_unobs_or_zero_occ_atoms.auth_comp_id 
_pdbx_unobs_or_zero_occ_atoms.auth_seq_id 
_pdbx_unobs_or_zero_occ_atoms.PDB_ins_code 
_pdbx_unobs_or_zero_occ_atoms.auth_atom_id 
_pdbx_unobs_or_zero_occ_atoms.label_alt_id 
_pdbx_unobs_or_zero_occ_atoms.label_asym_id 
_pdbx_unobs_or_zero_occ_atoms.label_comp_id 
_pdbx_unobs_or_zero_occ_atoms.label_seq_id 
_pdbx_unobs_or_zero_occ_atoms.label_atom_id 
1 1 Y 1 A GLN 116 ? CG  ? A GLN 117 CG  
2 1 Y 1 A GLN 116 ? CD  ? A GLN 117 CD  
3 1 Y 1 A GLN 116 ? OE1 ? A GLN 117 OE1 
4 1 Y 1 A GLN 116 ? NE2 ? A GLN 117 NE2 
5 1 Y 1 A THR 118 ? OG1 ? A THR 119 OG1 
6 1 Y 1 A THR 118 ? CG2 ? A THR 119 CG2 
# 
loop_
_software.pdbx_ordinal 
_software.name 
_software.version 
_software.date 
_software.type 
_software.contact_author 
_software.contact_author_email 
_software.classification 
_software.location 
_software.language 
_software.citation_id 
1 REFMAC      5.8.0267 ?               program 'Garib N. Murshudov' garib@ysbl.york.ac.uk    refinement        
http://www.ccp4.ac.uk/dist/html/refmac5.html        Fortran_77 ? 
2 Aimless     0.7.7    23/04/21        program 'Phil Evans'         ?                        'data scaling'    
http://www.mrc-lmb.cam.ac.uk/harry/pre/aimless.html ?          ? 
3 PDB_EXTRACT 3.23     'SEP. 23, 2016' package PDB                  deposit@deposit.rcsb.org 'data extraction' 
http://sw-tools.pdb.org/apps/PDB_EXTRACT/           C++        ? 
4 XDS         .        ?               program ?                    ?                        'data reduction'  ? ?          ? 
5 REFMAC      .        ?               program ?                    ?                        phasing           ? ?          ? 
# 
_cell.entry_id           7GAM 
_cell.length_a           60.681 
_cell.length_b           60.681 
_cell.length_c           35.614 
_cell.angle_alpha        90.000 
_cell.angle_beta         90.000 
_cell.angle_gamma        90.000 
_cell.Z_PDB              4 
_cell.pdbx_unique_axis   ? 
# 
_symmetry.entry_id                         7GAM 
_symmetry.space_group_name_H-M             'P 43' 
_symmetry.pdbx_full_space_group_name_H-M   ? 
_symmetry.cell_setting                     ? 
_symmetry.Int_Tables_number                78 
# 
_exptl.crystals_number   1 
_exptl.entry_id          7GAM 
_exptl.method            'X-RAY DIFFRACTION' 
# 
_exptl_crystal.id                    1 
_exptl_crystal.pdbx_mosaicity        0.000 
_exptl_crystal.pdbx_mosaicity_esd    ? 
_exptl_crystal.density_Matthews      2.22 
_exptl_crystal.density_diffrn        ? 
_exptl_crystal.density_meas          ? 
_exptl_crystal.density_meas_temp     ? 
_exptl_crystal.density_percent_sol   44.48 
_exptl_crystal.size_max              ? 
_exptl_crystal.size_mid              ? 
_exptl_crystal.size_min              ? 
_exptl_crystal.size_rad              ? 
_exptl_crystal.description           ? 
# 
_exptl_crystal_grow.crystal_id      1 
_exptl_crystal_grow.method          'VAPOR DIFFUSION, SITTING DROP' 
_exptl_crystal_grow.pH              4.7 
_exptl_crystal_grow.temp            293 
_exptl_crystal_grow.pdbx_details    '36% PEG 8000, 0.1M acetate pH 4.7' 
_exptl_crystal_grow.temp_details    ? 
_exptl_crystal_grow.pdbx_pH_range   ? 
# 
_diffrn.id                     1 
_diffrn.ambient_temp           100 
_diffrn.crystal_id             1 
_diffrn.ambient_temp_details   ? 
# 
_diffrn_detector.detector               PIXEL 
_diffrn_detector.type                   'DECTRIS PILATUS 6M' 
_diffrn_detector.pdbx_collection_date   2023-02-09 
_diffrn_detector.diffrn_id              1 
_diffrn_detector.details                ? 
# 
_diffrn_radiation.diffrn_id                        1 
_diffrn_radiation.wavelength_id                    1 
_diffrn_radiation.pdbx_diffrn_protocol             'SINGLE WAVELENGTH' 
_diffrn_radiation.pdbx_monochromatic_or_laue_m_l   ? 
_diffrn_radiation.monochromator                    ? 
_diffrn_radiation.pdbx_scattering_type             x-ray 
# 
_diffrn_radiation_wavelength.id           1 
_diffrn_radiation_wavelength.wavelength   0.92124 
_diffrn_radiation_wavelength.wt           1.0 
# 
_diffrn_source.diffrn_id                   1 
_diffrn_source.source                      SYNCHROTRON 
_diffrn_source.type                        'DIAMOND BEAMLINE I04-1' 
_diffrn_source.pdbx_wavelength_list        0.92124 
_diffrn_source.pdbx_synchrotron_site       Diamond 
_diffrn_source.pdbx_synchrotron_beamline   I04-1 
_diffrn_source.pdbx_wavelength             ? 
# 
_reflns.entry_id                     7GAM 
_reflns.pdbx_diffrn_id               1 
_reflns.pdbx_ordinal                 1 
_reflns.observed_criterion_sigma_I   ? 
_reflns.observed_criterion_sigma_F   ? 
_reflns.d_resolution_low             60.670 
_reflns.d_resolution_high            1.750 
_reflns.number_obs                   13277 
_reflns.number_all                   ? 
_reflns.percent_possible_obs         99.900 
_reflns.pdbx_Rmerge_I_obs            0.068 
_reflns.pdbx_Rsym_value              ? 
_reflns.pdbx_netI_over_sigmaI        14.300 
_reflns.B_iso_Wilson_estimate        ? 
_reflns.pdbx_redundancy              13.600 
_reflns.pdbx_Rrim_I_all              0.071 
_reflns.pdbx_Rpim_I_all              0.019 
_reflns.pdbx_CC_half                 0.999 
_reflns.pdbx_netI_over_av_sigmaI     ? 
_reflns.pdbx_number_measured_all     180563 
_reflns.pdbx_scaling_rejects         0 
_reflns.pdbx_chi_squared             ? 
_reflns.Rmerge_F_all                 ? 
_reflns.Rmerge_F_obs                 ? 
_reflns.observed_criterion_F_max     ? 
_reflns.observed_criterion_F_min     ? 
_reflns.observed_criterion_I_max     ? 
_reflns.observed_criterion_I_min     ? 
_reflns.pdbx_d_res_high_opt          ? 
_reflns.pdbx_d_res_low_opt           ? 
_reflns.details                      ? 
_reflns.pdbx_CC_star                 ? 
# 
loop_
_reflns_shell.pdbx_diffrn_id 
_reflns_shell.pdbx_ordinal 
_reflns_shell.d_res_high 
_reflns_shell.d_res_low 
_reflns_shell.number_measured_obs 
_reflns_shell.number_measured_all 
_reflns_shell.number_unique_obs 
_reflns_shell.pdbx_rejects 
_reflns_shell.Rmerge_I_obs 
_reflns_shell.meanI_over_sigI_obs 
_reflns_shell.pdbx_Rsym_value 
_reflns_shell.pdbx_chi_squared 
_reflns_shell.pdbx_redundancy 
_reflns_shell.percent_possible_obs 
_reflns_shell.pdbx_netI_over_sigmaI_obs 
_reflns_shell.number_possible 
_reflns_shell.number_unique_all 
_reflns_shell.Rmerge_F_all 
_reflns_shell.Rmerge_F_obs 
_reflns_shell.Rmerge_I_all 
_reflns_shell.meanI_over_sigI_all 
_reflns_shell.percent_possible_all 
_reflns_shell.pdbx_Rrim_I_all 
_reflns_shell.pdbx_Rpim_I_all 
_reflns_shell.pdbx_CC_half 
_reflns_shell.pdbx_CC_star 
1 1 1.750 1.780  ? 9230 723 ? 2.668 ? ? ? 12.800 ? 0.400  ? ? ? ? ? ? 98.300 2.780 0.774 0.408 ? 
1 2 9.100 60.670 ? 1150 111 ? 0.062 ? ? ? 10.400 ? 51.500 ? ? ? ? ? ? 99.700 0.066 0.020 0.998 ? 
# 
_refine.entry_id                                 7GAM 
_refine.pdbx_refine_id                           'X-RAY DIFFRACTION' 
_refine.ls_d_res_high                            1.7500 
_refine.ls_d_res_low                             60.6800 
_refine.pdbx_ls_sigma_F                          0.000 
_refine.pdbx_data_cutoff_high_absF               ? 
_refine.pdbx_data_cutoff_low_absF                ? 
_refine.ls_percent_reflns_obs                    99.2400 
_refine.ls_number_reflns_obs                     12594 
_refine.ls_number_reflns_all                     ? 
_refine.pdbx_ls_cross_valid_method               THROUGHOUT 
_refine.ls_matrix_type                           ? 
_refine.pdbx_R_Free_selection_details            RANDOM 
_refine.details                                  
'HYDROGENS HAVE BEEN ADDED IN THE RIDING POSITIONS U VALUES      : REFINED INDIVIDUALLY' 
_refine.ls_R_factor_all                          ? 
_refine.ls_R_factor_obs                          0.1981 
_refine.ls_R_factor_R_work                       0.1966 
_refine.ls_wR_factor_R_work                      ? 
_refine.ls_R_factor_R_free                       0.2344 
_refine.ls_wR_factor_R_free                      ? 
_refine.ls_percent_reflns_R_free                 4.4000 
_refine.ls_number_reflns_R_free                  583 
_refine.ls_number_reflns_R_work                  ? 
_refine.ls_R_factor_R_free_error                 ? 
_refine.B_iso_mean                               48.7750 
_refine.solvent_model_param_bsol                 ? 
_refine.solvent_model_param_ksol                 ? 
_refine.pdbx_isotropic_thermal_model             ? 
_refine.aniso_B[1][1]                            -0.5900 
_refine.aniso_B[2][2]                            -0.5900 
_refine.aniso_B[3][3]                            1.1900 
_refine.aniso_B[1][2]                            0.0000 
_refine.aniso_B[1][3]                            0.0000 
_refine.aniso_B[2][3]                            0.0000 
_refine.correlation_coeff_Fo_to_Fc               0.9690 
_refine.correlation_coeff_Fo_to_Fc_free          0.9560 
_refine.overall_SU_R_Cruickshank_DPI             ? 
_refine.pdbx_overall_SU_R_free_Cruickshank_DPI   ? 
_refine.pdbx_overall_SU_R_Blow_DPI               ? 
_refine.pdbx_overall_SU_R_free_Blow_DPI          ? 
_refine.overall_SU_R_free                        ? 
_refine.pdbx_overall_ESU_R                       0.1460 
_refine.pdbx_overall_ESU_R_Free                  0.1340 
_refine.overall_SU_ML                            0.1590 
_refine.overall_SU_B                             5.6510 
_refine.solvent_model_details                    MASK 
_refine.pdbx_solvent_vdw_probe_radii             1.2000 
_refine.pdbx_solvent_ion_probe_radii             0.8000 
_refine.pdbx_solvent_shrinkage_radii             0.8000 
_refine.ls_number_parameters                     ? 
_refine.ls_number_restraints                     ? 
_refine.pdbx_starting_model                      8Q53 
_refine.pdbx_method_to_determine_struct          'FOURIER SYNTHESIS' 
_refine.pdbx_stereochemistry_target_values       'MAXIMUM LIKELIHOOD' 
_refine.pdbx_stereochem_target_val_spec_case     ? 
_refine.overall_FOM_work_R_set                   ? 
_refine.B_iso_max                                143.020 
_refine.B_iso_min                                25.950 
_refine.pdbx_overall_phase_error                 ? 
_refine.occupancy_max                            ? 
_refine.occupancy_min                            ? 
_refine.pdbx_diffrn_id                           1 
_refine.pdbx_TLS_residual_ADP_flag               ? 
_refine.pdbx_ls_sigma_I                          ? 
_refine.pdbx_data_cutoff_high_rms_absF           ? 
_refine.ls_R_factor_R_free_error_details         ? 
# 
_refine_hist.cycle_id                         final 
_refine_hist.pdbx_refine_id                   'X-RAY DIFFRACTION' 
_refine_hist.d_res_high                       1.7500 
_refine_hist.d_res_low                        60.6800 
_refine_hist.pdbx_number_atoms_ligand         47 
_refine_hist.number_atoms_solvent             91 
_refine_hist.number_atoms_total               1092 
_refine_hist.pdbx_number_residues_total       113 
_refine_hist.pdbx_B_iso_mean_ligand           72.53 
_refine_hist.pdbx_B_iso_mean_solvent          60.67 
_refine_hist.pdbx_number_atoms_protein        954 
_refine_hist.pdbx_number_atoms_nucleic_acid   0 
# 
loop_
_refine_ls_restr.pdbx_refine_id 
_refine_ls_restr.type 
_refine_ls_restr.number 
_refine_ls_restr.dev_ideal 
_refine_ls_restr.dev_ideal_target 
_refine_ls_restr.weight 
_refine_ls_restr.pdbx_restraint_function 
'X-RAY DIFFRACTION' r_bond_refined_d       1356 0.010  0.014  ? ? 
'X-RAY DIFFRACTION' r_bond_other_d         1228 0.001  0.014  ? ? 
'X-RAY DIFFRACTION' r_angle_refined_deg    1656 1.626  1.673  ? ? 
'X-RAY DIFFRACTION' r_angle_other_deg      2798 1.268  1.588  ? ? 
'X-RAY DIFFRACTION' r_dihedral_angle_1_deg 156  6.475  5.000  ? ? 
'X-RAY DIFFRACTION' r_dihedral_angle_2_deg 70   28.952 19.429 ? ? 
'X-RAY DIFFRACTION' r_dihedral_angle_3_deg 224  14.792 15.000 ? ? 
'X-RAY DIFFRACTION' r_dihedral_angle_4_deg 15   24.930 15.000 ? ? 
'X-RAY DIFFRACTION' r_chiral_restr         154  0.082  0.200  ? ? 
'X-RAY DIFFRACTION' r_gen_planes_refined   1423 0.008  0.020  ? ? 
'X-RAY DIFFRACTION' r_gen_planes_other     309  0.001  0.020  ? ? 
'X-RAY DIFFRACTION' r_mcbond_it            625  4.299  4.673  ? ? 
'X-RAY DIFFRACTION' r_mcbond_other         619  4.229  4.660  ? ? 
'X-RAY DIFFRACTION' r_mcangle_it           740  5.797  6.984  ? ? 
# 
_refine_ls_shell.d_res_high                       1.7510 
_refine_ls_shell.d_res_low                        1.7960 
_refine_ls_shell.pdbx_total_number_of_bins_used   20 
_refine_ls_shell.percent_reflns_obs               92.6200 
_refine_ls_shell.number_reflns_R_work             852 
_refine_ls_shell.R_factor_all                     ? 
_refine_ls_shell.R_factor_R_work                  0.3910 
_refine_ls_shell.R_factor_R_free                  0.4110 
_refine_ls_shell.percent_reflns_R_free            ? 
_refine_ls_shell.number_reflns_R_free             51 
_refine_ls_shell.R_factor_R_free_error            ? 
_refine_ls_shell.number_reflns_all                903 
_refine_ls_shell.number_reflns_obs                ? 
_refine_ls_shell.pdbx_refine_id                   'X-RAY DIFFRACTION' 
_refine_ls_shell.R_factor_obs                     ? 
# 
_struct.entry_id                  7GAM 
_struct.title                     'PanDDA analysis group deposition -- Crystal Structure of MAP1LC3B in complex with Z373768900' 
_struct.pdbx_model_details        ? 
_struct.pdbx_CASP_flag            ? 
_struct.pdbx_model_type_details   ? 
# 
_struct_keywords.entry_id        7GAM 
_struct_keywords.text            'SGC - Diamond I04-1 fragment screening, PanDDA, XChemExplorer, STRUCTURAL PROTEIN' 
_struct_keywords.pdbx_keywords   'STRUCTURAL PROTEIN' 
# 
loop_
_struct_asym.id 
_struct_asym.pdbx_blank_PDB_chainid_flag 
_struct_asym.pdbx_modified 
_struct_asym.entity_id 
_struct_asym.details 
A N N 1 ? 
B N N 2 ? 
C N N 3 ? 
D N N 3 ? 
E N N 3 ? 
F N N 3 ? 
G N N 3 ? 
H N N 3 ? 
I N N 3 ? 
J N N 3 ? 
K N N 4 ? 
L N N 5 ? 
# 
_struct_ref.id                         1 
_struct_ref.db_name                    UNP 
_struct_ref.db_code                    MLP3B_HUMAN 
_struct_ref.pdbx_db_accession          Q9GZQ8 
_struct_ref.pdbx_db_isoform            ? 
_struct_ref.entity_id                  1 
_struct_ref.pdbx_seq_one_letter_code   
;MPSEKTFKQRRTFEQRVEDVRLIREQHPTKIPVIIERYKGEKQLPVLDKTKFLVPDHVNMSELIKIIRRRLQLNANQAFF
LLVNGHSMVSVSTPISEVYESEKDEDGFLYMVYASQETFG
;
_struct_ref.pdbx_align_begin           1 
# 
_struct_ref_seq.align_id                      1 
_struct_ref_seq.ref_id                        1 
_struct_ref_seq.pdbx_PDB_id_code              7GAM 
_struct_ref_seq.pdbx_strand_id                A 
_struct_ref_seq.seq_align_beg                 2 
_struct_ref_seq.pdbx_seq_align_beg_ins_code   ? 
_struct_ref_seq.seq_align_end                 121 
_struct_ref_seq.pdbx_seq_align_end_ins_code   ? 
_struct_ref_seq.pdbx_db_accession             Q9GZQ8 
_struct_ref_seq.db_align_beg                  1 
_struct_ref_seq.pdbx_db_align_beg_ins_code    ? 
_struct_ref_seq.db_align_end                  120 
_struct_ref_seq.pdbx_db_align_end_ins_code    ? 
_struct_ref_seq.pdbx_auth_seq_align_beg       1 
_struct_ref_seq.pdbx_auth_seq_align_end       120 
# 
_struct_ref_seq_dif.align_id                     1 
_struct_ref_seq_dif.pdbx_pdb_id_code             7GAM 
_struct_ref_seq_dif.mon_id                       SER 
_struct_ref_seq_dif.pdbx_pdb_strand_id           A 
_struct_ref_seq_dif.seq_num                      1 
_struct_ref_seq_dif.pdbx_pdb_ins_code            ? 
_struct_ref_seq_dif.pdbx_seq_db_name             UNP 
_struct_ref_seq_dif.pdbx_seq_db_accession_code   Q9GZQ8 
_struct_ref_seq_dif.db_mon_id                    ? 
_struct_ref_seq_dif.pdbx_seq_db_seq_num          ? 
_struct_ref_seq_dif.details                      'expression tag' 
_struct_ref_seq_dif.pdbx_auth_seq_num            0 
_struct_ref_seq_dif.pdbx_ordinal                 1 
# 
_pdbx_struct_assembly.id                   1 
_pdbx_struct_assembly.details              author_and_software_defined_assembly 
_pdbx_struct_assembly.method_details       PISA 
_pdbx_struct_assembly.oligomeric_details   monomeric 
_pdbx_struct_assembly.oligomeric_count     1 
# 
_pdbx_struct_assembly_gen.assembly_id       1 
_pdbx_struct_assembly_gen.oper_expression   1 
_pdbx_struct_assembly_gen.asym_id_list      A,B,C,D,E,F,G,H,I,J,K,L 
# 
_pdbx_struct_oper_list.id                   1 
_pdbx_struct_oper_list.type                 'identity operation' 
_pdbx_struct_oper_list.name                 1_555 
_pdbx_struct_oper_list.symmetry_operation   x,y,z 
_pdbx_struct_oper_list.matrix[1][1]         1.0000000000 
_pdbx_struct_oper_list.matrix[1][2]         0.0000000000 
_pdbx_struct_oper_list.matrix[1][3]         0.0000000000 
_pdbx_struct_oper_list.vector[1]            0.0000000000 
_pdbx_struct_oper_list.matrix[2][1]         0.0000000000 
_pdbx_struct_oper_list.matrix[2][2]         1.0000000000 
_pdbx_struct_oper_list.matrix[2][3]         0.0000000000 
_pdbx_struct_oper_list.vector[2]            0.0000000000 
_pdbx_struct_oper_list.matrix[3][1]         0.0000000000 
_pdbx_struct_oper_list.matrix[3][2]         0.0000000000 
_pdbx_struct_oper_list.matrix[3][3]         1.0000000000 
_pdbx_struct_oper_list.vector[3]            0.0000000000 
# 
loop_
_struct_conf.conf_type_id 
_struct_conf.id 
_struct_conf.pdbx_PDB_helix_id 
_struct_conf.beg_label_comp_id 
_struct_conf.beg_label_asym_id 
_struct_conf.beg_label_seq_id 
_struct_conf.pdbx_beg_PDB_ins_code 
_struct_conf.end_label_comp_id 
_struct_conf.end_label_asym_id 
_struct_conf.end_label_seq_id 
_struct_conf.pdbx_end_PDB_ins_code 
_struct_conf.beg_auth_comp_id 
_struct_conf.beg_auth_asym_id 
_struct_conf.beg_auth_seq_id 
_struct_conf.end_auth_comp_id 
_struct_conf.end_auth_asym_id 
_struct_conf.end_auth_seq_id 
_struct_conf.pdbx_PDB_helix_class 
_struct_conf.details 
_struct_conf.pdbx_PDB_helix_length 
HELX_P HELX_P1 AA1 THR A 7  ? ARG A 12  ? THR A 6  ARG A 11  1 ? 6  
HELX_P HELX_P2 AA2 THR A 13 ? HIS A 28  ? THR A 12 HIS A 27  1 ? 16 
HELX_P HELX_P3 AA3 ASN A 60 ? GLN A 73  ? ASN A 59 GLN A 72  1 ? 14 
HELX_P HELX_P4 AA4 PRO A 95 ? LYS A 104 ? PRO A 94 LYS A 103 1 ? 10 
# 
_struct_conf_type.id          HELX_P 
_struct_conf_type.criteria    ? 
_struct_conf_type.reference   ? 
# 
_struct_sheet.id               AA1 
_struct_sheet.type             ? 
_struct_sheet.number_strands   4 
_struct_sheet.details          ? 
# 
loop_
_struct_sheet_order.sheet_id 
_struct_sheet_order.range_id_1 
_struct_sheet_order.range_id_2 
_struct_sheet_order.offset 
_struct_sheet_order.sense 
AA1 1 2 ? anti-parallel 
AA1 2 3 ? parallel      
AA1 3 4 ? anti-parallel 
# 
loop_
_struct_sheet_range.sheet_id 
_struct_sheet_range.id 
_struct_sheet_range.beg_label_comp_id 
_struct_sheet_range.beg_label_asym_id 
_struct_sheet_range.beg_label_seq_id 
_struct_sheet_range.pdbx_beg_PDB_ins_code 
_struct_sheet_range.end_label_comp_id 
_struct_sheet_range.end_label_asym_id 
_struct_sheet_range.end_label_seq_id 
_struct_sheet_range.pdbx_end_PDB_ins_code 
_struct_sheet_range.beg_auth_comp_id 
_struct_sheet_range.beg_auth_asym_id 
_struct_sheet_range.beg_auth_seq_id 
_struct_sheet_range.end_auth_comp_id 
_struct_sheet_range.end_auth_asym_id 
_struct_sheet_range.end_auth_seq_id 
AA1 1 LYS A 52  ? PRO A 56  ? LYS A 51  PRO A 55  
AA1 2 LYS A 31  ? ARG A 38  ? LYS A 30  ARG A 37  
AA1 3 LEU A 110 ? ALA A 115 ? LEU A 109 ALA A 114 
AA1 4 PHE A 81  ? VAL A 84  ? PHE A 80  VAL A 83  
# 
loop_
_pdbx_struct_sheet_hbond.sheet_id 
_pdbx_struct_sheet_hbond.range_id_1 
_pdbx_struct_sheet_hbond.range_id_2 
_pdbx_struct_sheet_hbond.range_1_label_atom_id 
_pdbx_struct_sheet_hbond.range_1_label_comp_id 
_pdbx_struct_sheet_hbond.range_1_label_asym_id 
_pdbx_struct_sheet_hbond.range_1_label_seq_id 
_pdbx_struct_sheet_hbond.range_1_PDB_ins_code 
_pdbx_struct_sheet_hbond.range_1_auth_atom_id 
_pdbx_struct_sheet_hbond.range_1_auth_comp_id 
_pdbx_struct_sheet_hbond.range_1_auth_asym_id 
_pdbx_struct_sheet_hbond.range_1_auth_seq_id 
_pdbx_struct_sheet_hbond.range_2_label_atom_id 
_pdbx_struct_sheet_hbond.range_2_label_comp_id 
_pdbx_struct_sheet_hbond.range_2_label_asym_id 
_pdbx_struct_sheet_hbond.range_2_label_seq_id 
_pdbx_struct_sheet_hbond.range_2_PDB_ins_code 
_pdbx_struct_sheet_hbond.range_2_auth_atom_id 
_pdbx_struct_sheet_hbond.range_2_auth_comp_id 
_pdbx_struct_sheet_hbond.range_2_auth_asym_id 
_pdbx_struct_sheet_hbond.range_2_auth_seq_id 
AA1 1 2 O PHE A 53  ? O PHE A 52  N VAL A 34  ? N VAL A 33  
AA1 2 3 N ILE A 35  ? N ILE A 34  O LEU A 110 ? O LEU A 109 
AA1 3 4 O VAL A 113 ? O VAL A 112 N LEU A 83  ? N LEU A 82  
# 
_pdbx_entry_details.entry_id                   7GAM 
_pdbx_entry_details.compound_details           ? 
_pdbx_entry_details.source_details             ? 
_pdbx_entry_details.nonpolymer_details         ? 
_pdbx_entry_details.sequence_details           ? 
_pdbx_entry_details.has_ligand_of_interest     Y 
_pdbx_entry_details.has_protein_modification   ? 
# 
loop_
_pdbx_validate_close_contact.id 
_pdbx_validate_close_contact.PDB_model_num 
_pdbx_validate_close_contact.auth_atom_id_1 
_pdbx_validate_close_contact.auth_asym_id_1 
_pdbx_validate_close_contact.auth_comp_id_1 
_pdbx_validate_close_contact.auth_seq_id_1 
_pdbx_validate_close_contact.PDB_ins_code_1 
_pdbx_validate_close_contact.label_alt_id_1 
_pdbx_validate_close_contact.auth_atom_id_2 
_pdbx_validate_close_contact.auth_asym_id_2 
_pdbx_validate_close_contact.auth_comp_id_2 
_pdbx_validate_close_contact.auth_seq_id_2 
_pdbx_validate_close_contact.PDB_ins_code_2 
_pdbx_validate_close_contact.label_alt_id_2 
_pdbx_validate_close_contact.dist 
1 1 OG1 A THR 6   ? ? O A HOH 301 ? ? 1.51 
2 1 O   A ASP 56  ? ? O A HOH 302 ? ? 2.01 
3 1 O   A HOH 373 ? ? O A HOH 385 ? ? 2.03 
4 1 O   A HOH 333 ? ? O A HOH 377 ? ? 2.16 
# 
_pdbx_validate_symm_contact.id                1 
_pdbx_validate_symm_contact.PDB_model_num     1 
_pdbx_validate_symm_contact.auth_atom_id_1    O 
_pdbx_validate_symm_contact.auth_asym_id_1    A 
_pdbx_validate_symm_contact.auth_comp_id_1    HOH 
_pdbx_validate_symm_contact.auth_seq_id_1     338 
_pdbx_validate_symm_contact.PDB_ins_code_1    ? 
_pdbx_validate_symm_contact.label_alt_id_1    ? 
_pdbx_validate_symm_contact.site_symmetry_1   1_555 
_pdbx_validate_symm_contact.auth_atom_id_2    O 
_pdbx_validate_symm_contact.auth_asym_id_2    A 
_pdbx_validate_symm_contact.auth_comp_id_2    HOH 
_pdbx_validate_symm_contact.auth_seq_id_2     355 
_pdbx_validate_symm_contact.PDB_ins_code_2    ? 
_pdbx_validate_symm_contact.label_alt_id_2    ? 
_pdbx_validate_symm_contact.site_symmetry_2   4_655 
_pdbx_validate_symm_contact.dist              2.16 
# 
_phasing.method   MR 
# 
loop_
_pdbx_unobs_or_zero_occ_residues.id 
_pdbx_unobs_or_zero_occ_residues.PDB_model_num 
_pdbx_unobs_or_zero_occ_residues.polymer_flag 
_pdbx_unobs_or_zero_occ_residues.occupancy_flag 
_pdbx_unobs_or_zero_occ_residues.auth_asym_id 
_pdbx_unobs_or_zero_occ_residues.auth_comp_id 
_pdbx_unobs_or_zero_occ_residues.auth_seq_id 
_pdbx_unobs_or_zero_occ_residues.PDB_ins_code 
_pdbx_unobs_or_zero_occ_residues.label_asym_id 
_pdbx_unobs_or_zero_occ_residues.label_comp_id 
_pdbx_unobs_or_zero_occ_residues.label_seq_id 
1 1 Y 1 A SER 0   ? A SER 1   
2 1 Y 1 A MET 1   ? A MET 2   
3 1 Y 1 A PRO 2   ? A PRO 3   
4 1 Y 1 A SER 3   ? A SER 4   
5 1 Y 1 A GLU 4   ? A GLU 5   
6 1 Y 1 A GLY 120 ? A GLY 121 
# 
loop_
_chem_comp_atom.comp_id 
_chem_comp_atom.atom_id 
_chem_comp_atom.type_symbol 
_chem_comp_atom.pdbx_aromatic_flag 
_chem_comp_atom.pdbx_stereo_config 
_chem_comp_atom.pdbx_ordinal 
ALA N    N  N N 1   
ALA CA   C  N S 2   
ALA C    C  N N 3   
ALA O    O  N N 4   
ALA CB   C  N N 5   
ALA OXT  O  N N 6   
ALA H    H  N N 7   
ALA H2   H  N N 8   
ALA HA   H  N N 9   
ALA HB1  H  N N 10  
ALA HB2  H  N N 11  
ALA HB3  H  N N 12  
ALA HXT  H  N N 13  
ARG N    N  N N 14  
ARG CA   C  N S 15  
ARG C    C  N N 16  
ARG O    O  N N 17  
ARG CB   C  N N 18  
ARG CG   C  N N 19  
ARG CD   C  N N 20  
ARG NE   N  N N 21  
ARG CZ   C  N N 22  
ARG NH1  N  N N 23  
ARG NH2  N  N N 24  
ARG OXT  O  N N 25  
ARG H    H  N N 26  
ARG H2   H  N N 27  
ARG HA   H  N N 28  
ARG HB2  H  N N 29  
ARG HB3  H  N N 30  
ARG HG2  H  N N 31  
ARG HG3  H  N N 32  
ARG HD2  H  N N 33  
ARG HD3  H  N N 34  
ARG HE   H  N N 35  
ARG HH11 H  N N 36  
ARG HH12 H  N N 37  
ARG HH21 H  N N 38  
ARG HH22 H  N N 39  
ARG HXT  H  N N 40  
ASN N    N  N N 41  
ASN CA   C  N S 42  
ASN C    C  N N 43  
ASN O    O  N N 44  
ASN CB   C  N N 45  
ASN CG   C  N N 46  
ASN OD1  O  N N 47  
ASN ND2  N  N N 48  
ASN OXT  O  N N 49  
ASN H    H  N N 50  
ASN H2   H  N N 51  
ASN HA   H  N N 52  
ASN HB2  H  N N 53  
ASN HB3  H  N N 54  
ASN HD21 H  N N 55  
ASN HD22 H  N N 56  
ASN HXT  H  N N 57  
ASP N    N  N N 58  
ASP CA   C  N S 59  
ASP C    C  N N 60  
ASP O    O  N N 61  
ASP CB   C  N N 62  
ASP CG   C  N N 63  
ASP OD1  O  N N 64  
ASP OD2  O  N N 65  
ASP OXT  O  N N 66  
ASP H    H  N N 67  
ASP H2   H  N N 68  
ASP HA   H  N N 69  
ASP HB2  H  N N 70  
ASP HB3  H  N N 71  
ASP HD2  H  N N 72  
ASP HXT  H  N N 73  
CL  CL   CL N N 74  
EDO C1   C  N N 75  
EDO O1   O  N N 76  
EDO C2   C  N N 77  
EDO O2   O  N N 78  
EDO H11  H  N N 79  
EDO H12  H  N N 80  
EDO HO1  H  N N 81  
EDO H21  H  N N 82  
EDO H22  H  N N 83  
EDO HO2  H  N N 84  
GLN N    N  N N 85  
GLN CA   C  N S 86  
GLN C    C  N N 87  
GLN O    O  N N 88  
GLN CB   C  N N 89  
GLN CG   C  N N 90  
GLN CD   C  N N 91  
GLN OE1  O  N N 92  
GLN NE2  N  N N 93  
GLN OXT  O  N N 94  
GLN H    H  N N 95  
GLN H2   H  N N 96  
GLN HA   H  N N 97  
GLN HB2  H  N N 98  
GLN HB3  H  N N 99  
GLN HG2  H  N N 100 
GLN HG3  H  N N 101 
GLN HE21 H  N N 102 
GLN HE22 H  N N 103 
GLN HXT  H  N N 104 
GLU N    N  N N 105 
GLU CA   C  N S 106 
GLU C    C  N N 107 
GLU O    O  N N 108 
GLU CB   C  N N 109 
GLU CG   C  N N 110 
GLU CD   C  N N 111 
GLU OE1  O  N N 112 
GLU OE2  O  N N 113 
GLU OXT  O  N N 114 
GLU H    H  N N 115 
GLU H2   H  N N 116 
GLU HA   H  N N 117 
GLU HB2  H  N N 118 
GLU HB3  H  N N 119 
GLU HG2  H  N N 120 
GLU HG3  H  N N 121 
GLU HE2  H  N N 122 
GLU HXT  H  N N 123 
GLY N    N  N N 124 
GLY CA   C  N N 125 
GLY C    C  N N 126 
GLY O    O  N N 127 
GLY OXT  O  N N 128 
GLY H    H  N N 129 
GLY H2   H  N N 130 
GLY HA2  H  N N 131 
GLY HA3  H  N N 132 
GLY HXT  H  N N 133 
HIS N    N  N N 134 
HIS CA   C  N S 135 
HIS C    C  N N 136 
HIS O    O  N N 137 
HIS CB   C  N N 138 
HIS CG   C  Y N 139 
HIS ND1  N  Y N 140 
HIS CD2  C  Y N 141 
HIS CE1  C  Y N 142 
HIS NE2  N  Y N 143 
HIS OXT  O  N N 144 
HIS H    H  N N 145 
HIS H2   H  N N 146 
HIS HA   H  N N 147 
HIS HB2  H  N N 148 
HIS HB3  H  N N 149 
HIS HD1  H  N N 150 
HIS HD2  H  N N 151 
HIS HE1  H  N N 152 
HIS HE2  H  N N 153 
HIS HXT  H  N N 154 
HOH O    O  N N 155 
HOH H1   H  N N 156 
HOH H2   H  N N 157 
ILE N    N  N N 158 
ILE CA   C  N S 159 
ILE C    C  N N 160 
ILE O    O  N N 161 
ILE CB   C  N S 162 
ILE CG1  C  N N 163 
ILE CG2  C  N N 164 
ILE CD1  C  N N 165 
ILE OXT  O  N N 166 
ILE H    H  N N 167 
ILE H2   H  N N 168 
ILE HA   H  N N 169 
ILE HB   H  N N 170 
ILE HG12 H  N N 171 
ILE HG13 H  N N 172 
ILE HG21 H  N N 173 
ILE HG22 H  N N 174 
ILE HG23 H  N N 175 
ILE HD11 H  N N 176 
ILE HD12 H  N N 177 
ILE HD13 H  N N 178 
ILE HXT  H  N N 179 
LEU N    N  N N 180 
LEU CA   C  N S 181 
LEU C    C  N N 182 
LEU O    O  N N 183 
LEU CB   C  N N 184 
LEU CG   C  N N 185 
LEU CD1  C  N N 186 
LEU CD2  C  N N 187 
LEU OXT  O  N N 188 
LEU H    H  N N 189 
LEU H2   H  N N 190 
LEU HA   H  N N 191 
LEU HB2  H  N N 192 
LEU HB3  H  N N 193 
LEU HG   H  N N 194 
LEU HD11 H  N N 195 
LEU HD12 H  N N 196 
LEU HD13 H  N N 197 
LEU HD21 H  N N 198 
LEU HD22 H  N N 199 
LEU HD23 H  N N 200 
LEU HXT  H  N N 201 
LYS N    N  N N 202 
LYS CA   C  N S 203 
LYS C    C  N N 204 
LYS O    O  N N 205 
LYS CB   C  N N 206 
LYS CG   C  N N 207 
LYS CD   C  N N 208 
LYS CE   C  N N 209 
LYS NZ   N  N N 210 
LYS OXT  O  N N 211 
LYS H    H  N N 212 
LYS H2   H  N N 213 
LYS HA   H  N N 214 
LYS HB2  H  N N 215 
LYS HB3  H  N N 216 
LYS HG2  H  N N 217 
LYS HG3  H  N N 218 
LYS HD2  H  N N 219 
LYS HD3  H  N N 220 
LYS HE2  H  N N 221 
LYS HE3  H  N N 222 
LYS HZ1  H  N N 223 
LYS HZ2  H  N N 224 
LYS HZ3  H  N N 225 
LYS HXT  H  N N 226 
MET N    N  N N 227 
MET CA   C  N S 228 
MET C    C  N N 229 
MET O    O  N N 230 
MET CB   C  N N 231 
MET CG   C  N N 232 
MET SD   S  N N 233 
MET CE   C  N N 234 
MET OXT  O  N N 235 
MET H    H  N N 236 
MET H2   H  N N 237 
MET HA   H  N N 238 
MET HB2  H  N N 239 
MET HB3  H  N N 240 
MET HG2  H  N N 241 
MET HG3  H  N N 242 
MET HE1  H  N N 243 
MET HE2  H  N N 244 
MET HE3  H  N N 245 
MET HXT  H  N N 246 
NUA N1   N  Y N 247 
NUA N3   N  Y N 248 
NUA C4   C  Y N 249 
NUA C5   C  N N 250 
NUA C6   C  N N 251 
NUA C7   C  N N 252 
NUA C8   C  N N 253 
NUA C10  C  Y N 254 
NUA C1   C  N N 255 
NUA C2   C  N N 256 
NUA C3   C  Y N 257 
NUA C9   C  N N 258 
NUA N2   N  N N 259 
NUA O1   O  N N 260 
NUA H1   H  N N 261 
NUA H2   H  N N 262 
NUA H3   H  N N 263 
NUA H4   H  N N 264 
NUA H5   H  N N 265 
NUA H6   H  N N 266 
NUA H7   H  N N 267 
NUA H8   H  N N 268 
NUA H9   H  N N 269 
NUA H10  H  N N 270 
NUA H11  H  N N 271 
NUA H12  H  N N 272 
NUA H13  H  N N 273 
NUA H14  H  N N 274 
NUA H15  H  N N 275 
PHE N    N  N N 276 
PHE CA   C  N S 277 
PHE C    C  N N 278 
PHE O    O  N N 279 
PHE CB   C  N N 280 
PHE CG   C  Y N 281 
PHE CD1  C  Y N 282 
PHE CD2  C  Y N 283 
PHE CE1  C  Y N 284 
PHE CE2  C  Y N 285 
PHE CZ   C  Y N 286 
PHE OXT  O  N N 287 
PHE H    H  N N 288 
PHE H2   H  N N 289 
PHE HA   H  N N 290 
PHE HB2  H  N N 291 
PHE HB3  H  N N 292 
PHE HD1  H  N N 293 
PHE HD2  H  N N 294 
PHE HE1  H  N N 295 
PHE HE2  H  N N 296 
PHE HZ   H  N N 297 
PHE HXT  H  N N 298 
PRO N    N  N N 299 
PRO CA   C  N S 300 
PRO C    C  N N 301 
PRO O    O  N N 302 
PRO CB   C  N N 303 
PRO CG   C  N N 304 
PRO CD   C  N N 305 
PRO OXT  O  N N 306 
PRO H    H  N N 307 
PRO HA   H  N N 308 
PRO HB2  H  N N 309 
PRO HB3  H  N N 310 
PRO HG2  H  N N 311 
PRO HG3  H  N N 312 
PRO HD2  H  N N 313 
PRO HD3  H  N N 314 
PRO HXT  H  N N 315 
SER N    N  N N 316 
SER CA   C  N S 317 
SER C    C  N N 318 
SER O    O  N N 319 
SER CB   C  N N 320 
SER OG   O  N N 321 
SER OXT  O  N N 322 
SER H    H  N N 323 
SER H2   H  N N 324 
SER HA   H  N N 325 
SER HB2  H  N N 326 
SER HB3  H  N N 327 
SER HG   H  N N 328 
SER HXT  H  N N 329 
THR N    N  N N 330 
THR CA   C  N S 331 
THR C    C  N N 332 
THR O    O  N N 333 
THR CB   C  N R 334 
THR OG1  O  N N 335 
THR CG2  C  N N 336 
THR OXT  O  N N 337 
THR H    H  N N 338 
THR H2   H  N N 339 
THR HA   H  N N 340 
THR HB   H  N N 341 
THR HG1  H  N N 342 
THR HG21 H  N N 343 
THR HG22 H  N N 344 
THR HG23 H  N N 345 
THR HXT  H  N N 346 
TYR N    N  N N 347 
TYR CA   C  N S 348 
TYR C    C  N N 349 
TYR O    O  N N 350 
TYR CB   C  N N 351 
TYR CG   C  Y N 352 
TYR CD1  C  Y N 353 
TYR CD2  C  Y N 354 
TYR CE1  C  Y N 355 
TYR CE2  C  Y N 356 
TYR CZ   C  Y N 357 
TYR OH   O  N N 358 
TYR OXT  O  N N 359 
TYR H    H  N N 360 
TYR H2   H  N N 361 
TYR HA   H  N N 362 
TYR HB2  H  N N 363 
TYR HB3  H  N N 364 
TYR HD1  H  N N 365 
TYR HD2  H  N N 366 
TYR HE1  H  N N 367 
TYR HE2  H  N N 368 
TYR HH   H  N N 369 
TYR HXT  H  N N 370 
VAL N    N  N N 371 
VAL CA   C  N S 372 
VAL C    C  N N 373 
VAL O    O  N N 374 
VAL CB   C  N N 375 
VAL CG1  C  N N 376 
VAL CG2  C  N N 377 
VAL OXT  O  N N 378 
VAL H    H  N N 379 
VAL H2   H  N N 380 
VAL HA   H  N N 381 
VAL HB   H  N N 382 
VAL HG11 H  N N 383 
VAL HG12 H  N N 384 
VAL HG13 H  N N 385 
VAL HG21 H  N N 386 
VAL HG22 H  N N 387 
VAL HG23 H  N N 388 
VAL HXT  H  N N 389 
# 
loop_
_chem_comp_bond.comp_id 
_chem_comp_bond.atom_id_1 
_chem_comp_bond.atom_id_2 
_chem_comp_bond.value_order 
_chem_comp_bond.pdbx_aromatic_flag 
_chem_comp_bond.pdbx_stereo_config 
_chem_comp_bond.pdbx_ordinal 
ALA N   CA   sing N N 1   
ALA N   H    sing N N 2   
ALA N   H2   sing N N 3   
ALA CA  C    sing N N 4   
ALA CA  CB   sing N N 5   
ALA CA  HA   sing N N 6   
ALA C   O    doub N N 7   
ALA C   OXT  sing N N 8   
ALA CB  HB1  sing N N 9   
ALA CB  HB2  sing N N 10  
ALA CB  HB3  sing N N 11  
ALA OXT HXT  sing N N 12  
ARG N   CA   sing N N 13  
ARG N   H    sing N N 14  
ARG N   H2   sing N N 15  
ARG CA  C    sing N N 16  
ARG CA  CB   sing N N 17  
ARG CA  HA   sing N N 18  
ARG C   O    doub N N 19  
ARG C   OXT  sing N N 20  
ARG CB  CG   sing N N 21  
ARG CB  HB2  sing N N 22  
ARG CB  HB3  sing N N 23  
ARG CG  CD   sing N N 24  
ARG CG  HG2  sing N N 25  
ARG CG  HG3  sing N N 26  
ARG CD  NE   sing N N 27  
ARG CD  HD2  sing N N 28  
ARG CD  HD3  sing N N 29  
ARG NE  CZ   sing N N 30  
ARG NE  HE   sing N N 31  
ARG CZ  NH1  sing N N 32  
ARG CZ  NH2  doub N N 33  
ARG NH1 HH11 sing N N 34  
ARG NH1 HH12 sing N N 35  
ARG NH2 HH21 sing N N 36  
ARG NH2 HH22 sing N N 37  
ARG OXT HXT  sing N N 38  
ASN N   CA   sing N N 39  
ASN N   H    sing N N 40  
ASN N   H2   sing N N 41  
ASN CA  C    sing N N 42  
ASN CA  CB   sing N N 43  
ASN CA  HA   sing N N 44  
ASN C   O    doub N N 45  
ASN C   OXT  sing N N 46  
ASN CB  CG   sing N N 47  
ASN CB  HB2  sing N N 48  
ASN CB  HB3  sing N N 49  
ASN CG  OD1  doub N N 50  
ASN CG  ND2  sing N N 51  
ASN ND2 HD21 sing N N 52  
ASN ND2 HD22 sing N N 53  
ASN OXT HXT  sing N N 54  
ASP N   CA   sing N N 55  
ASP N   H    sing N N 56  
ASP N   H2   sing N N 57  
ASP CA  C    sing N N 58  
ASP CA  CB   sing N N 59  
ASP CA  HA   sing N N 60  
ASP C   O    doub N N 61  
ASP C   OXT  sing N N 62  
ASP CB  CG   sing N N 63  
ASP CB  HB2  sing N N 64  
ASP CB  HB3  sing N N 65  
ASP CG  OD1  doub N N 66  
ASP CG  OD2  sing N N 67  
ASP OD2 HD2  sing N N 68  
ASP OXT HXT  sing N N 69  
EDO C1  O1   sing N N 70  
EDO C1  C2   sing N N 71  
EDO C1  H11  sing N N 72  
EDO C1  H12  sing N N 73  
EDO O1  HO1  sing N N 74  
EDO C2  O2   sing N N 75  
EDO C2  H21  sing N N 76  
EDO C2  H22  sing N N 77  
EDO O2  HO2  sing N N 78  
GLN N   CA   sing N N 79  
GLN N   H    sing N N 80  
GLN N   H2   sing N N 81  
GLN CA  C    sing N N 82  
GLN CA  CB   sing N N 83  
GLN CA  HA   sing N N 84  
GLN C   O    doub N N 85  
GLN C   OXT  sing N N 86  
GLN CB  CG   sing N N 87  
GLN CB  HB2  sing N N 88  
GLN CB  HB3  sing N N 89  
GLN CG  CD   sing N N 90  
GLN CG  HG2  sing N N 91  
GLN CG  HG3  sing N N 92  
GLN CD  OE1  doub N N 93  
GLN CD  NE2  sing N N 94  
GLN NE2 HE21 sing N N 95  
GLN NE2 HE22 sing N N 96  
GLN OXT HXT  sing N N 97  
GLU N   CA   sing N N 98  
GLU N   H    sing N N 99  
GLU N   H2   sing N N 100 
GLU CA  C    sing N N 101 
GLU CA  CB   sing N N 102 
GLU CA  HA   sing N N 103 
GLU C   O    doub N N 104 
GLU C   OXT  sing N N 105 
GLU CB  CG   sing N N 106 
GLU CB  HB2  sing N N 107 
GLU CB  HB3  sing N N 108 
GLU CG  CD   sing N N 109 
GLU CG  HG2  sing N N 110 
GLU CG  HG3  sing N N 111 
GLU CD  OE1  doub N N 112 
GLU CD  OE2  sing N N 113 
GLU OE2 HE2  sing N N 114 
GLU OXT HXT  sing N N 115 
GLY N   CA   sing N N 116 
GLY N   H    sing N N 117 
GLY N   H2   sing N N 118 
GLY CA  C    sing N N 119 
GLY CA  HA2  sing N N 120 
GLY CA  HA3  sing N N 121 
GLY C   O    doub N N 122 
GLY C   OXT  sing N N 123 
GLY OXT HXT  sing N N 124 
HIS N   CA   sing N N 125 
HIS N   H    sing N N 126 
HIS N   H2   sing N N 127 
HIS CA  C    sing N N 128 
HIS CA  CB   sing N N 129 
HIS CA  HA   sing N N 130 
HIS C   O    doub N N 131 
HIS C   OXT  sing N N 132 
HIS CB  CG   sing N N 133 
HIS CB  HB2  sing N N 134 
HIS CB  HB3  sing N N 135 
HIS CG  ND1  sing Y N 136 
HIS CG  CD2  doub Y N 137 
HIS ND1 CE1  doub Y N 138 
HIS ND1 HD1  sing N N 139 
HIS CD2 NE2  sing Y N 140 
HIS CD2 HD2  sing N N 141 
HIS CE1 NE2  sing Y N 142 
HIS CE1 HE1  sing N N 143 
HIS NE2 HE2  sing N N 144 
HIS OXT HXT  sing N N 145 
HOH O   H1   sing N N 146 
HOH O   H2   sing N N 147 
ILE N   CA   sing N N 148 
ILE N   H    sing N N 149 
ILE N   H2   sing N N 150 
ILE CA  C    sing N N 151 
ILE CA  CB   sing N N 152 
ILE CA  HA   sing N N 153 
ILE C   O    doub N N 154 
ILE C   OXT  sing N N 155 
ILE CB  CG1  sing N N 156 
ILE CB  CG2  sing N N 157 
ILE CB  HB   sing N N 158 
ILE CG1 CD1  sing N N 159 
ILE CG1 HG12 sing N N 160 
ILE CG1 HG13 sing N N 161 
ILE CG2 HG21 sing N N 162 
ILE CG2 HG22 sing N N 163 
ILE CG2 HG23 sing N N 164 
ILE CD1 HD11 sing N N 165 
ILE CD1 HD12 sing N N 166 
ILE CD1 HD13 sing N N 167 
ILE OXT HXT  sing N N 168 
LEU N   CA   sing N N 169 
LEU N   H    sing N N 170 
LEU N   H2   sing N N 171 
LEU CA  C    sing N N 172 
LEU CA  CB   sing N N 173 
LEU CA  HA   sing N N 174 
LEU C   O    doub N N 175 
LEU C   OXT  sing N N 176 
LEU CB  CG   sing N N 177 
LEU CB  HB2  sing N N 178 
LEU CB  HB3  sing N N 179 
LEU CG  CD1  sing N N 180 
LEU CG  CD2  sing N N 181 
LEU CG  HG   sing N N 182 
LEU CD1 HD11 sing N N 183 
LEU CD1 HD12 sing N N 184 
LEU CD1 HD13 sing N N 185 
LEU CD2 HD21 sing N N 186 
LEU CD2 HD22 sing N N 187 
LEU CD2 HD23 sing N N 188 
LEU OXT HXT  sing N N 189 
LYS N   CA   sing N N 190 
LYS N   H    sing N N 191 
LYS N   H2   sing N N 192 
LYS CA  C    sing N N 193 
LYS CA  CB   sing N N 194 
LYS CA  HA   sing N N 195 
LYS C   O    doub N N 196 
LYS C   OXT  sing N N 197 
LYS CB  CG   sing N N 198 
LYS CB  HB2  sing N N 199 
LYS CB  HB3  sing N N 200 
LYS CG  CD   sing N N 201 
LYS CG  HG2  sing N N 202 
LYS CG  HG3  sing N N 203 
LYS CD  CE   sing N N 204 
LYS CD  HD2  sing N N 205 
LYS CD  HD3  sing N N 206 
LYS CE  NZ   sing N N 207 
LYS CE  HE2  sing N N 208 
LYS CE  HE3  sing N N 209 
LYS NZ  HZ1  sing N N 210 
LYS NZ  HZ2  sing N N 211 
LYS NZ  HZ3  sing N N 212 
LYS OXT HXT  sing N N 213 
MET N   CA   sing N N 214 
MET N   H    sing N N 215 
MET N   H2   sing N N 216 
MET CA  C    sing N N 217 
MET CA  CB   sing N N 218 
MET CA  HA   sing N N 219 
MET C   O    doub N N 220 
MET C   OXT  sing N N 221 
MET CB  CG   sing N N 222 
MET CB  HB2  sing N N 223 
MET CB  HB3  sing N N 224 
MET CG  SD   sing N N 225 
MET CG  HG2  sing N N 226 
MET CG  HG3  sing N N 227 
MET SD  CE   sing N N 228 
MET CE  HE1  sing N N 229 
MET CE  HE2  sing N N 230 
MET CE  HE3  sing N N 231 
MET OXT HXT  sing N N 232 
NUA C9  C6   sing N N 233 
NUA C9  C8   sing N N 234 
NUA C6  C5   sing N N 235 
NUA C6  C7   sing N N 236 
NUA C8  C7   sing N N 237 
NUA N2  C5   sing N N 238 
NUA N2  C4   sing N N 239 
NUA C10 C4   sing Y N 240 
NUA C10 N3   doub Y N 241 
NUA C5  O1   doub N N 242 
NUA C4  C3   doub Y N 243 
NUA N3  N1   sing Y N 244 
NUA C3  N1   sing Y N 245 
NUA N1  C2   sing N N 246 
NUA C2  C1   sing N N 247 
NUA C6  H1   sing N N 248 
NUA C7  H2   sing N N 249 
NUA C7  H3   sing N N 250 
NUA C8  H4   sing N N 251 
NUA C8  H5   sing N N 252 
NUA C10 H6   sing N N 253 
NUA C1  H7   sing N N 254 
NUA C1  H8   sing N N 255 
NUA C1  H9   sing N N 256 
NUA C2  H10  sing N N 257 
NUA C2  H11  sing N N 258 
NUA C3  H12  sing N N 259 
NUA C9  H13  sing N N 260 
NUA C9  H14  sing N N 261 
NUA N2  H15  sing N N 262 
PHE N   CA   sing N N 263 
PHE N   H    sing N N 264 
PHE N   H2   sing N N 265 
PHE CA  C    sing N N 266 
PHE CA  CB   sing N N 267 
PHE CA  HA   sing N N 268 
PHE C   O    doub N N 269 
PHE C   OXT  sing N N 270 
PHE CB  CG   sing N N 271 
PHE CB  HB2  sing N N 272 
PHE CB  HB3  sing N N 273 
PHE CG  CD1  doub Y N 274 
PHE CG  CD2  sing Y N 275 
PHE CD1 CE1  sing Y N 276 
PHE CD1 HD1  sing N N 277 
PHE CD2 CE2  doub Y N 278 
PHE CD2 HD2  sing N N 279 
PHE CE1 CZ   doub Y N 280 
PHE CE1 HE1  sing N N 281 
PHE CE2 CZ   sing Y N 282 
PHE CE2 HE2  sing N N 283 
PHE CZ  HZ   sing N N 284 
PHE OXT HXT  sing N N 285 
PRO N   CA   sing N N 286 
PRO N   CD   sing N N 287 
PRO N   H    sing N N 288 
PRO CA  C    sing N N 289 
PRO CA  CB   sing N N 290 
PRO CA  HA   sing N N 291 
PRO C   O    doub N N 292 
PRO C   OXT  sing N N 293 
PRO CB  CG   sing N N 294 
PRO CB  HB2  sing N N 295 
PRO CB  HB3  sing N N 296 
PRO CG  CD   sing N N 297 
PRO CG  HG2  sing N N 298 
PRO CG  HG3  sing N N 299 
PRO CD  HD2  sing N N 300 
PRO CD  HD3  sing N N 301 
PRO OXT HXT  sing N N 302 
SER N   CA   sing N N 303 
SER N   H    sing N N 304 
SER N   H2   sing N N 305 
SER CA  C    sing N N 306 
SER CA  CB   sing N N 307 
SER CA  HA   sing N N 308 
SER C   O    doub N N 309 
SER C   OXT  sing N N 310 
SER CB  OG   sing N N 311 
SER CB  HB2  sing N N 312 
SER CB  HB3  sing N N 313 
SER OG  HG   sing N N 314 
SER OXT HXT  sing N N 315 
THR N   CA   sing N N 316 
THR N   H    sing N N 317 
THR N   H2   sing N N 318 
THR CA  C    sing N N 319 
THR CA  CB   sing N N 320 
THR CA  HA   sing N N 321 
THR C   O    doub N N 322 
THR C   OXT  sing N N 323 
THR CB  OG1  sing N N 324 
THR CB  CG2  sing N N 325 
THR CB  HB   sing N N 326 
THR OG1 HG1  sing N N 327 
THR CG2 HG21 sing N N 328 
THR CG2 HG22 sing N N 329 
THR CG2 HG23 sing N N 330 
THR OXT HXT  sing N N 331 
TYR N   CA   sing N N 332 
TYR N   H    sing N N 333 
TYR N   H2   sing N N 334 
TYR CA  C    sing N N 335 
TYR CA  CB   sing N N 336 
TYR CA  HA   sing N N 337 
TYR C   O    doub N N 338 
TYR C   OXT  sing N N 339 
TYR CB  CG   sing N N 340 
TYR CB  HB2  sing N N 341 
TYR CB  HB3  sing N N 342 
TYR CG  CD1  doub Y N 343 
TYR CG  CD2  sing Y N 344 
TYR CD1 CE1  sing Y N 345 
TYR CD1 HD1  sing N N 346 
TYR CD2 CE2  doub Y N 347 
TYR CD2 HD2  sing N N 348 
TYR CE1 CZ   doub Y N 349 
TYR CE1 HE1  sing N N 350 
TYR CE2 CZ   sing Y N 351 
TYR CE2 HE2  sing N N 352 
TYR CZ  OH   sing N N 353 
TYR OH  HH   sing N N 354 
TYR OXT HXT  sing N N 355 
VAL N   CA   sing N N 356 
VAL N   H    sing N N 357 
VAL N   H2   sing N N 358 
VAL CA  C    sing N N 359 
VAL CA  CB   sing N N 360 
VAL CA  HA   sing N N 361 
VAL C   O    doub N N 362 
VAL C   OXT  sing N N 363 
VAL CB  CG1  sing N N 364 
VAL CB  CG2  sing N N 365 
VAL CB  HB   sing N N 366 
VAL CG1 HG11 sing N N 367 
VAL CG1 HG12 sing N N 368 
VAL CG1 HG13 sing N N 369 
VAL CG2 HG21 sing N N 370 
VAL CG2 HG22 sing N N 371 
VAL CG2 HG23 sing N N 372 
VAL OXT HXT  sing N N 373 
# 
_pdbx_audit_support.ordinal                1 
_pdbx_audit_support.funding_organization   'European Union (EU)' 
_pdbx_audit_support.grant_number           875510 
_pdbx_audit_support.country                'European Union' 
# 
_pdbx_deposit_group.group_id            G_1002273 
_pdbx_deposit_group.group_description   
;MAP1LC3B screened against the DSi-poised Fragment Library by X-ray Crystallography at the XChem facility of Diamond Light Source beamline I04-1
;
_pdbx_deposit_group.group_title         'PanDDA analysis group deposition' 
_pdbx_deposit_group.group_type          'changed state' 
# 
_atom_sites.entry_id                    7GAM 
_atom_sites.fract_transf_matrix[1][1]   0.01043718 
_atom_sites.fract_transf_matrix[1][2]   -0.00966923 
_atom_sites.fract_transf_matrix[1][3]   0.00831635 
_atom_sites.fract_transf_matrix[2][1]   0.00500800 
_atom_sites.fract_transf_matrix[2][2]   -0.00677585 
_atom_sites.fract_transf_matrix[2][3]   -0.01416327 
_atom_sites.fract_transf_matrix[3][1]   0.01998458 
_atom_sites.fract_transf_matrix[3][2]   0.01958909 
_atom_sites.fract_transf_matrix[3][3]   -0.00230526 
_atom_sites.fract_transf_vector[1]      0.185343 
_atom_sites.fract_transf_vector[2]      -0.381380 
_atom_sites.fract_transf_vector[3]      0.021229 
# 
loop_
_atom_type.symbol 
C  
CL 
N  
O  
S  
# 
loop_
_atom_site.group_PDB 
_atom_site.id 
_atom_site.type_symbol 
_atom_site.label_atom_id 
_atom_site.label_alt_id 
_atom_site.label_comp_id 
_atom_site.label_asym_id 
_atom_site.label_entity_id 
_atom_site.label_seq_id 
_atom_site.pdbx_PDB_ins_code 
_atom_site.Cartn_x 
_atom_site.Cartn_y 
_atom_site.Cartn_z 
_atom_site.occupancy 
_atom_site.B_iso_or_equiv 
_atom_site.pdbx_formal_charge 
_atom_site.auth_seq_id 
_atom_site.auth_comp_id 
_atom_site.auth_asym_id 
_atom_site.auth_atom_id 
_atom_site.pdbx_PDB_model_num 
ATOM   1    N  N   . LYS A 1 6   ? -12.554 -5.119  -10.671 1.00 82.59  ? 5   LYS A N   1 
ATOM   2    C  CA  . LYS A 1 6   ? -11.114 -5.110  -11.067 1.00 87.87  ? 5   LYS A CA  1 
ATOM   3    C  C   . LYS A 1 6   ? -10.257 -4.657  -9.865  1.00 80.33  ? 5   LYS A C   1 
ATOM   4    O  O   . LYS A 1 6   ? -9.449  -5.481  -9.392  1.00 83.72  ? 5   LYS A O   1 
ATOM   5    C  CB  . LYS A 1 6   ? -10.913 -4.254  -12.327 1.00 86.81  ? 5   LYS A CB  1 
ATOM   6    C  CG  . LYS A 1 6   ? -10.536 -5.028  -13.584 1.00 89.59  ? 5   LYS A CG  1 
ATOM   7    C  CD  . LYS A 1 6   ? -9.282  -5.870  -13.415 1.00 91.83  ? 5   LYS A CD  1 
ATOM   8    C  CE  . LYS A 1 6   ? -8.425  -5.928  -14.661 1.00 92.47  ? 5   LYS A CE  1 
ATOM   9    N  NZ  . LYS A 1 6   ? -9.228  -6.298  -15.853 1.00 94.65  ? 5   LYS A NZ  1 
ATOM   10   N  N   . THR A 1 7   ? -10.423 -3.420  -9.368  1.00 72.70  ? 6   THR A N   1 
ATOM   11   C  CA  . THR A 1 7   ? -9.699  -2.909  -8.165  1.00 63.37  ? 6   THR A CA  1 
ATOM   12   C  C   . THR A 1 7   ? -10.342 -3.496  -6.904  1.00 62.65  ? 6   THR A C   1 
ATOM   13   O  O   . THR A 1 7   ? -11.542 -3.898  -6.951  1.00 57.37  ? 6   THR A O   1 
ATOM   14   C  CB  . THR A 1 7   ? -9.646  -1.376  -8.039  1.00 64.90  ? 6   THR A CB  1 
ATOM   15   O  OG1 . THR A 1 7   ? -10.926 -0.898  -7.620  1.00 51.73  ? 6   THR A OG1 1 
ATOM   16   C  CG2 . THR A 1 7   ? -9.187  -0.663  -9.300  1.00 72.48  ? 6   THR A CG2 1 
ATOM   17   N  N   . PHE A 1 8   ? -9.576  -3.506  -5.812  1.00 52.78  ? 7   PHE A N   1 
ATOM   18   C  CA  . PHE A 1 8   ? -9.961  -4.058  -4.483  1.00 52.38  ? 7   PHE A CA  1 
ATOM   19   C  C   . PHE A 1 8   ? -11.324 -3.508  -4.044  1.00 53.54  ? 7   PHE A C   1 
ATOM   20   O  O   . PHE A 1 8   ? -12.257 -4.279  -3.601  1.00 49.82  ? 7   PHE A O   1 
ATOM   21   C  CB  . PHE A 1 8   ? -8.851  -3.755  -3.454  1.00 51.80  ? 7   PHE A CB  1 
ATOM   22   C  CG  . PHE A 1 8   ? -9.124  -4.336  -2.087  1.00 45.46  ? 7   PHE A CG  1 
ATOM   23   C  CD1 . PHE A 1 8   ? -9.021  -5.701  -1.874  1.00 45.96  ? 7   PHE A CD1 1 
ATOM   24   C  CD2 . PHE A 1 8   ? -9.567  -3.531  -1.054  1.00 43.85  ? 7   PHE A CD2 1 
ATOM   25   C  CE1 . PHE A 1 8   ? -9.278  -6.246  -0.630  1.00 44.73  ? 7   PHE A CE1 1 
ATOM   26   C  CE2 . PHE A 1 8   ? -9.859  -4.082  0.187   1.00 43.98  ? 7   PHE A CE2 1 
ATOM   27   C  CZ  . PHE A 1 8   ? -9.719  -5.437  0.390   1.00 48.12  ? 7   PHE A CZ  1 
ATOM   28   N  N   . LYS A 1 9   ? -11.496 -2.193  -4.177  1.00 50.22  ? 8   LYS A N   1 
ATOM   29   C  CA  . LYS A 1 9   ? -12.722 -1.536  -3.675  1.00 50.84  ? 8   LYS A CA  1 
ATOM   30   C  C   . LYS A 1 9   ? -13.938 -1.985  -4.507  1.00 52.10  ? 8   LYS A C   1 
ATOM   31   O  O   . LYS A 1 9   ? -15.085 -1.983  -3.979  1.00 49.52  ? 8   LYS A O   1 
ATOM   32   C  CB  . LYS A 1 9   ? -12.563 -0.015  -3.705  1.00 55.47  ? 8   LYS A CB  1 
ATOM   33   C  CG  . LYS A 1 9   ? -11.827 0.566   -2.520  1.00 59.03  ? 8   LYS A CG  1 
ATOM   34   C  CD  . LYS A 1 9   ? -12.121 2.016   -2.321  1.00 62.50  ? 8   LYS A CD  1 
ATOM   35   C  CE  . LYS A 1 9   ? -11.314 2.607   -1.186  1.00 65.83  ? 8   LYS A CE  1 
ATOM   36   N  NZ  . LYS A 1 9   ? -11.326 4.091   -1.194  1.00 71.89  ? 8   LYS A NZ  1 
ATOM   37   N  N   . GLN A 1 10  ? -13.689 -2.365  -5.753  1.00 52.80  ? 9   GLN A N   1 
ATOM   38   C  CA  . GLN A 1 10  ? -14.721 -2.895  -6.684  1.00 62.99  ? 9   GLN A CA  1 
ATOM   39   C  C   . GLN A 1 10  ? -15.112 -4.328  -6.321  1.00 60.76  ? 9   GLN A C   1 
ATOM   40   O  O   . GLN A 1 10  ? -16.296 -4.662  -6.435  1.00 63.38  ? 9   GLN A O   1 
ATOM   41   C  CB  . GLN A 1 10  ? -14.197 -2.813  -8.112  1.00 61.47  ? 9   GLN A CB  1 
ATOM   42   C  CG  . GLN A 1 10  ? -14.286 -1.395  -8.644  1.00 67.54  ? 9   GLN A CG  1 
ATOM   43   C  CD  . GLN A 1 10  ? -13.402 -1.154  -9.836  1.00 66.37  ? 9   GLN A CD  1 
ATOM   44   O  OE1 . GLN A 1 10  ? -12.697 -2.039  -10.332 1.00 73.05  ? 9   GLN A OE1 1 
ATOM   45   N  NE2 . GLN A 1 10  ? -13.438 0.081   -10.298 1.00 71.32  ? 9   GLN A NE2 1 
ATOM   46   N  N   A ARG A 1 11  ? -14.132 -5.129  -5.886  0.34 56.83  ? 10  ARG A N   1 
ATOM   47   N  N   B ARG A 1 11  ? -14.140 -5.132  -5.883  0.17 57.09  ? 10  ARG A N   1 
ATOM   48   C  CA  A ARG A 1 11  ? -14.260 -6.588  -5.620  0.34 53.18  ? 10  ARG A CA  1 
ATOM   49   C  CA  B ARG A 1 11  ? -14.292 -6.589  -5.632  0.17 53.85  ? 10  ARG A CA  1 
ATOM   50   C  C   A ARG A 1 11  ? -14.949 -6.830  -4.270  0.34 54.11  ? 10  ARG A C   1 
ATOM   51   C  C   B ARG A 1 11  ? -14.945 -6.838  -4.266  0.17 53.10  ? 10  ARG A C   1 
ATOM   52   O  O   A ARG A 1 11  ? -15.656 -7.851  -4.144  0.34 54.00  ? 10  ARG A O   1 
ATOM   53   O  O   B ARG A 1 11  ? -15.645 -7.864  -4.135  0.17 52.67  ? 10  ARG A O   1 
ATOM   54   C  CB  A ARG A 1 11  ? -12.881 -7.250  -5.602  0.34 54.94  ? 10  ARG A CB  1 
ATOM   55   C  CB  B ARG A 1 11  ? -12.927 -7.275  -5.711  0.17 54.70  ? 10  ARG A CB  1 
ATOM   56   C  CG  A ARG A 1 11  ? -12.206 -7.355  -6.960  0.34 59.57  ? 10  ARG A CG  1 
ATOM   57   C  CG  B ARG A 1 11  ? -12.364 -7.369  -7.121  0.17 57.12  ? 10  ARG A CG  1 
ATOM   58   C  CD  A ARG A 1 11  ? -10.973 -8.239  -6.913  0.34 64.00  ? 10  ARG A CD  1 
ATOM   59   C  CD  B ARG A 1 11  ? -10.992 -8.008  -7.131  0.17 58.77  ? 10  ARG A CD  1 
ATOM   60   N  NE  A ARG A 1 11  ? -9.730  -7.518  -6.639  0.34 67.34  ? 10  ARG A NE  1 
ATOM   61   N  NE  B ARG A 1 11  ? -9.910  -7.035  -7.237  0.17 60.82  ? 10  ARG A NE  1 
ATOM   62   C  CZ  A ARG A 1 11  ? -8.973  -7.694  -5.563  0.34 63.77  ? 10  ARG A CZ  1 
ATOM   63   C  CZ  B ARG A 1 11  ? -8.722  -7.166  -6.661  0.17 58.03  ? 10  ARG A CZ  1 
ATOM   64   N  NH1 A ARG A 1 11  ? -9.325  -8.567  -4.635  0.34 70.15  ? 10  ARG A NH1 1 
ATOM   65   N  NH1 B ARG A 1 11  ? -8.464  -8.217  -5.905  0.17 58.67  ? 10  ARG A NH1 1 
ATOM   66   N  NH2 A ARG A 1 11  ? -7.859  -7.000  -5.420  0.34 65.41  ? 10  ARG A NH2 1 
ATOM   67   N  NH2 B ARG A 1 11  ? -7.799  -6.238  -6.831  0.17 59.51  ? 10  ARG A NH2 1 
ATOM   68   N  N   . ARG A 1 12  ? -14.712 -5.961  -3.283  1.00 46.98  ? 11  ARG A N   1 
ATOM   69   C  CA  . ARG A 1 12  ? -15.235 -6.161  -1.903  1.00 50.52  ? 11  ARG A CA  1 
ATOM   70   C  C   . ARG A 1 12  ? -16.157 -4.998  -1.559  1.00 43.52  ? 11  ARG A C   1 
ATOM   71   O  O   . ARG A 1 12  ? -15.767 -3.851  -1.843  1.00 48.68  ? 11  ARG A O   1 
ATOM   72   C  CB  . ARG A 1 12  ? -14.074 -6.299  -0.909  1.00 49.12  ? 11  ARG A CB  1 
ATOM   73   C  CG  . ARG A 1 12  ? -13.076 -7.410  -1.233  1.00 49.35  ? 11  ARG A CG  1 
ATOM   74   C  CD  . ARG A 1 12  ? -13.624 -8.789  -0.925  1.00 52.39  ? 11  ARG A CD  1 
ATOM   75   N  NE  . ARG A 1 12  ? -13.816 -9.055  0.497   1.00 62.36  ? 11  ARG A NE  1 
ATOM   76   C  CZ  . ARG A 1 12  ? -14.381 -10.157 1.007   1.00 65.16  ? 11  ARG A CZ  1 
ATOM   77   N  NH1 . ARG A 1 12  ? -14.853 -11.106 0.217   1.00 67.55  ? 11  ARG A NH1 1 
ATOM   78   N  NH2 . ARG A 1 12  ? -14.458 -10.320 2.318   1.00 76.46  ? 11  ARG A NH2 1 
ATOM   79   N  N   . THR A 1 13  ? -17.295 -5.288  -0.925  1.00 41.46  ? 12  THR A N   1 
ATOM   80   C  CA  . THR A 1 13  ? -18.231 -4.252  -0.436  1.00 45.47  ? 12  THR A CA  1 
ATOM   81   C  C   . THR A 1 13  ? -17.549 -3.458  0.693   1.00 50.02  ? 12  THR A C   1 
ATOM   82   O  O   . THR A 1 13  ? -16.641 -3.989  1.338   1.00 46.25  ? 12  THR A O   1 
ATOM   83   C  CB  . THR A 1 13  ? -19.591 -4.818  0.009   1.00 47.92  ? 12  THR A CB  1 
ATOM   84   O  OG1 . THR A 1 13  ? -19.514 -5.515  1.255   1.00 52.50  ? 12  THR A OG1 1 
ATOM   85   C  CG2 . THR A 1 13  ? -20.271 -5.700  -1.020  1.00 48.73  ? 12  THR A CG2 1 
ATOM   86   N  N   . PHE A 1 14  ? -18.070 -2.285  1.012   1.00 43.46  ? 13  PHE A N   1 
ATOM   87   C  CA  . PHE A 1 14  ? -17.607 -1.438  2.136   1.00 52.76  ? 13  PHE A CA  1 
ATOM   88   C  C   . PHE A 1 14  ? -17.762 -2.241  3.421   1.00 52.10  ? 13  PHE A C   1 
ATOM   89   O  O   . PHE A 1 14  ? -16.862 -2.167  4.261   1.00 47.03  ? 13  PHE A O   1 
ATOM   90   C  CB  . PHE A 1 14  ? -18.359 -0.104  2.213   1.00 49.20  ? 13  PHE A CB  1 
ATOM   91   C  CG  . PHE A 1 14  ? -17.924 0.774   3.362   1.00 39.55  ? 13  PHE A CG  1 
ATOM   92   C  CD1 . PHE A 1 14  ? -16.841 1.602   3.208   1.00 38.67  ? 13  PHE A CD1 1 
ATOM   93   C  CD2 . PHE A 1 14  ? -18.521 0.684   4.611   1.00 43.33  ? 13  PHE A CD2 1 
ATOM   94   C  CE1 . PHE A 1 14  ? -16.375 2.367   4.260   1.00 42.89  ? 13  PHE A CE1 1 
ATOM   95   C  CE2 . PHE A 1 14  ? -18.064 1.461   5.670   1.00 44.91  ? 13  PHE A CE2 1 
ATOM   96   C  CZ  . PHE A 1 14  ? -17.008 2.323   5.476   1.00 38.83  ? 13  PHE A CZ  1 
ATOM   97   N  N   . GLU A 1 15  ? -18.857 -2.993  3.533   1.00 42.04  ? 14  GLU A N   1 
ATOM   98   C  CA  . GLU A 1 15  ? -19.191 -3.816  4.714   1.00 44.78  ? 14  GLU A CA  1 
ATOM   99   C  C   . GLU A 1 15  ? -18.123 -4.911  4.889   1.00 37.53  ? 14  GLU A C   1 
ATOM   100  O  O   . GLU A 1 15  ? -17.713 -5.176  6.072   1.00 43.55  ? 14  GLU A O   1 
ATOM   101  C  CB  . GLU A 1 15  ? -20.577 -4.438  4.547   1.00 54.46  ? 14  GLU A CB  1 
ATOM   102  C  CG  . GLU A 1 15  ? -21.115 -5.054  5.830   1.00 68.97  ? 14  GLU A CG  1 
ATOM   103  C  CD  . GLU A 1 15  ? -22.523 -5.625  5.720   1.00 81.02  ? 14  GLU A CD  1 
ATOM   104  O  OE1 . GLU A 1 15  ? -23.096 -5.602  4.597   1.00 79.45  ? 14  GLU A OE1 1 
ATOM   105  O  OE2 . GLU A 1 15  ? -23.029 -6.112  6.752   1.00 85.98  ? 14  GLU A OE2 1 
ATOM   106  N  N   . GLN A 1 16  ? -17.705 -5.484  3.763   1.00 39.19  ? 15  GLN A N   1 
ATOM   107  C  CA  . GLN A 1 16  ? -16.718 -6.585  3.707   1.00 41.12  ? 15  GLN A CA  1 
ATOM   108  C  C   . GLN A 1 16  ? -15.314 -6.084  4.083   1.00 46.60  ? 15  GLN A C   1 
ATOM   109  O  O   . GLN A 1 16  ? -14.587 -6.794  4.840   1.00 45.26  ? 15  GLN A O   1 
ATOM   110  C  CB  . GLN A 1 16  ? -16.744 -7.229  2.338   1.00 41.29  ? 15  GLN A CB  1 
ATOM   111  C  CG  . GLN A 1 16  ? -17.861 -8.258  2.192   1.00 45.08  ? 15  GLN A CG  1 
ATOM   112  C  CD  . GLN A 1 16  ? -17.922 -8.815  0.793   1.00 44.18  ? 15  GLN A CD  1 
ATOM   113  O  OE1 . GLN A 1 16  ? -17.418 -8.213  -0.145  1.00 42.54  ? 15  GLN A OE1 1 
ATOM   114  N  NE2 . GLN A 1 16  ? -18.552 -9.975  0.649   1.00 49.26  ? 15  GLN A NE2 1 
ATOM   115  N  N   A ARG A 1 17  ? -14.932 -4.906  3.580   0.15 45.02  ? 16  ARG A N   1 
ATOM   116  N  N   B ARG A 1 17  ? -14.919 -4.916  3.571   0.35 44.79  ? 16  ARG A N   1 
ATOM   117  C  CA  A ARG A 1 17  ? -13.601 -4.287  3.832   0.15 45.46  ? 16  ARG A CA  1 
ATOM   118  C  CA  B ARG A 1 17  ? -13.591 -4.295  3.847   0.35 45.67  ? 16  ARG A CA  1 
ATOM   119  C  C   A ARG A 1 17  ? -13.511 -3.876  5.307   0.15 43.96  ? 16  ARG A C   1 
ATOM   120  C  C   B ARG A 1 17  ? -13.530 -3.931  5.335   0.35 43.93  ? 16  ARG A C   1 
ATOM   121  O  O   A ARG A 1 17  ? -12.435 -4.096  5.909   0.15 44.40  ? 16  ARG A O   1 
ATOM   122  O  O   B ARG A 1 17  ? -12.517 -4.270  6.003   0.35 41.46  ? 16  ARG A O   1 
ATOM   123  C  CB  A ARG A 1 17  ? -13.362 -3.129  2.855   0.15 45.67  ? 16  ARG A CB  1 
ATOM   124  C  CB  B ARG A 1 17  ? -13.344 -3.131  2.874   0.35 44.99  ? 16  ARG A CB  1 
ATOM   125  C  CG  A ARG A 1 17  ? -13.396 -3.553  1.395   0.15 46.03  ? 16  ARG A CG  1 
ATOM   126  C  CG  B ARG A 1 17  ? -13.185 -3.574  1.426   0.35 44.47  ? 16  ARG A CG  1 
ATOM   127  C  CD  A ARG A 1 17  ? -12.958 -2.484  0.411   0.15 46.44  ? 16  ARG A CD  1 
ATOM   128  C  CD  B ARG A 1 17  ? -13.047 -2.468  0.387   0.35 44.93  ? 16  ARG A CD  1 
ATOM   129  N  NE  A ARG A 1 17  ? -13.564 -1.183  0.648   0.15 50.10  ? 16  ARG A NE  1 
ATOM   130  N  NE  B ARG A 1 17  ? -14.312 -2.016  -0.197  0.35 50.81  ? 16  ARG A NE  1 
ATOM   131  C  CZ  A ARG A 1 17  ? -14.380 -0.559  -0.194  0.15 48.88  ? 16  ARG A CZ  1 
ATOM   132  C  CZ  B ARG A 1 17  ? -14.892 -0.839  0.039   0.35 53.70  ? 16  ARG A CZ  1 
ATOM   133  N  NH1 A ARG A 1 17  ? -14.709 -1.124  -1.342  0.15 47.23  ? 16  ARG A NH1 1 
ATOM   134  N  NH1 B ARG A 1 17  ? -14.328 0.031   0.860   0.35 56.37  ? 16  ARG A NH1 1 
ATOM   135  N  NH2 A ARG A 1 17  ? -14.870 0.628   0.119   0.15 50.14  ? 16  ARG A NH2 1 
ATOM   136  N  NH2 B ARG A 1 17  ? -16.043 -0.530  -0.538  0.35 48.75  ? 16  ARG A NH2 1 
ATOM   137  N  N   . VAL A 1 18  ? -14.594 -3.343  5.883   1.00 40.35  ? 17  VAL A N   1 
ATOM   138  C  CA  . VAL A 1 18  ? -14.610 -2.948  7.323   1.00 41.35  ? 17  VAL A CA  1 
ATOM   139  C  C   . VAL A 1 18  ? -14.425 -4.187  8.228   1.00 48.89  ? 17  VAL A C   1 
ATOM   140  O  O   . VAL A 1 18  ? -13.607 -4.132  9.234   1.00 38.94  ? 17  VAL A O   1 
ATOM   141  C  CB  . VAL A 1 18  ? -15.862 -2.129  7.663   1.00 40.89  ? 17  VAL A CB  1 
ATOM   142  C  CG1 . VAL A 1 18  ? -16.125 -2.103  9.155   1.00 46.52  ? 17  VAL A CG1 1 
ATOM   143  C  CG2 . VAL A 1 18  ? -15.724 -0.718  7.111   1.00 44.96  ? 17  VAL A CG2 1 
ATOM   144  N  N   . GLU A 1 19  ? -15.114 -5.288  7.910   1.00 45.36  ? 18  GLU A N   1 
ATOM   145  C  CA  . GLU A 1 19  ? -15.034 -6.528  8.720   1.00 47.28  ? 18  GLU A CA  1 
ATOM   146  C  C   . GLU A 1 19  ? -13.651 -7.165  8.560   1.00 38.58  ? 18  GLU A C   1 
ATOM   147  O  O   . GLU A 1 19  ? -13.169 -7.719  9.538   1.00 44.45  ? 18  GLU A O   1 
ATOM   148  C  CB  . GLU A 1 19  ? -16.117 -7.559  8.365   1.00 55.91  ? 18  GLU A CB  1 
ATOM   149  C  CG  . GLU A 1 19  ? -17.437 -7.260  9.042   1.00 71.73  ? 18  GLU A CG  1 
ATOM   150  C  CD  . GLU A 1 19  ? -17.342 -6.907  10.519  1.00 83.14  ? 18  GLU A CD  1 
ATOM   151  O  OE1 . GLU A 1 19  ? -16.766 -7.734  11.286  1.00 87.03  ? 18  GLU A OE1 1 
ATOM   152  O  OE2 . GLU A 1 19  ? -17.827 -5.791  10.898  1.00 77.26  ? 18  GLU A OE2 1 
ATOM   153  N  N   . ASP A 1 20  ? -13.050 -7.119  7.387   1.00 35.16  ? 19  ASP A N   1 
ATOM   154  C  CA  . ASP A 1 20  ? -11.688 -7.675  7.252   1.00 43.79  ? 19  ASP A CA  1 
ATOM   155  C  C   . ASP A 1 20  ? -10.702 -6.869  8.100   1.00 45.63  ? 19  ASP A C   1 
ATOM   156  O  O   . ASP A 1 20  ? -9.848  -7.476  8.743   1.00 41.14  ? 19  ASP A O   1 
ATOM   157  C  CB  . ASP A 1 20  ? -11.215 -7.774  5.824   1.00 49.26  ? 19  ASP A CB  1 
ATOM   158  C  CG  . ASP A 1 20  ? -10.103 -8.815  5.780   1.00 59.54  ? 19  ASP A CG  1 
ATOM   159  O  OD1 . ASP A 1 20  ? -9.211  -8.667  4.926   1.00 59.98  ? 19  ASP A OD1 1 
ATOM   160  O  OD2 . ASP A 1 20  ? -10.110 -9.766  6.647   1.00 59.06  ? 19  ASP A OD2 1 
ATOM   161  N  N   . VAL A 1 21  ? -10.814 -5.543  8.111   1.00 39.49  ? 20  VAL A N   1 
ATOM   162  C  CA  . VAL A 1 21  ? -9.895  -4.706  8.910   1.00 37.27  ? 20  VAL A CA  1 
ATOM   163  C  C   . VAL A 1 21  ? -10.105 -5.078  10.390  1.00 38.58  ? 20  VAL A C   1 
ATOM   164  O  O   . VAL A 1 21  ? -9.086  -5.158  11.114  1.00 37.31  ? 20  VAL A O   1 
ATOM   165  C  CB  . VAL A 1 21  ? -10.071 -3.197  8.598   1.00 39.21  ? 20  VAL A CB  1 
ATOM   166  C  CG1 . VAL A 1 21  ? -9.343  -2.321  9.616   1.00 38.78  ? 20  VAL A CG1 1 
ATOM   167  C  CG2 . VAL A 1 21  ? -9.628  -2.863  7.182   1.00 35.07  ? 20  VAL A CG2 1 
ATOM   168  N  N   . ARG A 1 22  ? -11.355 -5.293  10.825  1.00 38.85  ? 21  ARG A N   1 
ATOM   169  C  CA  . ARG A 1 22  ? -11.732 -5.608  12.221  1.00 43.40  ? 21  ARG A CA  1 
ATOM   170  C  C   . ARG A 1 22  ? -11.068 -6.950  12.626  1.00 42.77  ? 21  ARG A C   1 
ATOM   171  O  O   . ARG A 1 22  ? -10.590 -7.017  13.753  1.00 38.75  ? 21  ARG A O   1 
ATOM   172  C  CB  . ARG A 1 22  ? -13.260 -5.571  12.369  1.00 49.15  ? 21  ARG A CB  1 
ATOM   173  C  CG  . ARG A 1 22  ? -13.868 -4.170  12.425  1.00 65.34  ? 21  ARG A CG  1 
ATOM   174  C  CD  . ARG A 1 22  ? -15.374 -4.156  12.722  1.00 78.68  ? 21  ARG A CD  1 
ATOM   175  N  NE  . ARG A 1 22  ? -16.031 -2.838  12.623  1.00 85.41  ? 21  ARG A NE  1 
ATOM   176  C  CZ  . ARG A 1 22  ? -17.352 -2.613  12.729  1.00 83.08  ? 21  ARG A CZ  1 
ATOM   177  N  NH1 . ARG A 1 22  ? -18.195 -3.611  12.938  1.00 90.49  ? 21  ARG A NH1 1 
ATOM   178  N  NH2 . ARG A 1 22  ? -17.833 -1.385  12.621  1.00 83.58  ? 21  ARG A NH2 1 
ATOM   179  N  N   . LEU A 1 23  ? -10.978 -7.940  11.723  1.00 41.98  ? 22  LEU A N   1 
ATOM   180  C  CA  . LEU A 1 23  ? -10.372 -9.289  11.962  1.00 42.15  ? 22  LEU A CA  1 
ATOM   181  C  C   . LEU A 1 23  ? -8.836  -9.182  12.003  1.00 38.77  ? 22  LEU A C   1 
ATOM   182  O  O   . LEU A 1 23  ? -8.216  -9.822  12.856  1.00 36.87  ? 22  LEU A O   1 
ATOM   183  C  CB  . LEU A 1 23  ? -10.812 -10.221 10.828  1.00 47.62  ? 22  LEU A CB  1 
ATOM   184  C  CG  . LEU A 1 23  ? -10.242 -11.635 10.845  1.00 54.64  ? 22  LEU A CG  1 
ATOM   185  C  CD1 . LEU A 1 23  ? -10.862 -12.446 11.985  1.00 52.81  ? 22  LEU A CD1 1 
ATOM   186  C  CD2 . LEU A 1 23  ? -10.420 -12.317 9.491   1.00 49.15  ? 22  LEU A CD2 1 
ATOM   187  N  N   . ILE A 1 24  ? -8.229  -8.367  11.146  1.00 33.71  ? 23  ILE A N   1 
ATOM   188  C  CA  . ILE A 1 24  ? -6.774  -8.027  11.217  1.00 35.15  ? 23  ILE A CA  1 
ATOM   189  C  C   . ILE A 1 24  ? -6.454  -7.366  12.570  1.00 32.69  ? 23  ILE A C   1 
ATOM   190  O  O   . ILE A 1 24  ? -5.452  -7.711  13.164  1.00 30.75  ? 23  ILE A O   1 
ATOM   191  C  CB  . ILE A 1 24  ? -6.351  -7.230  9.981   1.00 37.48  ? 23  ILE A CB  1 
ATOM   192  C  CG1 . ILE A 1 24  ? -6.576  -8.082  8.722   1.00 37.84  ? 23  ILE A CG1 1 
ATOM   193  C  CG2 . ILE A 1 24  ? -4.913  -6.737  10.135  1.00 38.79  ? 23  ILE A CG2 1 
ATOM   194  C  CD1 . ILE A 1 24  ? -6.387  -7.345  7.382   1.00 38.39  ? 23  ILE A CD1 1 
ATOM   195  N  N   . ARG A 1 25  ? -7.268  -6.440  13.064  1.00 32.23  ? 24  ARG A N   1 
ATOM   196  C  CA  . ARG A 1 25  ? -7.102  -5.856  14.420  1.00 30.85  ? 24  ARG A CA  1 
ATOM   197  C  C   . ARG A 1 25  ? -7.128  -6.941  15.495  1.00 37.19  ? 24  ARG A C   1 
ATOM   198  O  O   . ARG A 1 25  ? -6.315  -6.858  16.406  1.00 34.89  ? 24  ARG A O   1 
ATOM   199  C  CB  . ARG A 1 25  ? -8.208  -4.823  14.635  1.00 36.66  ? 24  ARG A CB  1 
ATOM   200  C  CG  . ARG A 1 25  ? -7.911  -3.488  13.985  1.00 39.42  ? 24  ARG A CG  1 
ATOM   201  C  CD  . ARG A 1 25  ? -8.862  -2.465  14.651  1.00 45.85  ? 24  ARG A CD  1 
ATOM   202  N  NE  . ARG A 1 25  ? -9.048  -1.361  13.728  1.00 62.95  ? 24  ARG A NE  1 
ATOM   203  C  CZ  . ARG A 1 25  ? -10.230 -0.920  13.283  1.00 62.96  ? 24  ARG A CZ  1 
ATOM   204  N  NH1 . ARG A 1 25  ? -11.371 -1.431  13.725  1.00 70.04  ? 24  ARG A NH1 1 
ATOM   205  N  NH2 . ARG A 1 25  ? -10.245 0.059   12.406  1.00 65.13  ? 24  ARG A NH2 1 
ATOM   206  N  N   . GLU A 1 26  ? -8.046  -7.911  15.412  1.00 37.27  ? 25  GLU A N   1 
ATOM   207  C  CA  . GLU A 1 26  ? -8.211  -8.963  16.443  1.00 39.57  ? 25  GLU A CA  1 
ATOM   208  C  C   . GLU A 1 26  ? -7.013  -9.918  16.374  1.00 35.68  ? 25  GLU A C   1 
ATOM   209  O  O   . GLU A 1 26  ? -6.481  -10.296 17.434  1.00 34.53  ? 25  GLU A O   1 
ATOM   210  C  CB  . GLU A 1 26  ? -9.547  -9.666  16.207  1.00 49.46  ? 25  GLU A CB  1 
ATOM   211  C  CG  . GLU A 1 26  ? -10.239 -10.135 17.465  1.00 68.57  ? 25  GLU A CG  1 
ATOM   212  C  CD  . GLU A 1 26  ? -10.879 -9.025  18.283  1.00 67.36  ? 25  GLU A CD  1 
ATOM   213  O  OE1 . GLU A 1 26  ? -10.375 -7.913  18.230  1.00 69.58  ? 25  GLU A OE1 1 
ATOM   214  O  OE2 . GLU A 1 26  ? -11.876 -9.291  18.989  1.00 83.15  ? 25  GLU A OE2 1 
ATOM   215  N  N   . GLN A 1 27  ? -6.626  -10.308 15.181  1.00 35.12  ? 26  GLN A N   1 
ATOM   216  C  CA  . GLN A 1 27  ? -5.645  -11.412 14.920  1.00 33.23  ? 26  GLN A CA  1 
ATOM   217  C  C   . GLN A 1 27  ? -4.226  -10.909 14.657  1.00 38.93  ? 26  GLN A C   1 
ATOM   218  O  O   . GLN A 1 27  ? -3.270  -11.680 14.867  1.00 34.22  ? 26  GLN A O   1 
ATOM   219  C  CB  . GLN A 1 27  ? -6.123  -12.221 13.741  1.00 35.64  ? 26  GLN A CB  1 
ATOM   220  C  CG  . GLN A 1 27  ? -7.407  -12.969 14.061  1.00 42.45  ? 26  GLN A CG  1 
ATOM   221  C  CD  . GLN A 1 27  ? -7.873  -13.800 12.882  1.00 59.38  ? 26  GLN A CD  1 
ATOM   222  O  OE1 . GLN A 1 27  ? -7.465  -13.587 11.731  1.00 57.71  ? 26  GLN A OE1 1 
ATOM   223  N  NE2 . GLN A 1 27  ? -8.741  -14.772 13.160  1.00 63.74  ? 26  GLN A NE2 1 
ATOM   224  N  N   . HIS A 1 28  ? -4.040  -9.699  14.158  1.00 33.91  ? 27  HIS A N   1 
ATOM   225  C  CA  . HIS A 1 28  ? -2.692  -9.187  13.834  1.00 34.73  ? 27  HIS A CA  1 
ATOM   226  C  C   . HIS A 1 28  ? -2.626  -7.771  14.345  1.00 34.29  ? 27  HIS A C   1 
ATOM   227  O  O   . HIS A 1 28  ? -2.434  -6.872  13.557  1.00 30.58  ? 27  HIS A O   1 
ATOM   228  C  CB  . HIS A 1 28  ? -2.388  -9.271  12.336  1.00 38.08  ? 27  HIS A CB  1 
ATOM   229  C  CG  . HIS A 1 28  ? -2.525  -10.658 11.803  1.00 43.24  ? 27  HIS A CG  1 
ATOM   230  N  ND1 . HIS A 1 28  ? -1.536  -11.604 11.985  1.00 37.54  ? 27  HIS A ND1 1 
ATOM   231  C  CD2 . HIS A 1 28  ? -3.515  -11.238 11.073  1.00 39.49  ? 27  HIS A CD2 1 
ATOM   232  C  CE1 . HIS A 1 28  ? -1.938  -12.720 11.396  1.00 41.45  ? 27  HIS A CE1 1 
ATOM   233  N  NE2 . HIS A 1 28  ? -3.141  -12.520 10.832  1.00 42.29  ? 27  HIS A NE2 1 
ATOM   234  N  N   . PRO A 1 29  ? -2.757  -7.578  15.665  1.00 33.50  ? 28  PRO A N   1 
ATOM   235  C  CA  . PRO A 1 29  ? -2.947  -6.242  16.238  1.00 30.67  ? 28  PRO A CA  1 
ATOM   236  C  C   . PRO A 1 29  ? -1.764  -5.299  15.999  1.00 29.21  ? 28  PRO A C   1 
ATOM   237  O  O   . PRO A 1 29  ? -2.007  -4.108  15.948  1.00 33.02  ? 28  PRO A O   1 
ATOM   238  C  CB  . PRO A 1 29  ? -3.139  -6.492  17.732  1.00 35.23  ? 28  PRO A CB  1 
ATOM   239  C  CG  . PRO A 1 29  ? -2.491  -7.875  17.970  1.00 33.67  ? 28  PRO A CG  1 
ATOM   240  C  CD  . PRO A 1 29  ? -2.798  -8.632  16.699  1.00 34.40  ? 28  PRO A CD  1 
ATOM   241  N  N   . THR A 1 30  ? -0.548  -5.810  15.757  1.00 27.98  ? 29  THR A N   1 
ATOM   242  C  CA  . THR A 1 30  ? 0.656   -4.958  15.540  1.00 29.59  ? 29  THR A CA  1 
ATOM   243  C  C   . THR A 1 30  ? 0.851   -4.626  14.057  1.00 25.95  ? 29  THR A C   1 
ATOM   244  O  O   . THR A 1 30  ? 1.882   -3.974  13.727  1.00 29.64  ? 29  THR A O   1 
ATOM   245  C  CB  . THR A 1 30  ? 1.916   -5.526  16.192  1.00 27.19  ? 29  THR A CB  1 
ATOM   246  O  OG1 . THR A 1 30  ? 2.409   -6.582  15.362  1.00 31.44  ? 29  THR A OG1 1 
ATOM   247  C  CG2 . THR A 1 30  ? 1.694   -5.990  17.624  1.00 27.81  ? 29  THR A CG2 1 
ATOM   248  N  N   . LYS A 1 31  ? -0.066  -5.019  13.181  1.00 28.43  ? 30  LYS A N   1 
ATOM   249  C  CA  . LYS A 1 31  ? 0.173   -4.904  11.716  1.00 28.21  ? 30  LYS A CA  1 
ATOM   250  C  C   . LYS A 1 31  ? -0.712  -3.793  11.157  1.00 29.01  ? 30  LYS A C   1 
ATOM   251  O  O   . LYS A 1 31  ? -1.891  -3.628  11.599  1.00 33.60  ? 30  LYS A O   1 
ATOM   252  C  CB  . LYS A 1 31  ? -0.067  -6.212  10.957  1.00 31.23  ? 30  LYS A CB  1 
ATOM   253  C  CG  . LYS A 1 31  ? 0.799   -7.385  11.407  1.00 35.15  ? 30  LYS A CG  1 
ATOM   254  C  CD  . LYS A 1 31  ? 2.261   -7.008  11.437  1.00 35.27  ? 30  LYS A CD  1 
ATOM   255  C  CE  . LYS A 1 31  ? 3.171   -8.052  12.070  1.00 39.47  ? 30  LYS A CE  1 
ATOM   256  N  NZ  . LYS A 1 31  ? 2.883   -9.387  11.536  1.00 38.86  ? 30  LYS A NZ  1 
ATOM   257  N  N   . ILE A 1 32  ? -0.184  -3.083  10.160  1.00 31.74  ? 31  ILE A N   1 
ATOM   258  C  CA  . ILE A 1 32  ? -0.996  -2.088  9.385   1.00 30.19  ? 31  ILE A CA  1 
ATOM   259  C  C   . ILE A 1 32  ? -1.556  -2.814  8.170   1.00 29.04  ? 31  ILE A C   1 
ATOM   260  O  O   . ILE A 1 32  ? -0.779  -3.429  7.434   1.00 29.00  ? 31  ILE A O   1 
ATOM   261  C  CB  . ILE A 1 32  ? -0.153  -0.838  9.019   1.00 30.52  ? 31  ILE A CB  1 
ATOM   262  C  CG1 . ILE A 1 32  ? 0.382   -0.162  10.279  1.00 33.28  ? 31  ILE A CG1 1 
ATOM   263  C  CG2 . ILE A 1 32  ? -0.985  0.124   8.163   1.00 32.02  ? 31  ILE A CG2 1 
ATOM   264  C  CD1 . ILE A 1 32  ? -0.647  0.203   11.347  1.00 33.81  ? 31  ILE A CD1 1 
ATOM   265  N  N   . PRO A 1 33  ? -2.893  -2.791  7.965   1.00 29.33  ? 32  PRO A N   1 
ATOM   266  C  CA  . PRO A 1 33  ? -3.507  -3.363  6.778   1.00 35.84  ? 32  PRO A CA  1 
ATOM   267  C  C   . PRO A 1 33  ? -3.363  -2.433  5.567   1.00 32.79  ? 32  PRO A C   1 
ATOM   268  O  O   . PRO A 1 33  ? -3.922  -1.303  5.592   1.00 36.00  ? 32  PRO A O   1 
ATOM   269  C  CB  . PRO A 1 33  ? -4.965  -3.515  7.197   1.00 30.77  ? 32  PRO A CB  1 
ATOM   270  C  CG  . PRO A 1 33  ? -5.206  -2.477  8.208   1.00 35.51  ? 32  PRO A CG  1 
ATOM   271  C  CD  . PRO A 1 33  ? -3.876  -2.182  8.854   1.00 34.40  ? 32  PRO A CD  1 
ATOM   272  N  N   . VAL A 1 34  ? -2.588  -2.890  4.580   1.00 32.04  ? 33  VAL A N   1 
ATOM   273  C  CA  . VAL A 1 34  ? -2.189  -2.093  3.411   1.00 31.55  ? 33  VAL A CA  1 
ATOM   274  C  C   . VAL A 1 34  ? -2.698  -2.791  2.142   1.00 39.77  ? 33  VAL A C   1 
ATOM   275  O  O   . VAL A 1 34  ? -2.533  -4.022  2.000   1.00 36.24  ? 33  VAL A O   1 
ATOM   276  C  CB  . VAL A 1 34  ? -0.678  -1.868  3.382   1.00 33.25  ? 33  VAL A CB  1 
ATOM   277  C  CG1 . VAL A 1 34  ? -0.267  -1.077  2.175   1.00 34.87  ? 33  VAL A CG1 1 
ATOM   278  C  CG2 . VAL A 1 34  ? -0.208  -1.206  4.661   1.00 31.63  ? 33  VAL A CG2 1 
ATOM   279  N  N   . ILE A 1 35  ? -3.358  -1.998  1.300   1.00 43.18  ? 34  ILE A N   1 
ATOM   280  C  CA  . ILE A 1 35  ? -3.727  -2.349  -0.106  1.00 39.31  ? 34  ILE A CA  1 
ATOM   281  C  C   . ILE A 1 35  ? -2.758  -1.673  -1.049  1.00 38.02  ? 34  ILE A C   1 
ATOM   282  O  O   . ILE A 1 35  ? -2.622  -0.450  -0.963  1.00 40.06  ? 34  ILE A O   1 
ATOM   283  C  CB  . ILE A 1 35  ? -5.162  -1.913  -0.418  1.00 41.14  ? 34  ILE A CB  1 
ATOM   284  C  CG1 . ILE A 1 35  ? -6.160  -2.452  0.607   1.00 39.47  ? 34  ILE A CG1 1 
ATOM   285  C  CG2 . ILE A 1 35  ? -5.491  -2.303  -1.867  1.00 46.36  ? 34  ILE A CG2 1 
ATOM   286  C  CD1 . ILE A 1 35  ? -6.249  -3.966  0.689   1.00 43.88  ? 34  ILE A CD1 1 
ATOM   287  N  N   . ILE A 1 36  ? -2.042  -2.482  -1.813  1.00 34.75  ? 35  ILE A N   1 
ATOM   288  C  CA  . ILE A 1 36  ? -1.015  -2.027  -2.770  1.00 35.87  ? 35  ILE A CA  1 
ATOM   289  C  C   . ILE A 1 36  ? -1.449  -2.549  -4.133  1.00 48.19  ? 35  ILE A C   1 
ATOM   290  O  O   . ILE A 1 36  ? -1.582  -3.785  -4.269  1.00 44.41  ? 35  ILE A O   1 
ATOM   291  C  CB  . ILE A 1 36  ? 0.386   -2.529  -2.421  1.00 41.06  ? 35  ILE A CB  1 
ATOM   292  C  CG1 . ILE A 1 36  ? 0.683   -2.381  -0.914  1.00 42.06  ? 35  ILE A CG1 1 
ATOM   293  C  CG2 . ILE A 1 36  ? 1.378   -1.787  -3.283  1.00 39.25  ? 35  ILE A CG2 1 
ATOM   294  C  CD1 . ILE A 1 36  ? 2.147   -2.701  -0.539  1.00 43.63  ? 35  ILE A CD1 1 
ATOM   295  N  N   . GLU A 1 37  ? -1.545  -1.621  -5.083  1.00 52.72  ? 36  GLU A N   1 
ATOM   296  C  CA  . GLU A 1 37  ? -2.109  -1.802  -6.445  1.00 53.51  ? 36  GLU A CA  1 
ATOM   297  C  C   . GLU A 1 37  ? -1.190  -1.117  -7.469  1.00 55.62  ? 36  GLU A C   1 
ATOM   298  O  O   . GLU A 1 37  ? -0.607  -0.062  -7.172  1.00 41.85  ? 36  GLU A O   1 
ATOM   299  C  CB  . GLU A 1 37  ? -3.555  -1.277  -6.452  1.00 48.80  ? 36  GLU A CB  1 
ATOM   300  C  CG  . GLU A 1 37  ? -4.504  -2.273  -5.804  1.00 52.27  ? 36  GLU A CG  1 
ATOM   301  C  CD  . GLU A 1 37  ? -5.990  -1.982  -5.801  1.00 55.17  ? 36  GLU A CD  1 
ATOM   302  O  OE1 . GLU A 1 37  ? -6.396  -0.915  -5.281  1.00 54.93  ? 36  GLU A OE1 1 
ATOM   303  O  OE2 . GLU A 1 37  ? -6.753  -2.868  -6.274  1.00 55.81  ? 36  GLU A OE2 1 
ATOM   304  N  N   . ARG A 1 38  ? -1.088  -1.712  -8.656  1.00 55.63  ? 37  ARG A N   1 
ATOM   305  C  CA  . ARG A 1 38  ? -0.429  -1.080  -9.820  1.00 57.07  ? 37  ARG A CA  1 
ATOM   306  C  C   . ARG A 1 38  ? -1.350  0.006   -10.406 1.00 61.15  ? 37  ARG A C   1 
ATOM   307  O  O   . ARG A 1 38  ? -2.612  -0.177  -10.441 1.00 56.88  ? 37  ARG A O   1 
ATOM   308  C  CB  . ARG A 1 38  ? -0.046  -2.130  -10.866 1.00 53.72  ? 37  ARG A CB  1 
ATOM   309  C  CG  . ARG A 1 38  ? 0.957   -1.581  -11.877 1.00 59.09  ? 37  ARG A CG  1 
ATOM   310  C  CD  . ARG A 1 38  ? 1.668   -2.610  -12.731 1.00 65.26  ? 37  ARG A CD  1 
ATOM   311  N  NE  . ARG A 1 38  ? 0.707   -3.341  -13.540 1.00 72.07  ? 37  ARG A NE  1 
ATOM   312  C  CZ  . ARG A 1 38  ? 0.990   -4.025  -14.642 1.00 71.60  ? 37  ARG A CZ  1 
ATOM   313  N  NH1 . ARG A 1 38  ? 2.229   -4.083  -15.108 1.00 70.52  ? 37  ARG A NH1 1 
ATOM   314  N  NH2 . ARG A 1 38  ? 0.013   -4.658  -15.266 1.00 70.45  ? 37  ARG A NH2 1 
ATOM   315  N  N   . TYR A 1 39  ? -0.746  1.139   -10.780 1.00 58.98  ? 38  TYR A N   1 
ATOM   316  C  CA  . TYR A 1 39  ? -1.400  2.246   -11.513 1.00 60.84  ? 38  TYR A CA  1 
ATOM   317  C  C   . TYR A 1 39  ? -2.037  1.618   -12.765 1.00 62.28  ? 38  TYR A C   1 
ATOM   318  O  O   . TYR A 1 39  ? -1.411  0.695   -13.377 1.00 51.10  ? 38  TYR A O   1 
ATOM   319  C  CB  . TYR A 1 39  ? -0.395  3.359   -11.814 1.00 70.65  ? 38  TYR A CB  1 
ATOM   320  C  CG  . TYR A 1 39  ? -0.932  4.404   -12.759 1.00 80.63  ? 38  TYR A CG  1 
ATOM   321  C  CD1 . TYR A 1 39  ? -2.035  5.175   -12.413 1.00 78.79  ? 38  TYR A CD1 1 
ATOM   322  C  CD2 . TYR A 1 39  ? -0.350  4.600   -14.003 1.00 82.15  ? 38  TYR A CD2 1 
ATOM   323  C  CE1 . TYR A 1 39  ? -2.556  6.106   -13.292 1.00 91.28  ? 38  TYR A CE1 1 
ATOM   324  C  CE2 . TYR A 1 39  ? -0.846  5.545   -14.884 1.00 87.94  ? 38  TYR A CE2 1 
ATOM   325  C  CZ  . TYR A 1 39  ? -1.957  6.289   -14.528 1.00 95.79  ? 38  TYR A CZ  1 
ATOM   326  O  OH  . TYR A 1 39  ? -2.456  7.220   -15.389 1.00 124.62 ? 38  TYR A OH  1 
ATOM   327  N  N   . LYS A 1 40  ? -3.290  1.984   -13.049 1.00 76.82  ? 39  LYS A N   1 
ATOM   328  C  CA  . LYS A 1 40  ? -4.094  1.360   -14.137 1.00 76.58  ? 39  LYS A CA  1 
ATOM   329  C  C   . LYS A 1 40  ? -3.378  1.629   -15.463 1.00 64.72  ? 39  LYS A C   1 
ATOM   330  O  O   . LYS A 1 40  ? -3.415  0.741   -16.291 1.00 61.19  ? 39  LYS A O   1 
ATOM   331  C  CB  . LYS A 1 40  ? -5.552  1.828   -14.080 1.00 87.37  ? 39  LYS A CB  1 
ATOM   332  C  CG  . LYS A 1 40  ? -5.770  3.332   -14.225 1.00 99.77  ? 39  LYS A CG  1 
ATOM   333  C  CD  . LYS A 1 40  ? -7.194  3.758   -13.946 1.00 106.93 ? 39  LYS A CD  1 
ATOM   334  C  CE  . LYS A 1 40  ? -8.217  2.863   -14.617 1.00 114.14 ? 39  LYS A CE  1 
ATOM   335  N  NZ  . LYS A 1 40  ? -7.937  2.695   -16.063 1.00 118.22 ? 39  LYS A NZ  1 
ATOM   336  N  N   . GLY A 1 41  ? -2.633  2.736   -15.594 1.00 65.80  ? 40  GLY A N   1 
ATOM   337  C  CA  . GLY A 1 41  ? -1.809  3.060   -16.784 1.00 68.37  ? 40  GLY A CA  1 
ATOM   338  C  C   . GLY A 1 41  ? -0.514  2.249   -16.951 1.00 79.78  ? 40  GLY A C   1 
ATOM   339  O  O   . GLY A 1 41  ? 0.037   2.216   -18.088 1.00 75.70  ? 40  GLY A O   1 
ATOM   340  N  N   . GLU A 1 42  ? -0.006  1.598   -15.903 1.00 75.57  ? 41  GLU A N   1 
ATOM   341  C  CA  . GLU A 1 42  ? 1.406   1.117   -15.848 1.00 71.26  ? 41  GLU A CA  1 
ATOM   342  C  C   . GLU A 1 42  ? 1.695   -0.002  -16.871 1.00 72.61  ? 41  GLU A C   1 
ATOM   343  O  O   . GLU A 1 42  ? 0.881   -0.949  -16.999 1.00 77.23  ? 41  GLU A O   1 
ATOM   344  C  CB  . GLU A 1 42  ? 1.739   0.646   -14.427 1.00 68.18  ? 41  GLU A CB  1 
ATOM   345  C  CG  . GLU A 1 42  ? 3.143   0.084   -14.301 1.00 55.10  ? 41  GLU A CG  1 
ATOM   346  C  CD  . GLU A 1 42  ? 4.243   1.097   -14.526 1.00 50.04  ? 41  GLU A CD  1 
ATOM   347  O  OE1 . GLU A 1 42  ? 4.045   2.297   -14.176 1.00 51.97  ? 41  GLU A OE1 1 
ATOM   348  O  OE2 . GLU A 1 42  ? 5.314   0.674   -15.013 1.00 57.89  ? 41  GLU A OE2 1 
ATOM   349  N  N   . LYS A 1 43  ? 2.860   0.082   -17.529 1.00 81.53  ? 42  LYS A N   1 
ATOM   350  C  CA  . LYS A 1 43  ? 3.320   -0.871  -18.574 1.00 91.23  ? 42  LYS A CA  1 
ATOM   351  C  C   . LYS A 1 43  ? 4.572   -1.604  -18.086 1.00 87.55  ? 42  LYS A C   1 
ATOM   352  O  O   . LYS A 1 43  ? 4.664   -2.817  -18.369 1.00 100.17 ? 42  LYS A O   1 
ATOM   353  C  CB  . LYS A 1 43  ? 3.613   -0.155  -19.903 1.00 94.87  ? 42  LYS A CB  1 
ATOM   354  C  CG  . LYS A 1 43  ? 2.480   0.696   -20.466 1.00 106.51 ? 42  LYS A CG  1 
ATOM   355  C  CD  . LYS A 1 43  ? 1.144   -0.025  -20.517 1.00 109.34 ? 42  LYS A CD  1 
ATOM   356  C  CE  . LYS A 1 43  ? 0.133   0.625   -21.437 1.00 104.03 ? 42  LYS A CE  1 
ATOM   357  N  NZ  . LYS A 1 43  ? -1.018  -0.276  -21.675 1.00 111.46 ? 42  LYS A NZ  1 
ATOM   358  N  N   . GLN A 1 44  ? 5.492   -0.914  -17.392 1.00 79.35  ? 43  GLN A N   1 
ATOM   359  C  CA  . GLN A 1 44  ? 6.889   -1.393  -17.166 1.00 75.95  ? 43  GLN A CA  1 
ATOM   360  C  C   . GLN A 1 44  ? 6.978   -2.380  -15.978 1.00 73.02  ? 43  GLN A C   1 
ATOM   361  O  O   . GLN A 1 44  ? 7.556   -3.468  -16.177 1.00 77.87  ? 43  GLN A O   1 
ATOM   362  C  CB  . GLN A 1 44  ? 7.858   -0.209  -17.029 1.00 89.05  ? 43  GLN A CB  1 
ATOM   363  C  CG  . GLN A 1 44  ? 7.887   0.746   -18.224 1.00 98.02  ? 43  GLN A CG  1 
ATOM   364  C  CD  . GLN A 1 44  ? 7.766   0.070   -19.573 1.00 111.98 ? 43  GLN A CD  1 
ATOM   365  O  OE1 . GLN A 1 44  ? 8.422   -0.933  -19.853 1.00 123.23 ? 43  GLN A OE1 1 
ATOM   366  N  NE2 . GLN A 1 44  ? 6.927   0.624   -20.436 1.00 111.93 ? 43  GLN A NE2 1 
ATOM   367  N  N   . LEU A 1 45  ? 6.439   -2.059  -14.794 1.00 64.56  ? 44  LEU A N   1 
ATOM   368  C  CA  . LEU A 1 45  ? 6.621   -2.879  -13.559 1.00 61.36  ? 44  LEU A CA  1 
ATOM   369  C  C   . LEU A 1 45  ? 5.684   -4.080  -13.581 1.00 57.96  ? 44  LEU A C   1 
ATOM   370  O  O   . LEU A 1 45  ? 4.569   -3.996  -14.080 1.00 53.76  ? 44  LEU A O   1 
ATOM   371  C  CB  . LEU A 1 45  ? 6.317   -2.021  -12.327 1.00 64.06  ? 44  LEU A CB  1 
ATOM   372  C  CG  . LEU A 1 45  ? 7.172   -0.774  -12.143 1.00 60.47  ? 44  LEU A CG  1 
ATOM   373  C  CD1 . LEU A 1 45  ? 6.573   0.150   -11.096 1.00 55.90  ? 44  LEU A CD1 1 
ATOM   374  C  CD2 . LEU A 1 45  ? 8.596   -1.144  -11.768 1.00 60.25  ? 44  LEU A CD2 1 
ATOM   375  N  N   . PRO A 1 46  ? 6.062   -5.230  -12.986 1.00 56.19  ? 45  PRO A N   1 
ATOM   376  C  CA  . PRO A 1 46  ? 5.145   -6.360  -12.903 1.00 58.24  ? 45  PRO A CA  1 
ATOM   377  C  C   . PRO A 1 46  ? 3.993   -6.038  -11.938 1.00 61.84  ? 45  PRO A C   1 
ATOM   378  O  O   . PRO A 1 46  ? 4.100   -5.060  -11.210 1.00 56.91  ? 45  PRO A O   1 
ATOM   379  C  CB  . PRO A 1 46  ? 5.983   -7.539  -12.390 1.00 61.13  ? 45  PRO A CB  1 
ATOM   380  C  CG  . PRO A 1 46  ? 7.329   -6.961  -11.975 1.00 63.16  ? 45  PRO A CG  1 
ATOM   381  C  CD  . PRO A 1 46  ? 7.375   -5.505  -12.400 1.00 63.96  ? 45  PRO A CD  1 
ATOM   382  N  N   . VAL A 1 47  ? 2.941   -6.860  -11.946 1.00 59.67  ? 46  VAL A N   1 
ATOM   383  C  CA  . VAL A 1 47  ? 1.903   -6.887  -10.866 1.00 61.11  ? 46  VAL A CA  1 
ATOM   384  C  C   . VAL A 1 47  ? 2.430   -7.692  -9.678  1.00 57.29  ? 46  VAL A C   1 
ATOM   385  O  O   . VAL A 1 47  ? 3.187   -8.666  -9.920  1.00 58.14  ? 46  VAL A O   1 
ATOM   386  C  CB  . VAL A 1 47  ? 0.559   -7.480  -11.320 1.00 65.91  ? 46  VAL A CB  1 
ATOM   387  C  CG1 . VAL A 1 47  ? -0.060  -6.669  -12.442 1.00 59.09  ? 46  VAL A CG1 1 
ATOM   388  C  CG2 . VAL A 1 47  ? 0.692   -8.954  -11.682 1.00 71.54  ? 46  VAL A CG2 1 
ATOM   389  N  N   . LEU A 1 48  ? 1.975   -7.345  -8.465  1.00 51.72  ? 47  LEU A N   1 
ATOM   390  C  CA  . LEU A 1 48  ? 2.338   -8.057  -7.213  1.00 55.51  ? 47  LEU A CA  1 
ATOM   391  C  C   . LEU A 1 48  ? 1.607   -9.392  -7.183  1.00 56.55  ? 47  LEU A C   1 
ATOM   392  O  O   . LEU A 1 48  ? 0.604   -9.530  -7.868  1.00 50.97  ? 47  LEU A O   1 
ATOM   393  C  CB  . LEU A 1 48  ? 1.949   -7.233  -5.980  1.00 55.73  ? 47  LEU A CB  1 
ATOM   394  C  CG  . LEU A 1 48  ? 2.820   -6.006  -5.702  1.00 54.63  ? 47  LEU A CG  1 
ATOM   395  C  CD1 . LEU A 1 48  ? 2.190   -5.141  -4.631  1.00 58.24  ? 47  LEU A CD1 1 
ATOM   396  C  CD2 . LEU A 1 48  ? 4.234   -6.407  -5.302  1.00 58.99  ? 47  LEU A CD2 1 
ATOM   397  N  N   . ASP A 1 49  ? 2.099   -10.318 -6.365  1.00 57.41  ? 48  ASP A N   1 
ATOM   398  C  CA  . ASP A 1 49  ? 1.535   -11.676 -6.224  1.00 51.24  ? 48  ASP A CA  1 
ATOM   399  C  C   . ASP A 1 49  ? 0.246   -11.584 -5.390  1.00 54.04  ? 48  ASP A C   1 
ATOM   400  O  O   . ASP A 1 49  ? -0.531  -12.538 -5.417  1.00 51.14  ? 48  ASP A O   1 
ATOM   401  C  CB  . ASP A 1 49  ? 2.649   -12.586 -5.716  1.00 56.91  ? 48  ASP A CB  1 
ATOM   402  C  CG  . ASP A 1 49  ? 3.214   -12.147 -4.368  1.00 67.96  ? 48  ASP A CG  1 
ATOM   403  O  OD1 . ASP A 1 49  ? 2.845   -12.833 -3.390  1.00 72.19  ? 48  ASP A OD1 1 
ATOM   404  O  OD2 . ASP A 1 49  ? 4.015   -11.109 -4.302  1.00 61.49  ? 48  ASP A OD2 1 
ATOM   405  N  N   . LYS A 1 50  ? 0.011   -10.470 -4.669  1.00 54.29  ? 49  LYS A N   1 
ATOM   406  C  CA  . LYS A 1 50  ? -1.216  -10.247 -3.852  1.00 49.54  ? 49  LYS A CA  1 
ATOM   407  C  C   . LYS A 1 50  ? -1.481  -8.735  -3.750  1.00 41.02  ? 49  LYS A C   1 
ATOM   408  O  O   . LYS A 1 50  ? -0.669  -7.959  -4.230  1.00 43.08  ? 49  LYS A O   1 
ATOM   409  C  CB  . LYS A 1 50  ? -1.098  -10.951 -2.491  1.00 53.08  ? 49  LYS A CB  1 
ATOM   410  C  CG  . LYS A 1 50  ? -0.045  -10.422 -1.521  1.00 54.68  ? 49  LYS A CG  1 
ATOM   411  C  CD  . LYS A 1 50  ? 0.021   -11.172 -0.171  1.00 52.18  ? 49  LYS A CD  1 
ATOM   412  C  CE  . LYS A 1 50  ? 0.931   -10.497 0.849   1.00 49.64  ? 49  LYS A CE  1 
ATOM   413  N  NZ  . LYS A 1 50  ? 0.777   -11.080 2.206   1.00 45.09  ? 49  LYS A NZ  1 
ATOM   414  N  N   A THR A 1 51  ? -2.594  -8.340  -3.127  0.06 41.93  ? 50  THR A N   1 
ATOM   415  N  N   B THR A 1 51  ? -2.598  -8.375  -3.109  0.45 44.88  ? 50  THR A N   1 
ATOM   416  C  CA  A THR A 1 51  ? -3.004  -6.914  -2.989  0.06 41.00  ? 50  THR A CA  1 
ATOM   417  C  CA  B THR A 1 51  ? -3.151  -6.993  -2.991  0.45 45.86  ? 50  THR A CA  1 
ATOM   418  C  C   A THR A 1 51  ? -3.104  -6.502  -1.513  0.06 39.87  ? 50  THR A C   1 
ATOM   419  C  C   B THR A 1 51  ? -3.152  -6.514  -1.530  0.45 41.07  ? 50  THR A C   1 
ATOM   420  O  O   A THR A 1 51  ? -2.845  -5.313  -1.239  0.06 39.97  ? 50  THR A O   1 
ATOM   421  O  O   B THR A 1 51  ? -2.973  -5.296  -1.296  0.45 38.92  ? 50  THR A O   1 
ATOM   422  C  CB  A THR A 1 51  ? -4.299  -6.640  -3.765  0.06 40.89  ? 50  THR A CB  1 
ATOM   423  C  CB  B THR A 1 51  ? -4.586  -6.958  -3.537  0.45 46.96  ? 50  THR A CB  1 
ATOM   424  O  OG1 A THR A 1 51  ? -4.574  -5.242  -3.680  0.06 41.63  ? 50  THR A OG1 1 
ATOM   425  O  OG1 B THR A 1 51  ? -4.487  -7.189  -4.940  0.45 56.04  ? 50  THR A OG1 1 
ATOM   426  C  CG2 A THR A 1 51  ? -5.472  -7.443  -3.250  0.06 40.97  ? 50  THR A CG2 1 
ATOM   427  C  CG2 B THR A 1 51  ? -5.318  -5.662  -3.274  0.45 50.28  ? 50  THR A CG2 1 
ATOM   428  N  N   . LYS A 1 52  ? -3.465  -7.417  -0.603  1.00 38.45  ? 51  LYS A N   1 
ATOM   429  C  CA  . LYS A 1 52  ? -3.585  -7.103  0.843   1.00 37.85  ? 51  LYS A CA  1 
ATOM   430  C  C   . LYS A 1 52  ? -2.302  -7.518  1.591   1.00 41.93  ? 51  LYS A C   1 
ATOM   431  O  O   . LYS A 1 52  ? -1.865  -8.710  1.488   1.00 38.44  ? 51  LYS A O   1 
ATOM   432  C  CB  . LYS A 1 52  ? -4.863  -7.772  1.361   1.00 38.53  ? 51  LYS A CB  1 
ATOM   433  C  CG  . LYS A 1 52  ? -5.175  -7.420  2.791   1.00 42.96  ? 51  LYS A CG  1 
ATOM   434  C  CD  . LYS A 1 52  ? -6.421  -8.087  3.281   1.00 54.40  ? 51  LYS A CD  1 
ATOM   435  C  CE  . LYS A 1 52  ? -6.200  -9.532  3.689   1.00 55.56  ? 51  LYS A CE  1 
ATOM   436  N  NZ  . LYS A 1 52  ? -7.424  -10.090 4.302   1.00 54.54  ? 51  LYS A NZ  1 
ATOM   437  N  N   . PHE A 1 53  ? -1.733  -6.586  2.368   1.00 36.20  ? 52  PHE A N   1 
ATOM   438  C  CA  . PHE A 1 53  ? -0.402  -6.731  2.992   1.00 32.33  ? 52  PHE A CA  1 
ATOM   439  C  C   . PHE A 1 53  ? -0.566  -6.412  4.471   1.00 34.11  ? 52  PHE A C   1 
ATOM   440  O  O   . PHE A 1 53  ? -1.268  -5.434  4.836   1.00 31.40  ? 52  PHE A O   1 
ATOM   441  C  CB  . PHE A 1 53  ? 0.641   -5.830  2.330   1.00 33.82  ? 52  PHE A CB  1 
ATOM   442  C  CG  . PHE A 1 53  ? 0.970   -6.261  0.933   1.00 37.87  ? 52  PHE A CG  1 
ATOM   443  C  CD1 . PHE A 1 53  ? 0.173   -5.875  -0.127  1.00 40.32  ? 52  PHE A CD1 1 
ATOM   444  C  CD2 . PHE A 1 53  ? 2.021   -7.127  0.700   1.00 37.52  ? 52  PHE A CD2 1 
ATOM   445  C  CE1 . PHE A 1 53  ? 0.433   -6.326  -1.404  1.00 39.22  ? 52  PHE A CE1 1 
ATOM   446  C  CE2 . PHE A 1 53  ? 2.288   -7.563  -0.591  1.00 44.96  ? 52  PHE A CE2 1 
ATOM   447  C  CZ  . PHE A 1 53  ? 1.483   -7.178  -1.632  1.00 42.02  ? 52  PHE A CZ  1 
ATOM   448  N  N   . LEU A 1 54  ? 0.131   -7.168  5.304   1.00 28.86  ? 53  LEU A N   1 
ATOM   449  C  CA  . LEU A 1 54  ? 0.181   -6.861  6.749   1.00 28.39  ? 53  LEU A CA  1 
ATOM   450  C  C   . LEU A 1 54  ? 1.554   -6.280  7.076   1.00 29.88  ? 53  LEU A C   1 
ATOM   451  O  O   . LEU A 1 54  ? 2.521   -7.020  7.197   1.00 31.32  ? 53  LEU A O   1 
ATOM   452  C  CB  . LEU A 1 54  ? -0.188  -8.108  7.557   1.00 29.74  ? 53  LEU A CB  1 
ATOM   453  C  CG  . LEU A 1 54  ? -1.567  -8.742  7.346   1.00 29.55  ? 53  LEU A CG  1 
ATOM   454  C  CD1 . LEU A 1 54  ? -1.841  -9.712  8.474   1.00 40.55  ? 53  LEU A CD1 1 
ATOM   455  C  CD2 . LEU A 1 54  ? -2.727  -7.746  7.250   1.00 35.89  ? 53  LEU A CD2 1 
ATOM   456  N  N   . VAL A 1 55  ? 1.652   -4.973  7.234   1.00 29.64  ? 54  VAL A N   1 
ATOM   457  C  CA  . VAL A 1 55  ? 2.975   -4.291  7.383   1.00 30.11  ? 54  VAL A CA  1 
ATOM   458  C  C   . VAL A 1 55  ? 3.257   -4.010  8.858   1.00 28.32  ? 54  VAL A C   1 
ATOM   459  O  O   . VAL A 1 55  ? 2.470   -3.371  9.547   1.00 30.96  ? 54  VAL A O   1 
ATOM   460  C  CB  . VAL A 1 55  ? 3.070   -3.041  6.509   1.00 29.43  ? 54  VAL A CB  1 
ATOM   461  C  CG1 . VAL A 1 55  ? 4.431   -2.396  6.610   1.00 28.48  ? 54  VAL A CG1 1 
ATOM   462  C  CG2 . VAL A 1 55  ? 2.737   -3.364  5.061   1.00 30.57  ? 54  VAL A CG2 1 
ATOM   463  N  N   . PRO A 1 56  ? 4.380   -4.496  9.404   1.00 34.42  ? 55  PRO A N   1 
ATOM   464  C  CA  . PRO A 1 56  ? 4.753   -4.176  10.806  1.00 32.02  ? 55  PRO A CA  1 
ATOM   465  C  C   . PRO A 1 56  ? 4.711   -2.674  11.081  1.00 30.86  ? 55  PRO A C   1 
ATOM   466  O  O   . PRO A 1 56  ? 5.321   -1.884  10.323  1.00 29.92  ? 55  PRO A O   1 
ATOM   467  C  CB  . PRO A 1 56  ? 6.214   -4.633  10.906  1.00 30.70  ? 55  PRO A CB  1 
ATOM   468  C  CG  . PRO A 1 56  ? 6.230   -5.776  9.898   1.00 36.02  ? 55  PRO A CG  1 
ATOM   469  C  CD  . PRO A 1 56  ? 5.413   -5.281  8.709   1.00 34.33  ? 55  PRO A CD  1 
ATOM   470  N  N   . ASP A 1 57  ? 4.071   -2.261  12.174  1.00 32.20  ? 56  ASP A N   1 
ATOM   471  C  CA  . ASP A 1 57  ? 3.669   -0.830  12.307  1.00 29.74  ? 56  ASP A CA  1 
ATOM   472  C  C   . ASP A 1 57  ? 4.891   0.059   12.635  1.00 32.95  ? 56  ASP A C   1 
ATOM   473  O  O   . ASP A 1 57  ? 4.708   1.283   12.702  1.00 37.08  ? 56  ASP A O   1 
ATOM   474  C  CB  . ASP A 1 57  ? 2.479   -0.672  13.227  1.00 29.52  ? 56  ASP A CB  1 
ATOM   475  C  CG  . ASP A 1 57  ? 2.843   -0.662  14.721  1.00 38.73  ? 56  ASP A CG  1 
ATOM   476  O  OD1 . ASP A 1 57  ? 3.890   -1.205  15.017  1.00 35.85  ? 56  ASP A OD1 1 
ATOM   477  O  OD2 . ASP A 1 57  ? 2.078   -0.074  15.547  1.00 38.75  ? 56  ASP A OD2 1 
ATOM   478  N  N   . HIS A 1 58  ? 6.093   -0.497  12.788  1.00 34.12  ? 57  HIS A N   1 
ATOM   479  C  CA  . HIS A 1 58  ? 7.294   0.292   13.193  1.00 38.43  ? 57  HIS A CA  1 
ATOM   480  C  C   . HIS A 1 58  ? 8.081   0.684   11.948  1.00 37.86  ? 57  HIS A C   1 
ATOM   481  O  O   . HIS A 1 58  ? 8.995   1.585   12.043  1.00 35.76  ? 57  HIS A O   1 
ATOM   482  C  CB  . HIS A 1 58  ? 8.190   -0.488  14.188  1.00 40.06  ? 57  HIS A CB  1 
ATOM   483  C  CG  . HIS A 1 58  ? 8.752   -1.721  13.582  1.00 40.14  ? 57  HIS A CG  1 
ATOM   484  N  ND1 . HIS A 1 58  ? 9.987   -1.745  12.922  1.00 43.77  ? 57  HIS A ND1 1 
ATOM   485  C  CD2 . HIS A 1 58  ? 8.233   -2.964  13.483  1.00 42.92  ? 57  HIS A CD2 1 
ATOM   486  C  CE1 . HIS A 1 58  ? 10.199  -2.963  12.447  1.00 48.57  ? 57  HIS A CE1 1 
ATOM   487  N  NE2 . HIS A 1 58  ? 9.134   -3.721  12.765  1.00 46.39  ? 57  HIS A NE2 1 
ATOM   488  N  N   . VAL A 1 59  ? 7.806   0.075   10.790  1.00 35.53  ? 58  VAL A N   1 
ATOM   489  C  CA  . VAL A 1 59  ? 8.640   0.414   9.594   1.00 37.26  ? 58  VAL A CA  1 
ATOM   490  C  C   . VAL A 1 59  ? 8.260   1.818   9.084   1.00 37.03  ? 58  VAL A C   1 
ATOM   491  O  O   . VAL A 1 59  ? 7.093   2.155   9.036   1.00 37.09  ? 58  VAL A O   1 
ATOM   492  C  CB  . VAL A 1 59  ? 8.613   -0.680  8.501   1.00 40.07  ? 58  VAL A CB  1 
ATOM   493  C  CG1 . VAL A 1 59  ? 8.808   -2.072  9.110   1.00 37.46  ? 58  VAL A CG1 1 
ATOM   494  C  CG2 . VAL A 1 59  ? 7.345   -0.632  7.681   1.00 44.25  ? 58  VAL A CG2 1 
ATOM   495  N  N   . ASN A 1 60  ? 9.225   2.600   8.635   1.00 37.33  ? 59  ASN A N   1 
ATOM   496  C  CA  . ASN A 1 60  ? 8.916   3.896   7.964   1.00 36.49  ? 59  ASN A CA  1 
ATOM   497  C  C   . ASN A 1 60  ? 8.710   3.729   6.451   1.00 41.12  ? 59  ASN A C   1 
ATOM   498  O  O   . ASN A 1 60  ? 8.894   2.593   5.915   1.00 31.80  ? 59  ASN A O   1 
ATOM   499  C  CB  . ASN A 1 60  ? 9.970   4.946   8.294   1.00 41.69  ? 59  ASN A CB  1 
ATOM   500  C  CG  . ASN A 1 60  ? 11.353  4.634   7.784   1.00 40.65  ? 59  ASN A CG  1 
ATOM   501  O  OD1 . ASN A 1 60  ? 11.537  4.056   6.723   1.00 45.75  ? 59  ASN A OD1 1 
ATOM   502  N  ND2 . ASN A 1 60  ? 12.343  5.055   8.548   1.00 43.73  ? 59  ASN A ND2 1 
ATOM   503  N  N   . MET A 1 61  ? 8.224   4.787   5.768   1.00 34.90  ? 60  MET A N   1 
ATOM   504  C  CA  . MET A 1 61  ? 7.850   4.635   4.339   1.00 36.82  ? 60  MET A CA  1 
ATOM   505  C  C   . MET A 1 61  ? 9.058   4.249   3.471   1.00 34.68  ? 60  MET A C   1 
ATOM   506  O  O   . MET A 1 61  ? 8.902   3.519   2.486   1.00 35.33  ? 60  MET A O   1 
ATOM   507  C  CB  . MET A 1 61  ? 7.199   5.913   3.787   1.00 43.65  ? 60  MET A CB  1 
ATOM   508  C  CG  . MET A 1 61  ? 5.851   6.176   4.421   1.00 46.65  ? 60  MET A CG  1 
ATOM   509  S  SD  . MET A 1 61  ? 4.707   4.748   4.409   1.00 53.35  ? 60  MET A SD  1 
ATOM   510  C  CE  . MET A 1 61  ? 4.614   4.395   2.663   1.00 48.74  ? 60  MET A CE  1 
ATOM   511  N  N   A SER A 1 62  ? 10.237  4.772   3.809   0.47 35.90  ? 61  SER A N   1 
ATOM   512  N  N   B SER A 1 62  ? 10.241  4.770   3.817   0.04 35.26  ? 61  SER A N   1 
ATOM   513  C  CA  A SER A 1 62  ? 11.494  4.503   3.083   0.47 38.53  ? 61  SER A CA  1 
ATOM   514  C  CA  B SER A 1 62  ? 11.519  4.521   3.099   0.04 35.46  ? 61  SER A CA  1 
ATOM   515  C  C   A SER A 1 62  ? 11.749  2.992   3.065   0.47 37.76  ? 61  SER A C   1 
ATOM   516  C  C   B SER A 1 62  ? 11.814  3.016   3.088   0.04 35.81  ? 61  SER A C   1 
ATOM   517  O  O   A SER A 1 62  ? 12.019  2.441   1.986   0.47 33.03  ? 61  SER A O   1 
ATOM   518  O  O   B SER A 1 62  ? 12.181  2.496   2.021   0.04 35.88  ? 61  SER A O   1 
ATOM   519  C  CB  A SER A 1 62  ? 12.639  5.238   3.706   0.47 41.13  ? 61  SER A CB  1 
ATOM   520  C  CB  B SER A 1 62  ? 12.657  5.314   3.697   0.04 35.33  ? 61  SER A CB  1 
ATOM   521  O  OG  A SER A 1 62  ? 13.833  4.879   3.048   0.47 46.78  ? 61  SER A OG  1 
ATOM   522  O  OG  B SER A 1 62  ? 13.019  4.817   4.976   0.04 34.89  ? 61  SER A OG  1 
ATOM   523  N  N   . GLU A 1 63  ? 11.637  2.342   4.229   1.00 36.13  ? 62  GLU A N   1 
ATOM   524  C  CA  . GLU A 1 63  ? 11.803  0.866   4.309   1.00 35.19  ? 62  GLU A CA  1 
ATOM   525  C  C   . GLU A 1 63  ? 10.648  0.198   3.557   1.00 32.40  ? 62  GLU A C   1 
ATOM   526  O  O   . GLU A 1 63  ? 10.914  -0.770  2.936   1.00 29.75  ? 62  GLU A O   1 
ATOM   527  C  CB  . GLU A 1 63  ? 11.900  0.423   5.782   1.00 36.39  ? 62  GLU A CB  1 
ATOM   528  C  CG  . GLU A 1 63  ? 11.922  -1.081  5.946   1.00 34.95  ? 62  GLU A CG  1 
ATOM   529  C  CD  . GLU A 1 63  ? 13.052  -1.837  5.259   1.00 34.97  ? 62  GLU A CD  1 
ATOM   530  O  OE1 . GLU A 1 63  ? 14.062  -1.196  4.853   1.00 34.08  ? 62  GLU A OE1 1 
ATOM   531  O  OE2 . GLU A 1 63  ? 12.935  -3.072  5.109   1.00 33.02  ? 62  GLU A OE2 1 
ATOM   532  N  N   . LEU A 1 64  ? 9.397   0.672   3.639   1.00 32.88  ? 63  LEU A N   1 
ATOM   533  C  CA  . LEU A 1 64  ? 8.292   0.002   2.917   1.00 32.30  ? 63  LEU A CA  1 
ATOM   534  C  C   . LEU A 1 64  ? 8.553   0.052   1.410   1.00 32.03  ? 63  LEU A C   1 
ATOM   535  O  O   . LEU A 1 64  ? 8.209   -0.941  0.722   1.00 32.05  ? 63  LEU A O   1 
ATOM   536  C  CB  . LEU A 1 64  ? 6.930   0.606   3.242   1.00 35.69  ? 63  LEU A CB  1 
ATOM   537  C  CG  . LEU A 1 64  ? 5.764   -0.027  2.487   1.00 36.38  ? 63  LEU A CG  1 
ATOM   538  C  CD1 . LEU A 1 64  ? 5.721   -1.533  2.703   1.00 36.03  ? 63  LEU A CD1 1 
ATOM   539  C  CD2 . LEU A 1 64  ? 4.433   0.578   2.878   1.00 41.73  ? 63  LEU A CD2 1 
ATOM   540  N  N   . ILE A 1 65  ? 9.126   1.131   0.902   1.00 38.21  ? 64  ILE A N   1 
ATOM   541  C  CA  . ILE A 1 65  ? 9.461   1.233   -0.562  1.00 37.92  ? 64  ILE A CA  1 
ATOM   542  C  C   . ILE A 1 65  ? 10.513  0.158   -0.867  1.00 37.19  ? 64  ILE A C   1 
ATOM   543  O  O   . ILE A 1 65  ? 10.382  -0.522  -1.861  1.00 39.60  ? 64  ILE A O   1 
ATOM   544  C  CB  . ILE A 1 65  ? 9.933   2.651   -0.986  1.00 36.54  ? 64  ILE A CB  1 
ATOM   545  C  CG1 . ILE A 1 65  ? 8.796   3.683   -0.970  1.00 36.24  ? 64  ILE A CG1 1 
ATOM   546  C  CG2 . ILE A 1 65  ? 10.607  2.590   -2.369  1.00 40.71  ? 64  ILE A CG2 1 
ATOM   547  C  CD1 . ILE A 1 65  ? 9.270   5.124   -0.731  1.00 38.08  ? 64  ILE A CD1 1 
ATOM   548  N  N   . LYS A 1 66  ? 11.511  -0.035  0.003   1.00 39.63  ? 65  LYS A N   1 
ATOM   549  C  CA  . LYS A 1 66  ? 12.547  -1.090  -0.214  1.00 36.15  ? 65  LYS A CA  1 
ATOM   550  C  C   . LYS A 1 66  ? 11.921  -2.484  -0.185  1.00 33.51  ? 65  LYS A C   1 
ATOM   551  O  O   . LYS A 1 66  ? 12.299  -3.326  -1.018  1.00 35.29  ? 65  LYS A O   1 
ATOM   552  C  CB  . LYS A 1 66  ? 13.637  -0.966  0.830   1.00 44.06  ? 65  LYS A CB  1 
ATOM   553  C  CG  . LYS A 1 66  ? 14.467  0.289   0.659   1.00 47.66  ? 65  LYS A CG  1 
ATOM   554  C  CD  . LYS A 1 66  ? 15.607  0.409   1.623   1.00 43.77  ? 65  LYS A CD  1 
ATOM   555  C  CE  . LYS A 1 66  ? 15.976  1.876   1.752   1.00 51.86  ? 65  LYS A CE  1 
ATOM   556  N  NZ  . LYS A 1 66  ? 17.335  2.031   2.282   1.00 60.89  ? 65  LYS A NZ  1 
ATOM   557  N  N   . ILE A 1 67  ? 11.010  -2.725  0.752   1.00 35.10  ? 66  ILE A N   1 
ATOM   558  C  CA  . ILE A 1 67  ? 10.236  -3.996  0.811   1.00 33.14  ? 66  ILE A CA  1 
ATOM   559  C  C   . ILE A 1 67  ? 9.522   -4.285  -0.531  1.00 36.41  ? 66  ILE A C   1 
ATOM   560  O  O   . ILE A 1 67  ? 9.651   -5.386  -1.055  1.00 34.64  ? 66  ILE A O   1 
ATOM   561  C  CB  . ILE A 1 67  ? 9.258   -3.932  2.000   1.00 30.71  ? 66  ILE A CB  1 
ATOM   562  C  CG1 . ILE A 1 67  ? 10.006  -3.891  3.325   1.00 29.50  ? 66  ILE A CG1 1 
ATOM   563  C  CG2 . ILE A 1 67  ? 8.223   -5.053  1.978   1.00 33.72  ? 66  ILE A CG2 1 
ATOM   564  C  CD1 . ILE A 1 67  ? 9.093   -3.701  4.575   1.00 29.19  ? 66  ILE A CD1 1 
ATOM   565  N  N   A ILE A 1 68  ? 8.763   -3.321  -1.061  0.17 36.62  ? 67  ILE A N   1 
ATOM   566  N  N   B ILE A 1 68  ? 8.751   -3.323  -1.051  0.34 37.06  ? 67  ILE A N   1 
ATOM   567  C  CA  A ILE A 1 68  ? 7.949   -3.530  -2.301  0.17 37.39  ? 67  ILE A CA  1 
ATOM   568  C  CA  B ILE A 1 68  ? 7.952   -3.523  -2.305  0.34 38.01  ? 67  ILE A CA  1 
ATOM   569  C  C   A ILE A 1 68  ? 8.881   -3.672  -3.516  0.17 40.41  ? 67  ILE A C   1 
ATOM   570  C  C   B ILE A 1 68  ? 8.900   -3.695  -3.503  0.34 41.71  ? 67  ILE A C   1 
ATOM   571  O  O   A ILE A 1 68  ? 8.575   -4.513  -4.393  0.17 42.12  ? 67  ILE A O   1 
ATOM   572  O  O   B ILE A 1 68  ? 8.634   -4.586  -4.352  0.34 43.88  ? 67  ILE A O   1 
ATOM   573  C  CB  A ILE A 1 68  ? 6.905   -2.415  -2.498  0.17 37.36  ? 67  ILE A CB  1 
ATOM   574  C  CB  B ILE A 1 68  ? 6.949   -2.378  -2.530  0.34 39.92  ? 67  ILE A CB  1 
ATOM   575  C  CG1 A ILE A 1 68  ? 5.953   -2.311  -1.304  0.17 35.77  ? 67  ILE A CG1 1 
ATOM   576  C  CG1 B ILE A 1 68  ? 6.017   -2.190  -1.335  0.34 38.36  ? 67  ILE A CG1 1 
ATOM   577  C  CG2 A ILE A 1 68  ? 6.145   -2.632  -3.798  0.17 38.84  ? 67  ILE A CG2 1 
ATOM   578  C  CG2 B ILE A 1 68  ? 6.167   -2.628  -3.813  0.34 42.97  ? 67  ILE A CG2 1 
ATOM   579  C  CD1 A ILE A 1 68  ? 5.299   -3.616  -0.917  0.17 34.65  ? 67  ILE A CD1 1 
ATOM   580  C  CD1 B ILE A 1 68  ? 5.375   -0.818  -1.262  0.34 38.40  ? 67  ILE A CD1 1 
ATOM   581  N  N   . ARG A 1 69  ? 9.979   -2.904  -3.567  1.00 42.95  ? 68  ARG A N   1 
ATOM   582  C  CA  . ARG A 1 69  ? 11.019  -3.060  -4.629  1.00 41.11  ? 68  ARG A CA  1 
ATOM   583  C  C   . ARG A 1 69  ? 11.573  -4.483  -4.586  1.00 44.06  ? 68  ARG A C   1 
ATOM   584  O  O   . ARG A 1 69  ? 11.777  -5.091  -5.669  1.00 45.74  ? 68  ARG A O   1 
ATOM   585  C  CB  . ARG A 1 69  ? 12.179  -2.059  -4.547  1.00 35.70  ? 68  ARG A CB  1 
ATOM   586  C  CG  . ARG A 1 69  ? 11.835  -0.610  -4.854  1.00 37.90  ? 68  ARG A CG  1 
ATOM   587  C  CD  . ARG A 1 69  ? 13.066  0.309   -4.748  1.00 40.25  ? 68  ARG A CD  1 
ATOM   588  N  NE  . ARG A 1 69  ? 14.057  -0.033  -5.763  1.00 44.97  ? 68  ARG A NE  1 
ATOM   589  C  CZ  . ARG A 1 69  ? 14.064  0.421   -7.033  1.00 52.09  ? 68  ARG A CZ  1 
ATOM   590  N  NH1 . ARG A 1 69  ? 13.186  1.329   -7.444  1.00 44.02  ? 68  ARG A NH1 1 
ATOM   591  N  NH2 . ARG A 1 69  ? 14.978  -0.026  -7.875  1.00 49.17  ? 68  ARG A NH2 1 
ATOM   592  N  N   . ARG A 1 70  ? 11.743  -5.056  -3.395  1.00 40.91  ? 69  ARG A N   1 
ATOM   593  C  CA  . ARG A 1 70  ? 12.240  -6.448  -3.273  1.00 33.51  ? 69  ARG A CA  1 
ATOM   594  C  C   . ARG A 1 70  ? 11.158  -7.434  -3.695  1.00 37.00  ? 69  ARG A C   1 
ATOM   595  O  O   . ARG A 1 70  ? 11.481  -8.462  -4.289  1.00 40.88  ? 69  ARG A O   1 
ATOM   596  C  CB  . ARG A 1 70  ? 12.745  -6.740  -1.852  1.00 36.31  ? 69  ARG A CB  1 
ATOM   597  C  CG  . ARG A 1 70  ? 14.085  -6.099  -1.530  1.00 36.12  ? 69  ARG A CG  1 
ATOM   598  C  CD  . ARG A 1 70  ? 14.788  -6.628  -0.285  1.00 35.79  ? 69  ARG A CD  1 
ATOM   599  N  NE  . ARG A 1 70  ? 14.134  -6.271  0.978   1.00 32.77  ? 69  ARG A NE  1 
ATOM   600  C  CZ  . ARG A 1 70  ? 14.436  -5.237  1.764   1.00 30.00  ? 69  ARG A CZ  1 
ATOM   601  N  NH1 . ARG A 1 70  ? 15.321  -4.338  1.386   1.00 33.00  ? 69  ARG A NH1 1 
ATOM   602  N  NH2 . ARG A 1 70  ? 13.809  -5.070  2.926   1.00 31.87  ? 69  ARG A NH2 1 
ATOM   603  N  N   . ARG A 1 71  ? 9.902   -7.135  -3.402  1.00 39.12  ? 70  ARG A N   1 
ATOM   604  C  CA  . ARG A 1 71  ? 8.792   -8.028  -3.751  1.00 41.20  ? 70  ARG A CA  1 
ATOM   605  C  C   . ARG A 1 71  ? 8.692   -8.079  -5.287  1.00 45.12  ? 70  ARG A C   1 
ATOM   606  O  O   . ARG A 1 71  ? 8.551   -9.195  -5.826  1.00 42.68  ? 70  ARG A O   1 
ATOM   607  C  CB  . ARG A 1 71  ? 7.553   -7.503  -3.048  1.00 44.64  ? 70  ARG A CB  1 
ATOM   608  C  CG  . ARG A 1 71  ? 6.411   -8.486  -3.067  1.00 52.72  ? 70  ARG A CG  1 
ATOM   609  C  CD  . ARG A 1 71  ? 5.590   -8.427  -1.797  1.00 53.29  ? 70  ARG A CD  1 
ATOM   610  N  NE  . ARG A 1 71  ? 4.826   -9.670  -1.765  1.00 53.37  ? 70  ARG A NE  1 
ATOM   611  C  CZ  . ARG A 1 71  ? 4.633   -10.428 -0.703  1.00 54.32  ? 70  ARG A CZ  1 
ATOM   612  N  NH1 . ARG A 1 71  ? 5.152   -10.099 0.478   1.00 43.19  ? 70  ARG A NH1 1 
ATOM   613  N  NH2 . ARG A 1 71  ? 3.933   -11.541 -0.855  1.00 60.05  ? 70  ARG A NH2 1 
ATOM   614  N  N   . LEU A 1 72  ? 8.806   -6.924  -5.945  1.00 45.62  ? 71  LEU A N   1 
ATOM   615  C  CA  . LEU A 1 72  ? 8.753   -6.788  -7.439  1.00 45.21  ? 71  LEU A CA  1 
ATOM   616  C  C   . LEU A 1 72  ? 10.033  -7.327  -8.088  1.00 48.06  ? 71  LEU A C   1 
ATOM   617  O  O   . LEU A 1 72  ? 10.016  -7.513  -9.316  1.00 57.37  ? 71  LEU A O   1 
ATOM   618  C  CB  . LEU A 1 72  ? 8.526   -5.319  -7.778  1.00 40.31  ? 71  LEU A CB  1 
ATOM   619  C  CG  . LEU A 1 72  ? 7.135   -4.807  -7.440  1.00 44.82  ? 71  LEU A CG  1 
ATOM   620  C  CD1 . LEU A 1 72  ? 7.013   -3.305  -7.635  1.00 42.75  ? 71  LEU A CD1 1 
ATOM   621  C  CD2 . LEU A 1 72  ? 6.069   -5.559  -8.217  1.00 47.41  ? 71  LEU A CD2 1 
ATOM   622  N  N   . GLN A 1 73  ? 11.075  -7.599  -7.297  1.00 50.52  ? 72  GLN A N   1 
ATOM   623  C  CA  . GLN A 1 73  ? 12.394  -8.113  -7.741  1.00 51.98  ? 72  GLN A CA  1 
ATOM   624  C  C   . GLN A 1 73  ? 13.035  -7.107  -8.722  1.00 60.32  ? 72  GLN A C   1 
ATOM   625  O  O   . GLN A 1 73  ? 13.658  -7.532  -9.713  1.00 57.73  ? 72  GLN A O   1 
ATOM   626  C  CB  . GLN A 1 73  ? 12.204  -9.521  -8.321  1.00 58.16  ? 72  GLN A CB  1 
ATOM   627  C  CG  . GLN A 1 73  ? 12.187  -10.639 -7.287  1.00 61.87  ? 72  GLN A CG  1 
ATOM   628  C  CD  . GLN A 1 73  ? 13.511  -10.895 -6.583  1.00 71.05  ? 72  GLN A CD  1 
ATOM   629  O  OE1 . GLN A 1 73  ? 14.282  -11.772 -6.978  1.00 73.12  ? 72  GLN A OE1 1 
ATOM   630  N  NE2 . GLN A 1 73  ? 13.786  -10.165 -5.496  1.00 76.57  ? 72  GLN A NE2 1 
ATOM   631  N  N   . LEU A 1 74  ? 12.898  -5.805  -8.458  1.00 56.41  ? 73  LEU A N   1 
ATOM   632  C  CA  . LEU A 1 74  ? 13.478  -4.708  -9.300  1.00 57.78  ? 73  LEU A CA  1 
ATOM   633  C  C   . LEU A 1 74  ? 15.005  -4.654  -9.195  1.00 48.55  ? 73  LEU A C   1 
ATOM   634  O  O   . LEU A 1 74  ? 15.571  -5.069  -8.185  1.00 51.74  ? 73  LEU A O   1 
ATOM   635  C  CB  . LEU A 1 74  ? 12.928  -3.352  -8.833  1.00 53.11  ? 73  LEU A CB  1 
ATOM   636  C  CG  . LEU A 1 74  ? 11.416  -3.179  -8.914  1.00 50.50  ? 73  LEU A CG  1 
ATOM   637  C  CD1 . LEU A 1 74  ? 11.045  -1.722  -8.750  1.00 47.94  ? 73  LEU A CD1 1 
ATOM   638  C  CD2 . LEU A 1 74  ? 10.889  -3.742  -10.227 1.00 58.22  ? 73  LEU A CD2 1 
ATOM   639  N  N   . ASN A 1 75  ? 15.655  -4.000  -10.148 1.00 61.44  ? 74  ASN A N   1 
ATOM   640  C  CA  . ASN A 1 75  ? 17.124  -3.748  -10.101 1.00 62.98  ? 74  ASN A CA  1 
ATOM   641  C  C   . ASN A 1 75  ? 17.366  -2.251  -9.882  1.00 59.08  ? 74  ASN A C   1 
ATOM   642  O  O   . ASN A 1 75  ? 16.377  -1.457  -9.946  1.00 52.68  ? 74  ASN A O   1 
ATOM   643  C  CB  . ASN A 1 75  ? 17.849  -4.278  -11.342 1.00 77.68  ? 74  ASN A CB  1 
ATOM   644  C  CG  . ASN A 1 75  ? 17.281  -3.690  -12.619 1.00 82.28  ? 74  ASN A CG  1 
ATOM   645  O  OD1 . ASN A 1 75  ? 17.324  -2.469  -12.822 1.00 64.54  ? 74  ASN A OD1 1 
ATOM   646  N  ND2 . ASN A 1 75  ? 16.716  -4.550  -13.462 1.00 83.45  ? 74  ASN A ND2 1 
ATOM   647  N  N   . ALA A 1 76  ? 18.635  -1.903  -9.654  1.00 65.39  ? 75  ALA A N   1 
ATOM   648  C  CA  . ALA A 1 76  ? 19.094  -0.599  -9.131  1.00 73.58  ? 75  ALA A CA  1 
ATOM   649  C  C   . ALA A 1 76  ? 18.422  0.525   -9.918  1.00 82.10  ? 75  ALA A C   1 
ATOM   650  O  O   . ALA A 1 76  ? 17.994  1.500   -9.280  1.00 92.46  ? 75  ALA A O   1 
ATOM   651  C  CB  . ALA A 1 76  ? 20.600  -0.515  -9.190  1.00 74.16  ? 75  ALA A CB  1 
ATOM   652  N  N   . ASN A 1 77  ? 18.291  0.394   -11.240 1.00 84.68  ? 76  ASN A N   1 
ATOM   653  C  CA  . ASN A 1 77  ? 17.912  1.553   -12.089 1.00 93.61  ? 76  ASN A CA  1 
ATOM   654  C  C   . ASN A 1 77  ? 16.571  1.304   -12.800 1.00 86.05  ? 76  ASN A C   1 
ATOM   655  O  O   . ASN A 1 77  ? 16.422  1.779   -13.937 1.00 90.30  ? 76  ASN A O   1 
ATOM   656  C  CB  . ASN A 1 77  ? 19.073  1.942   -13.013 1.00 107.22 ? 76  ASN A CB  1 
ATOM   657  C  CG  . ASN A 1 77  ? 19.531  0.808   -13.901 1.00 114.46 ? 76  ASN A CG  1 
ATOM   658  O  OD1 . ASN A 1 77  ? 19.380  -0.359  -13.543 1.00 122.20 ? 76  ASN A OD1 1 
ATOM   659  N  ND2 . ASN A 1 77  ? 20.085  1.148   -15.056 1.00 119.34 ? 76  ASN A ND2 1 
ATOM   660  N  N   . GLN A 1 78  ? 15.614  0.627   -12.151 1.00 71.57  ? 77  GLN A N   1 
ATOM   661  C  CA  . GLN A 1 78  ? 14.167  0.739   -12.473 1.00 58.98  ? 77  GLN A CA  1 
ATOM   662  C  C   . GLN A 1 78  ? 13.601  1.785   -11.525 1.00 61.74  ? 77  GLN A C   1 
ATOM   663  O  O   . GLN A 1 78  ? 13.973  1.751   -10.333 1.00 58.83  ? 77  GLN A O   1 
ATOM   664  C  CB  . GLN A 1 78  ? 13.422  -0.588  -12.338 1.00 62.20  ? 77  GLN A CB  1 
ATOM   665  C  CG  . GLN A 1 78  ? 13.833  -1.600  -13.399 1.00 73.88  ? 77  GLN A CG  1 
ATOM   666  C  CD  . GLN A 1 78  ? 13.604  -3.041  -12.995 1.00 70.27  ? 77  GLN A CD  1 
ATOM   667  O  OE1 . GLN A 1 78  ? 14.502  -3.719  -12.510 1.00 71.28  ? 77  GLN A OE1 1 
ATOM   668  N  NE2 . GLN A 1 78  ? 12.401  -3.540  -13.215 1.00 65.43  ? 77  GLN A NE2 1 
ATOM   669  N  N   . ALA A 1 79  ? 12.797  2.708   -12.045 1.00 55.15  ? 78  ALA A N   1 
ATOM   670  C  CA  . ALA A 1 79  ? 12.128  3.758   -11.258 1.00 56.98  ? 78  ALA A CA  1 
ATOM   671  C  C   . ALA A 1 79  ? 10.896  3.122   -10.618 1.00 56.19  ? 78  ALA A C   1 
ATOM   672  O  O   . ALA A 1 79  ? 10.330  2.171   -11.198 1.00 54.97  ? 78  ALA A O   1 
ATOM   673  C  CB  . ALA A 1 79  ? 11.753  4.971   -12.097 1.00 58.08  ? 78  ALA A CB  1 
ATOM   674  N  N   . PHE A 1 80  ? 10.539  3.632   -9.443  1.00 47.17  ? 79  PHE A N   1 
ATOM   675  C  CA  . PHE A 1 80  ? 9.435   3.129   -8.602  1.00 51.44  ? 79  PHE A CA  1 
ATOM   676  C  C   . PHE A 1 80  ? 8.947   4.329   -7.799  1.00 53.52  ? 79  PHE A C   1 
ATOM   677  O  O   . PHE A 1 80  ? 9.801   4.933   -7.091  1.00 53.47  ? 79  PHE A O   1 
ATOM   678  C  CB  . PHE A 1 80  ? 9.916   1.972   -7.717  1.00 47.99  ? 79  PHE A CB  1 
ATOM   679  C  CG  . PHE A 1 80  ? 8.860   1.496   -6.767  1.00 45.18  ? 79  PHE A CG  1 
ATOM   680  C  CD1 . PHE A 1 80  ? 7.933   0.557   -7.169  1.00 45.50  ? 79  PHE A CD1 1 
ATOM   681  C  CD2 . PHE A 1 80  ? 8.729   2.064   -5.507  1.00 47.77  ? 79  PHE A CD2 1 
ATOM   682  C  CE1 . PHE A 1 80  ? 6.921   0.154   -6.321  1.00 48.84  ? 79  PHE A CE1 1 
ATOM   683  C  CE2 . PHE A 1 80  ? 7.709   1.665   -4.660  1.00 41.60  ? 79  PHE A CE2 1 
ATOM   684  C  CZ  . PHE A 1 80  ? 6.802   0.717   -5.067  1.00 44.42  ? 79  PHE A CZ  1 
ATOM   685  N  N   . PHE A 1 81  ? 7.662   4.682   -7.948  1.00 53.61  ? 80  PHE A N   1 
ATOM   686  C  CA  . PHE A 1 81  ? 7.002   5.762   -7.172  1.00 50.58  ? 80  PHE A CA  1 
ATOM   687  C  C   . PHE A 1 81  ? 5.765   5.163   -6.512  1.00 51.20  ? 80  PHE A C   1 
ATOM   688  O  O   . PHE A 1 81  ? 5.064   4.329   -7.118  1.00 43.95  ? 80  PHE A O   1 
ATOM   689  C  CB  . PHE A 1 81  ? 6.716   6.980   -8.060  1.00 56.53  ? 80  PHE A CB  1 
ATOM   690  C  CG  . PHE A 1 81  ? 7.942   7.523   -8.748  1.00 62.73  ? 80  PHE A CG  1 
ATOM   691  C  CD1 . PHE A 1 81  ? 8.257   7.141   -10.047 1.00 74.71  ? 80  PHE A CD1 1 
ATOM   692  C  CD2 . PHE A 1 81  ? 8.821   8.363   -8.074  1.00 70.70  ? 80  PHE A CD2 1 
ATOM   693  C  CE1 . PHE A 1 81  ? 9.409   7.612   -10.667 1.00 74.48  ? 80  PHE A CE1 1 
ATOM   694  C  CE2 . PHE A 1 81  ? 9.967   8.840   -8.695  1.00 66.90  ? 80  PHE A CE2 1 
ATOM   695  C  CZ  . PHE A 1 81  ? 10.259  8.461   -9.988  1.00 74.03  ? 80  PHE A CZ  1 
ATOM   696  N  N   . LEU A 1 82  ? 5.528   5.554   -5.269  1.00 45.44  ? 81  LEU A N   1 
ATOM   697  C  CA  . LEU A 1 82  ? 4.472   4.977   -4.429  1.00 44.77  ? 81  LEU A CA  1 
ATOM   698  C  C   . LEU A 1 82  ? 3.604   6.109   -3.895  1.00 52.92  ? 81  LEU A C   1 
ATOM   699  O  O   . LEU A 1 82  ? 4.104   6.951   -3.101  1.00 50.16  ? 81  LEU A O   1 
ATOM   700  C  CB  . LEU A 1 82  ? 5.137   4.214   -3.289  1.00 54.51  ? 81  LEU A CB  1 
ATOM   701  C  CG  . LEU A 1 82  ? 4.197   3.439   -2.373  1.00 51.40  ? 81  LEU A CG  1 
ATOM   702  C  CD1 . LEU A 1 82  ? 3.654   2.198   -3.073  1.00 47.41  ? 81  LEU A CD1 1 
ATOM   703  C  CD2 . LEU A 1 82  ? 4.932   3.066   -1.095  1.00 56.24  ? 81  LEU A CD2 1 
ATOM   704  N  N   . LEU A 1 83  ? 2.356   6.134   -4.347  1.00 44.65  ? 82  LEU A N   1 
ATOM   705  C  CA  . LEU A 1 83  ? 1.338   7.063   -3.834  1.00 42.84  ? 82  LEU A CA  1 
ATOM   706  C  C   . LEU A 1 83  ? 0.631   6.455   -2.627  1.00 42.97  ? 82  LEU A C   1 
ATOM   707  O  O   . LEU A 1 83  ? 0.304   5.255   -2.636  1.00 45.88  ? 82  LEU A O   1 
ATOM   708  C  CB  . LEU A 1 83  ? 0.338   7.320   -4.953  1.00 48.16  ? 82  LEU A CB  1 
ATOM   709  C  CG  . LEU A 1 83  ? 0.941   7.956   -6.194  1.00 54.69  ? 82  LEU A CG  1 
ATOM   710  C  CD1 . LEU A 1 83  ? -0.137  8.141   -7.236  1.00 59.50  ? 82  LEU A CD1 1 
ATOM   711  C  CD2 . LEU A 1 83  ? 1.602   9.275   -5.849  1.00 51.49  ? 82  LEU A CD2 1 
ATOM   712  N  N   . VAL A 1 84  ? 0.348   7.278   -1.634  1.00 41.78  ? 83  VAL A N   1 
ATOM   713  C  CA  . VAL A 1 84  ? -0.387  6.835   -0.428  1.00 39.52  ? 83  VAL A CA  1 
ATOM   714  C  C   . VAL A 1 84  ? -1.651  7.674   -0.463  1.00 46.75  ? 83  VAL A C   1 
ATOM   715  O  O   . VAL A 1 84  ? -1.467  8.871   -0.630  1.00 39.13  ? 83  VAL A O   1 
ATOM   716  C  CB  . VAL A 1 84  ? 0.472   7.046   0.830   1.00 43.04  ? 83  VAL A CB  1 
ATOM   717  C  CG1 . VAL A 1 84  ? -0.302  6.694   2.070   1.00 48.49  ? 83  VAL A CG1 1 
ATOM   718  C  CG2 . VAL A 1 84  ? 1.767   6.242   0.756   1.00 52.10  ? 83  VAL A CG2 1 
ATOM   719  N  N   . ASN A 1 85  ? -2.843  7.058   -0.386  1.00 40.05  ? 84  ASN A N   1 
ATOM   720  C  CA  . ASN A 1 85  ? -4.152  7.748   -0.258  1.00 43.48  ? 84  ASN A CA  1 
ATOM   721  C  C   . ASN A 1 85  ? -4.291  8.729   -1.443  1.00 41.61  ? 84  ASN A C   1 
ATOM   722  O  O   . ASN A 1 85  ? -4.726  9.866   -1.215  1.00 50.45  ? 84  ASN A O   1 
ATOM   723  C  CB  . ASN A 1 85  ? -4.257  8.411   1.120   1.00 46.92  ? 84  ASN A CB  1 
ATOM   724  C  CG  . ASN A 1 85  ? -5.591  9.059   1.426   1.00 46.94  ? 84  ASN A CG  1 
ATOM   725  O  OD1 . ASN A 1 85  ? -6.633  8.540   1.071   1.00 49.93  ? 84  ASN A OD1 1 
ATOM   726  N  ND2 . ASN A 1 85  ? -5.581  10.185  2.120   1.00 48.50  ? 84  ASN A ND2 1 
ATOM   727  N  N   . GLY A 1 86  ? -3.790  8.351   -2.608  1.00 40.13  ? 85  GLY A N   1 
ATOM   728  C  CA  . GLY A 1 86  ? -3.922  9.111   -3.860  1.00 47.47  ? 85  GLY A CA  1 
ATOM   729  C  C   . GLY A 1 86  ? -2.817  10.131  -4.150  1.00 51.62  ? 85  GLY A C   1 
ATOM   730  O  O   . GLY A 1 86  ? -2.933  10.739  -5.182  1.00 45.60  ? 85  GLY A O   1 
ATOM   731  N  N   . HIS A 1 87  ? -1.829  10.396  -3.287  1.00 39.20  ? 86  HIS A N   1 
ATOM   732  C  CA  . HIS A 1 87  ? -0.878  11.533  -3.438  1.00 40.00  ? 86  HIS A CA  1 
ATOM   733  C  C   . HIS A 1 87  ? 0.555   11.142  -3.012  1.00 44.19  ? 86  HIS A C   1 
ATOM   734  O  O   . HIS A 1 87  ? 0.737   10.099  -2.374  1.00 36.69  ? 86  HIS A O   1 
ATOM   735  C  CB  . HIS A 1 87  ? -1.335  12.743  -2.609  1.00 40.63  ? 86  HIS A CB  1 
ATOM   736  C  CG  . HIS A 1 87  ? -1.550  12.472  -1.166  1.00 44.07  ? 86  HIS A CG  1 
ATOM   737  N  ND1 . HIS A 1 87  ? -0.489  12.274  -0.276  1.00 55.27  ? 86  HIS A ND1 1 
ATOM   738  C  CD2 . HIS A 1 87  ? -2.690  12.249  -0.476  1.00 48.16  ? 86  HIS A CD2 1 
ATOM   739  C  CE1 . HIS A 1 87  ? -0.984  11.989  0.909   1.00 53.83  ? 86  HIS A CE1 1 
ATOM   740  N  NE2 . HIS A 1 87  ? -2.348  11.999  0.816   1.00 48.42  ? 86  HIS A NE2 1 
ATOM   741  N  N   A SER A 1 88  ? 1.547   11.960  -3.374  0.06 40.33  ? 87  SER A N   1 
ATOM   742  N  N   B SER A 1 88  ? 1.529   12.006  -3.334  0.44 39.61  ? 87  SER A N   1 
ATOM   743  C  CA  A SER A 1 88  ? 2.981   11.725  -3.060  0.06 40.50  ? 87  SER A CA  1 
ATOM   744  C  CA  B SER A 1 88  ? 2.972   11.853  -3.005  0.44 45.93  ? 87  SER A CA  1 
ATOM   745  C  C   A SER A 1 88  ? 3.199   11.852  -1.547  0.06 41.38  ? 87  SER A C   1 
ATOM   746  C  C   B SER A 1 88  ? 3.138   11.803  -1.491  0.44 41.11  ? 87  SER A C   1 
ATOM   747  O  O   A SER A 1 88  ? 2.465   12.627  -0.908  0.06 42.06  ? 87  SER A O   1 
ATOM   748  O  O   B SER A 1 88  ? 2.333   12.444  -0.799  0.44 46.51  ? 87  SER A O   1 
ATOM   749  C  CB  A SER A 1 88  ? 3.872   12.663  -3.835  0.06 39.12  ? 87  SER A CB  1 
ATOM   750  C  CB  B SER A 1 88  ? 3.785   12.994  -3.551  0.44 49.68  ? 87  SER A CB  1 
ATOM   751  O  OG  A SER A 1 88  ? 3.617   14.014  -3.483  0.06 35.52  ? 87  SER A OG  1 
ATOM   752  O  OG  B SER A 1 88  ? 3.806   12.965  -4.960  0.44 55.67  ? 87  SER A OG  1 
ATOM   753  N  N   . MET A 1 89  ? 4.161   11.098  -1.007  1.00 42.92  ? 88  MET A N   1 
ATOM   754  C  CA  . MET A 1 89  ? 4.511   11.123  0.431   1.00 48.15  ? 88  MET A CA  1 
ATOM   755  C  C   . MET A 1 89  ? 5.285   12.427  0.722   1.00 47.32  ? 88  MET A C   1 
ATOM   756  O  O   . MET A 1 89  ? 6.240   12.724  -0.006  1.00 54.52  ? 88  MET A O   1 
ATOM   757  C  CB  . MET A 1 89  ? 5.357   9.886   0.745   1.00 59.28  ? 88  MET A CB  1 
ATOM   758  C  CG  . MET A 1 89  ? 4.537   8.586   0.653   1.00 66.66  ? 88  MET A CG  1 
ATOM   759  S  SD  . MET A 1 89  ? 5.557   7.121   0.312   1.00 79.62  ? 88  MET A SD  1 
ATOM   760  C  CE  . MET A 1 89  ? 7.167   7.694   0.850   1.00 70.86  ? 88  MET A CE  1 
ATOM   761  N  N   . VAL A 1 90  ? 4.884   13.209  1.717   1.00 50.24  ? 89  VAL A N   1 
ATOM   762  C  CA  . VAL A 1 90  ? 5.653   14.439  2.071   1.00 54.30  ? 89  VAL A CA  1 
ATOM   763  C  C   . VAL A 1 90  ? 7.002   14.013  2.650   1.00 50.06  ? 89  VAL A C   1 
ATOM   764  O  O   . VAL A 1 90  ? 7.977   14.737  2.398   1.00 47.38  ? 89  VAL A O   1 
ATOM   765  C  CB  . VAL A 1 90  ? 4.930   15.352  3.070   1.00 63.36  ? 89  VAL A CB  1 
ATOM   766  C  CG1 . VAL A 1 90  ? 5.860   16.472  3.520   1.00 63.44  ? 89  VAL A CG1 1 
ATOM   767  C  CG2 . VAL A 1 90  ? 3.633   15.912  2.494   1.00 71.78  ? 89  VAL A CG2 1 
ATOM   768  N  N   . SER A 1 91  ? 7.020   12.895  3.395   1.00 48.18  ? 90  SER A N   1 
ATOM   769  C  CA  . SER A 1 91  ? 8.244   12.283  3.975   1.00 57.22  ? 90  SER A CA  1 
ATOM   770  C  C   . SER A 1 91  ? 8.198   10.747  3.997   1.00 46.33  ? 90  SER A C   1 
ATOM   771  O  O   . SER A 1 91  ? 7.213   10.163  4.465   1.00 58.04  ? 90  SER A O   1 
ATOM   772  C  CB  . SER A 1 91  ? 8.517   12.773  5.381   1.00 51.82  ? 90  SER A CB  1 
ATOM   773  O  OG  . SER A 1 91  ? 9.804   12.287  5.795   1.00 73.12  ? 90  SER A OG  1 
ATOM   774  N  N   . VAL A 1 92  ? 9.327   10.159  3.663   1.00 52.94  ? 91  VAL A N   1 
ATOM   775  C  CA  . VAL A 1 92  ? 9.567   8.690   3.694   1.00 54.39  ? 91  VAL A CA  1 
ATOM   776  C  C   . VAL A 1 92  ? 10.082  8.290   5.099   1.00 51.16  ? 91  VAL A C   1 
ATOM   777  O  O   . VAL A 1 92  ? 10.221  7.117   5.352   1.00 48.51  ? 91  VAL A O   1 
ATOM   778  C  CB  . VAL A 1 92  ? 10.514  8.288   2.546   1.00 55.84  ? 91  VAL A CB  1 
ATOM   779  C  CG1 . VAL A 1 92  ? 9.993   8.758   1.203   1.00 59.98  ? 91  VAL A CG1 1 
ATOM   780  C  CG2 . VAL A 1 92  ? 11.937  8.788   2.753   1.00 65.39  ? 91  VAL A CG2 1 
ATOM   781  N  N   . SER A 1 93  ? 10.249  9.221   6.033   1.00 46.25  ? 92  SER A N   1 
ATOM   782  C  CA  . SER A 1 93  ? 10.884  8.935   7.340   1.00 45.47  ? 92  SER A CA  1 
ATOM   783  C  C   . SER A 1 93  ? 9.826   8.739   8.432   1.00 49.38  ? 92  SER A C   1 
ATOM   784  O  O   . SER A 1 93  ? 10.175  8.427   9.574   1.00 46.43  ? 92  SER A O   1 
ATOM   785  C  CB  . SER A 1 93  ? 11.826  10.036  7.681   1.00 54.15  ? 92  SER A CB  1 
ATOM   786  O  OG  . SER A 1 93  ? 11.126  11.094  8.311   1.00 58.23  ? 92  SER A OG  1 
ATOM   787  N  N   . THR A 1 94  ? 8.560   8.957   8.102   1.00 43.87  ? 93  THR A N   1 
ATOM   788  C  CA  . THR A 1 94  ? 7.415   8.816   9.026   1.00 45.76  ? 93  THR A CA  1 
ATOM   789  C  C   . THR A 1 94  ? 7.170   7.327   9.266   1.00 41.76  ? 93  THR A C   1 
ATOM   790  O  O   . THR A 1 94  ? 7.203   6.556   8.325   1.00 41.32  ? 93  THR A O   1 
ATOM   791  C  CB  . THR A 1 94  ? 6.175   9.461   8.397   1.00 47.16  ? 93  THR A CB  1 
ATOM   792  O  OG1 . THR A 1 94  ? 6.622   10.482  7.488   1.00 58.95  ? 93  THR A OG1 1 
ATOM   793  C  CG2 . THR A 1 94  ? 5.227   9.966   9.454   1.00 48.55  ? 93  THR A CG2 1 
ATOM   794  N  N   . PRO A 1 95  ? 7.019   6.892   10.526  1.00 42.16  ? 94  PRO A N   1 
ATOM   795  C  CA  . PRO A 1 95  ? 6.542   5.557   10.864  1.00 41.45  ? 94  PRO A CA  1 
ATOM   796  C  C   . PRO A 1 95  ? 5.157   5.287   10.288  1.00 44.69  ? 94  PRO A C   1 
ATOM   797  O  O   . PRO A 1 95  ? 4.308   6.178   10.300  1.00 43.97  ? 94  PRO A O   1 
ATOM   798  C  CB  . PRO A 1 95  ? 6.456   5.543   12.386  1.00 43.48  ? 94  PRO A CB  1 
ATOM   799  C  CG  . PRO A 1 95  ? 7.418   6.634   12.814  1.00 49.78  ? 94  PRO A CG  1 
ATOM   800  C  CD  . PRO A 1 95  ? 7.349   7.675   11.722  1.00 49.92  ? 94  PRO A CD  1 
ATOM   801  N  N   . ILE A 1 96  ? 4.985   4.089   9.729   1.00 38.11  ? 95  ILE A N   1 
ATOM   802  C  CA  . ILE A 1 96  ? 3.715   3.739   9.051   1.00 34.90  ? 95  ILE A CA  1 
ATOM   803  C  C   . ILE A 1 96  ? 2.571   3.779   10.065  1.00 34.44  ? 95  ILE A C   1 
ATOM   804  O  O   . ILE A 1 96  ? 1.484   4.043   9.642   1.00 36.03  ? 95  ILE A O   1 
ATOM   805  C  CB  . ILE A 1 96  ? 3.810   2.437   8.233   1.00 38.70  ? 95  ILE A CB  1 
ATOM   806  C  CG1 . ILE A 1 96  ? 2.635   2.342   7.263   1.00 34.22  ? 95  ILE A CG1 1 
ATOM   807  C  CG2 . ILE A 1 96  ? 3.910   1.233   9.146   1.00 33.02  ? 95  ILE A CG2 1 
ATOM   808  C  CD1 . ILE A 1 96  ? 2.593   1.075   6.472   1.00 38.72  ? 95  ILE A CD1 1 
ATOM   809  N  N   . SER A 1 97  ? 2.787   3.624   11.376  1.00 31.65  ? 96  SER A N   1 
ATOM   810  C  CA  . SER A 1 97  ? 1.711   3.744   12.376  1.00 33.49  ? 96  SER A CA  1 
ATOM   811  C  C   . SER A 1 97  ? 1.142   5.192   12.351  1.00 40.25  ? 96  SER A C   1 
ATOM   812  O  O   . SER A 1 97  ? -0.088  5.307   12.509  1.00 34.90  ? 96  SER A O   1 
ATOM   813  C  CB  . SER A 1 97  ? 2.207   3.453   13.762  1.00 35.16  ? 96  SER A CB  1 
ATOM   814  O  OG  . SER A 1 97  ? 3.368   4.236   13.968  1.00 33.50  ? 96  SER A OG  1 
ATOM   815  N  N   . GLU A 1 98  ? 2.007   6.226   12.240  1.00 39.67  ? 97  GLU A N   1 
ATOM   816  C  CA  . GLU A 1 98  ? 1.640   7.676   12.076  1.00 39.32  ? 97  GLU A CA  1 
ATOM   817  C  C   . GLU A 1 98  ? 0.918   7.911   10.750  1.00 43.09  ? 97  GLU A C   1 
ATOM   818  O  O   . GLU A 1 98  ? -0.158  8.596   10.743  1.00 38.10  ? 97  GLU A O   1 
ATOM   819  C  CB  . GLU A 1 98  ? 2.869   8.588   11.992  1.00 44.80  ? 97  GLU A CB  1 
ATOM   820  C  CG  . GLU A 1 98  ? 3.225   9.214   13.328  1.00 66.18  ? 97  GLU A CG  1 
ATOM   821  C  CD  . GLU A 1 98  ? 4.590   9.886   13.384  1.00 63.60  ? 97  GLU A CD  1 
ATOM   822  O  OE1 . GLU A 1 98  ? 5.396   9.529   14.281  1.00 73.49  ? 97  GLU A OE1 1 
ATOM   823  O  OE2 . GLU A 1 98  ? 4.838   10.766  12.538  1.00 67.69  ? 97  GLU A OE2 1 
ATOM   824  N  N   . VAL A 1 99  ? 1.527   7.419   9.670   1.00 33.96  ? 98  VAL A N   1 
ATOM   825  C  CA  . VAL A 1 99  ? 1.000   7.565   8.281   1.00 38.90  ? 98  VAL A CA  1 
ATOM   826  C  C   . VAL A 1 99  ? -0.404  6.984   8.255   1.00 43.79  ? 98  VAL A C   1 
ATOM   827  O  O   . VAL A 1 99  ? -1.325  7.656   7.716   1.00 40.26  ? 98  VAL A O   1 
ATOM   828  C  CB  . VAL A 1 99  ? 1.907   6.924   7.225   1.00 38.94  ? 98  VAL A CB  1 
ATOM   829  C  CG1 . VAL A 1 99  ? 1.234   6.854   5.862   1.00 42.73  ? 98  VAL A CG1 1 
ATOM   830  C  CG2 . VAL A 1 99  ? 3.211   7.691   7.122   1.00 46.11  ? 98  VAL A CG2 1 
ATOM   831  N  N   . TYR A 1 100 ? -0.591  5.801   8.831   1.00 31.42  ? 99  TYR A N   1 
ATOM   832  C  CA  . TYR A 1 100 ? -1.939  5.185   8.925   1.00 35.57  ? 99  TYR A CA  1 
ATOM   833  C  C   . TYR A 1 100 ? -2.956  6.150   9.582   1.00 39.07  ? 99  TYR A C   1 
ATOM   834  O  O   . TYR A 1 100 ? -4.084  6.317   9.078   1.00 42.08  ? 99  TYR A O   1 
ATOM   835  C  CB  . TYR A 1 100 ? -1.876  3.861   9.686   1.00 33.08  ? 99  TYR A CB  1 
ATOM   836  C  CG  . TYR A 1 100 ? -3.209  3.159   9.779   1.00 31.37  ? 99  TYR A CG  1 
ATOM   837  C  CD1 . TYR A 1 100 ? -3.722  2.450   8.712   1.00 33.93  ? 99  TYR A CD1 1 
ATOM   838  C  CD2 . TYR A 1 100 ? -3.920  3.146   10.953  1.00 32.59  ? 99  TYR A CD2 1 
ATOM   839  C  CE1 . TYR A 1 100 ? -4.917  1.750   8.813   1.00 29.94  ? 99  TYR A CE1 1 
ATOM   840  C  CE2 . TYR A 1 100 ? -5.134  2.479   11.074  1.00 34.56  ? 99  TYR A CE2 1 
ATOM   841  C  CZ  . TYR A 1 100 ? -5.633  1.774   9.985   1.00 31.39  ? 99  TYR A CZ  1 
ATOM   842  O  OH  . TYR A 1 100 ? -6.833  1.134   10.079  1.00 37.88  ? 99  TYR A OH  1 
ATOM   843  N  N   . GLU A 1 101 ? -2.663  6.660   10.769  1.00 35.17  ? 100 GLU A N   1 
ATOM   844  C  CA  . GLU A 1 101 ? -3.643  7.513   11.495  1.00 39.10  ? 100 GLU A CA  1 
ATOM   845  C  C   . GLU A 1 101 ? -4.083  8.726   10.657  1.00 38.16  ? 100 GLU A C   1 
ATOM   846  O  O   . GLU A 1 101 ? -5.235  9.133   10.827  1.00 40.38  ? 100 GLU A O   1 
ATOM   847  C  CB  . GLU A 1 101 ? -3.093  8.008   12.828  1.00 40.20  ? 100 GLU A CB  1 
ATOM   848  C  CG  . GLU A 1 101 ? -3.055  6.956   13.883  1.00 49.47  ? 100 GLU A CG  1 
ATOM   849  C  CD  . GLU A 1 101 ? -3.239  7.500   15.285  1.00 58.53  ? 100 GLU A CD  1 
ATOM   850  O  OE1 . GLU A 1 101 ? -2.976  8.716   15.516  1.00 58.23  ? 100 GLU A OE1 1 
ATOM   851  O  OE2 . GLU A 1 101 ? -3.655  6.694   16.123  1.00 67.13  ? 100 GLU A OE2 1 
ATOM   852  N  N   . SER A 1 102 ? -3.223  9.290   9.828   1.00 41.10  ? 101 SER A N   1 
ATOM   853  C  CA  . SER A 1 102 ? -3.579  10.500  9.047   1.00 46.00  ? 101 SER A CA  1 
ATOM   854  C  C   . SER A 1 102 ? -4.076  10.138  7.631   1.00 50.06  ? 101 SER A C   1 
ATOM   855  O  O   . SER A 1 102 ? -4.888  10.906  7.112   1.00 44.58  ? 101 SER A O   1 
ATOM   856  C  CB  . SER A 1 102 ? -2.466  11.506  9.085   1.00 43.16  ? 101 SER A CB  1 
ATOM   857  O  OG  . SER A 1 102 ? -1.586  11.301  8.020   1.00 58.97  ? 101 SER A OG  1 
ATOM   858  N  N   . GLU A 1 103 ? -3.730  8.981   7.042   1.00 37.92  ? 102 GLU A N   1 
ATOM   859  C  CA  . GLU A 1 103 ? -4.030  8.686   5.624   1.00 36.15  ? 102 GLU A CA  1 
ATOM   860  C  C   . GLU A 1 103 ? -4.938  7.473   5.428   1.00 38.10  ? 102 GLU A C   1 
ATOM   861  O  O   . GLU A 1 103 ? -5.222  7.148   4.286   1.00 43.08  ? 102 GLU A O   1 
ATOM   862  C  CB  . GLU A 1 103 ? -2.778  8.464   4.818   1.00 35.58  ? 102 GLU A CB  1 
ATOM   863  C  CG  . GLU A 1 103 ? -1.804  9.628   4.856   1.00 37.22  ? 102 GLU A CG  1 
ATOM   864  C  CD  . GLU A 1 103 ? -2.316  10.895  4.204   1.00 46.36  ? 102 GLU A CD  1 
ATOM   865  O  OE1 . GLU A 1 103 ? -3.116  10.797  3.272   1.00 47.96  ? 102 GLU A OE1 1 
ATOM   866  O  OE2 . GLU A 1 103 ? -1.871  11.953  4.616   1.00 45.75  ? 102 GLU A OE2 1 
ATOM   867  N  N   . LYS A 1 104 ? -5.408  6.859   6.490   1.00 38.20  ? 103 LYS A N   1 
ATOM   868  C  CA  . LYS A 1 104 ? -6.260  5.668   6.386   1.00 36.57  ? 103 LYS A CA  1 
ATOM   869  C  C   . LYS A 1 104 ? -7.549  6.050   5.664   1.00 47.52  ? 103 LYS A C   1 
ATOM   870  O  O   . LYS A 1 104 ? -8.039  7.167   5.874   1.00 42.77  ? 103 LYS A O   1 
ATOM   871  C  CB  . LYS A 1 104 ? -6.652  5.118   7.747   1.00 38.74  ? 103 LYS A CB  1 
ATOM   872  C  CG  . LYS A 1 104 ? -7.406  6.029   8.678   1.00 41.50  ? 103 LYS A CG  1 
ATOM   873  C  CD  . LYS A 1 104 ? -7.416  5.553   10.087  1.00 42.75  ? 103 LYS A CD  1 
ATOM   874  C  CE  . LYS A 1 104 ? -8.273  6.430   10.971  1.00 52.61  ? 103 LYS A CE  1 
ATOM   875  N  NZ  . LYS A 1 104 ? -7.625  7.727   11.296  1.00 58.76  ? 103 LYS A NZ  1 
ATOM   876  N  N   . ASP A 1 105 ? -8.092  5.116   4.903   1.00 46.43  ? 104 ASP A N   1 
ATOM   877  C  CA  . ASP A 1 105 ? -9.480  5.145   4.374   1.00 46.68  ? 104 ASP A CA  1 
ATOM   878  C  C   . ASP A 1 105 ? -10.534 4.993   5.481   1.00 47.08  ? 104 ASP A C   1 
ATOM   879  O  O   . ASP A 1 105 ? -10.264 4.480   6.641   1.00 43.23  ? 104 ASP A O   1 
ATOM   880  C  CB  . ASP A 1 105 ? -9.583  4.093   3.268   1.00 44.97  ? 104 ASP A CB  1 
ATOM   881  C  CG  . ASP A 1 105 ? -10.788 4.266   2.354   1.00 47.59  ? 104 ASP A CG  1 
ATOM   882  O  OD1 . ASP A 1 105 ? -10.594 4.866   1.275   1.00 53.14  ? 104 ASP A OD1 1 
ATOM   883  O  OD2 . ASP A 1 105 ? -11.868 3.765   2.726   1.00 46.98  ? 104 ASP A OD2 1 
ATOM   884  N  N   . GLU A 1 106 ? -11.768 5.401   5.172   1.00 44.76  ? 105 GLU A N   1 
ATOM   885  C  CA  . GLU A 1 106 ? -12.906 5.153   6.092   1.00 48.16  ? 105 GLU A CA  1 
ATOM   886  C  C   . GLU A 1 106 ? -13.184 3.662   6.265   1.00 41.29  ? 105 GLU A C   1 
ATOM   887  O  O   . GLU A 1 106 ? -13.797 3.348   7.287   1.00 51.11  ? 105 GLU A O   1 
ATOM   888  C  CB  . GLU A 1 106 ? -14.215 5.808   5.644   1.00 54.12  ? 105 GLU A CB  1 
ATOM   889  C  CG  . GLU A 1 106 ? -14.407 7.175   6.249   1.00 59.33  ? 105 GLU A CG  1 
ATOM   890  C  CD  . GLU A 1 106 ? -15.663 7.909   5.774   1.00 67.34  ? 105 GLU A CD  1 
ATOM   891  O  OE1 . GLU A 1 106 ? -16.791 7.367   5.947   1.00 49.46  ? 105 GLU A OE1 1 
ATOM   892  O  OE2 . GLU A 1 106 ? -15.501 9.021   5.242   1.00 72.50  ? 105 GLU A OE2 1 
ATOM   893  N  N   . ASP A 1 107 ? -12.818 2.789   5.321   1.00 45.72  ? 106 ASP A N   1 
ATOM   894  C  CA  . ASP A 1 107 ? -13.011 1.310   5.528   1.00 44.61  ? 106 ASP A CA  1 
ATOM   895  C  C   . ASP A 1 107 ? -11.933 0.774   6.498   1.00 46.25  ? 106 ASP A C   1 
ATOM   896  O  O   . ASP A 1 107 ? -12.136 -0.329  7.056   1.00 43.76  ? 106 ASP A O   1 
ATOM   897  C  CB  . ASP A 1 107 ? -13.052 0.518   4.212   1.00 41.58  ? 106 ASP A CB  1 
ATOM   898  C  CG  . ASP A 1 107 ? -11.759 0.511   3.439   1.00 42.95  ? 106 ASP A CG  1 
ATOM   899  O  OD1 . ASP A 1 107 ? -10.763 0.999   4.009   1.00 42.72  ? 106 ASP A OD1 1 
ATOM   900  O  OD2 . ASP A 1 107 ? -11.753 0.040   2.253   1.00 43.61  ? 106 ASP A OD2 1 
ATOM   901  N  N   . GLY A 1 108 ? -10.817 1.502   6.655   1.00 45.76  ? 107 GLY A N   1 
ATOM   902  C  CA  . GLY A 1 108 ? -9.747  1.204   7.634   1.00 43.39  ? 107 GLY A CA  1 
ATOM   903  C  C   . GLY A 1 108 ? -8.492  0.607   7.002   1.00 39.96  ? 107 GLY A C   1 
ATOM   904  O  O   . GLY A 1 108 ? -7.472  0.452   7.722   1.00 38.44  ? 107 GLY A O   1 
ATOM   905  N  N   . PHE A 1 109 ? -8.504  0.343   5.700   1.00 35.53  ? 108 PHE A N   1 
ATOM   906  C  CA  . PHE A 1 109 ? -7.289  0.034   4.907   1.00 37.73  ? 108 PHE A CA  1 
ATOM   907  C  C   . PHE A 1 109 ? -6.499  1.333   4.672   1.00 42.84  ? 108 PHE A C   1 
ATOM   908  O  O   . PHE A 1 109 ? -7.091  2.456   4.717   1.00 38.77  ? 108 PHE A O   1 
ATOM   909  C  CB  . PHE A 1 109 ? -7.644  -0.692  3.600   1.00 39.10  ? 108 PHE A CB  1 
ATOM   910  C  CG  . PHE A 1 109 ? -7.986  -2.148  3.796   1.00 45.09  ? 108 PHE A CG  1 
ATOM   911  C  CD1 . PHE A 1 109 ? -6.997  -3.072  4.095   1.00 44.68  ? 108 PHE A CD1 1 
ATOM   912  C  CD2 . PHE A 1 109 ? -9.298  -2.598  3.727   1.00 40.43  ? 108 PHE A CD2 1 
ATOM   913  C  CE1 . PHE A 1 109 ? -7.315  -4.410  4.314   1.00 42.08  ? 108 PHE A CE1 1 
ATOM   914  C  CE2 . PHE A 1 109 ? -9.613  -3.941  3.931   1.00 44.17  ? 108 PHE A CE2 1 
ATOM   915  C  CZ  . PHE A 1 109 ? -8.613  -4.845  4.249   1.00 44.12  ? 108 PHE A CZ  1 
ATOM   916  N  N   . LEU A 1 110 ? -5.212  1.164   4.417   1.00 36.65  ? 109 LEU A N   1 
ATOM   917  C  CA  . LEU A 1 110 ? -4.292  2.175   3.852   1.00 42.19  ? 109 LEU A CA  1 
ATOM   918  C  C   . LEU A 1 110 ? -4.032  1.815   2.400   1.00 39.71  ? 109 LEU A C   1 
ATOM   919  O  O   . LEU A 1 110 ? -3.467  0.756   2.148   1.00 34.72  ? 109 LEU A O   1 
ATOM   920  C  CB  . LEU A 1 110 ? -2.991  2.185   4.661   1.00 39.21  ? 109 LEU A CB  1 
ATOM   921  C  CG  . LEU A 1 110 ? -2.005  3.321   4.410   1.00 39.83  ? 109 LEU A CG  1 
ATOM   922  C  CD1 . LEU A 1 110 ? -2.722  4.691   4.526   1.00 40.42  ? 109 LEU A CD1 1 
ATOM   923  C  CD2 . LEU A 1 110 ? -0.831  3.209   5.426   1.00 35.47  ? 109 LEU A CD2 1 
ATOM   924  N  N   . TYR A 1 111 ? -4.401  2.704   1.479   1.00 37.53  ? 110 TYR A N   1 
ATOM   925  C  CA  . TYR A 1 111 ? -4.384  2.453   0.015   1.00 36.61  ? 110 TYR A CA  1 
ATOM   926  C  C   . TYR A 1 111 ? -3.138  3.099   -0.591  1.00 39.75  ? 110 TYR A C   1 
ATOM   927  O  O   . TYR A 1 111 ? -2.797  4.264   -0.333  1.00 41.86  ? 110 TYR A O   1 
ATOM   928  C  CB  . TYR A 1 111 ? -5.711  2.912   -0.634  1.00 42.05  ? 110 TYR A CB  1 
ATOM   929  C  CG  . TYR A 1 111 ? -6.934  2.055   -0.335  1.00 32.03  ? 110 TYR A CG  1 
ATOM   930  C  CD1 . TYR A 1 111 ? -7.695  2.246   0.797   1.00 36.65  ? 110 TYR A CD1 1 
ATOM   931  C  CD2 . TYR A 1 111 ? -7.306  1.011   -1.164  1.00 36.18  ? 110 TYR A CD2 1 
ATOM   932  C  CE1 . TYR A 1 111 ? -8.791  1.445   1.089   1.00 32.33  ? 110 TYR A CE1 1 
ATOM   933  C  CE2 . TYR A 1 111 ? -8.427  0.225   -0.898  1.00 33.15  ? 110 TYR A CE2 1 
ATOM   934  C  CZ  . TYR A 1 111 ? -9.159  0.421   0.245   1.00 32.60  ? 110 TYR A CZ  1 
ATOM   935  O  OH  . TYR A 1 111 ? -10.236 -0.373  0.567   1.00 38.79  ? 110 TYR A OH  1 
ATOM   936  N  N   . MET A 1 112 ? -2.401  2.292   -1.330  1.00 37.33  ? 111 MET A N   1 
ATOM   937  C  CA  . MET A 1 112 ? -1.177  2.710   -2.039  1.00 40.40  ? 111 MET A CA  1 
ATOM   938  C  C   . MET A 1 112 ? -1.253  2.238   -3.481  1.00 44.51  ? 111 MET A C   1 
ATOM   939  O  O   . MET A 1 112 ? -1.865  1.176   -3.788  1.00 42.76  ? 111 MET A O   1 
ATOM   940  C  CB  . MET A 1 112 ? 0.091   2.132   -1.422  1.00 37.62  ? 111 MET A CB  1 
ATOM   941  C  CG  . MET A 1 112 ? 0.058   2.253   0.081   1.00 42.33  ? 111 MET A CG  1 
ATOM   942  S  SD  . MET A 1 112 ? 1.682   2.030   0.760   1.00 42.57  ? 111 MET A SD  1 
ATOM   943  C  CE  . MET A 1 112 ? 1.296   2.578   2.418   1.00 39.78  ? 111 MET A CE  1 
ATOM   944  N  N   A VAL A 1 113 ? -0.591  3.002   -4.346  0.41 42.91  ? 112 VAL A N   1 
ATOM   945  N  N   B VAL A 1 113 ? -0.682  3.025   -4.395  0.10 43.06  ? 112 VAL A N   1 
ATOM   946  C  CA  A VAL A 1 113 ? -0.509  2.746   -5.806  0.41 43.07  ? 112 VAL A CA  1 
ATOM   947  C  CA  B VAL A 1 113 ? -0.535  2.632   -5.827  0.10 43.20  ? 112 VAL A CA  1 
ATOM   948  C  C   A VAL A 1 113 ? 0.928   3.001   -6.246  0.41 43.48  ? 112 VAL A C   1 
ATOM   949  C  C   B VAL A 1 113 ? 0.874   3.006   -6.288  0.10 43.01  ? 112 VAL A C   1 
ATOM   950  O  O   A VAL A 1 113 ? 1.495   4.025   -5.821  0.41 44.93  ? 112 VAL A O   1 
ATOM   951  O  O   B VAL A 1 113 ? 1.360   4.088   -5.902  0.10 42.87  ? 112 VAL A O   1 
ATOM   952  C  CB  A VAL A 1 113 ? -1.499  3.658   -6.560  0.41 44.05  ? 112 VAL A CB  1 
ATOM   953  C  CB  B VAL A 1 113 ? -1.622  3.255   -6.725  0.10 43.78  ? 112 VAL A CB  1 
ATOM   954  C  CG1 A VAL A 1 113 ? -1.294  3.585   -8.057  0.41 43.43  ? 112 VAL A CG1 1 
ATOM   955  C  CG1 B VAL A 1 113 ? -3.010  2.774   -6.336  0.10 43.62  ? 112 VAL A CG1 1 
ATOM   956  C  CG2 A VAL A 1 113 ? -2.935  3.347   -6.186  0.41 43.55  ? 112 VAL A CG2 1 
ATOM   957  C  CG2 B VAL A 1 113 ? -1.562  4.772   -6.737  0.10 44.27  ? 112 VAL A CG2 1 
ATOM   958  N  N   . TYR A 1 114 ? 1.486   2.127   -7.085  1.00 41.77  ? 113 TYR A N   1 
ATOM   959  C  CA  . TYR A 1 114 ? 2.866   2.277   -7.572  1.00 44.80  ? 113 TYR A CA  1 
ATOM   960  C  C   . TYR A 1 114 ? 2.920   2.407   -9.093  1.00 51.31  ? 113 TYR A C   1 
ATOM   961  O  O   . TYR A 1 114 ? 2.113   1.765   -9.784  1.00 53.48  ? 113 TYR A O   1 
ATOM   962  C  CB  . TYR A 1 114 ? 3.704   1.097   -7.105  1.00 47.94  ? 113 TYR A CB  1 
ATOM   963  C  CG  . TYR A 1 114 ? 3.340   -0.256  -7.645  1.00 45.56  ? 113 TYR A CG  1 
ATOM   964  C  CD1 . TYR A 1 114 ? 2.533   -1.121  -6.934  1.00 46.47  ? 113 TYR A CD1 1 
ATOM   965  C  CD2 . TYR A 1 114 ? 3.937   -0.729  -8.799  1.00 46.64  ? 113 TYR A CD2 1 
ATOM   966  C  CE1 . TYR A 1 114 ? 2.266   -2.401  -7.400  1.00 47.59  ? 113 TYR A CE1 1 
ATOM   967  C  CE2 . TYR A 1 114 ? 3.690   -2.006  -9.273  1.00 42.12  ? 113 TYR A CE2 1 
ATOM   968  C  CZ  . TYR A 1 114 ? 2.858   -2.849  -8.575  1.00 47.74  ? 113 TYR A CZ  1 
ATOM   969  O  OH  . TYR A 1 114 ? 2.631   -4.102  -9.075  1.00 47.83  ? 113 TYR A OH  1 
ATOM   970  N  N   . ALA A 1 115 ? 3.938   3.119   -9.564  1.00 49.37  ? 114 ALA A N   1 
ATOM   971  C  CA  . ALA A 1 115 ? 4.225   3.345   -11.001 1.00 63.19  ? 114 ALA A CA  1 
ATOM   972  C  C   . ALA A 1 115 ? 5.718   3.638   -11.236 1.00 64.02  ? 114 ALA A C   1 
ATOM   973  O  O   . ALA A 1 115 ? 6.421   3.946   -10.249 1.00 63.51  ? 114 ALA A O   1 
ATOM   974  C  CB  . ALA A 1 115 ? 3.366   4.494   -11.465 1.00 59.44  ? 114 ALA A CB  1 
ATOM   975  N  N   . SER A 1 116 ? 6.172   3.585   -12.501 1.00 69.32  ? 115 SER A N   1 
ATOM   976  C  CA  . SER A 1 116 ? 7.567   3.900   -12.928 1.00 70.31  ? 115 SER A CA  1 
ATOM   977  C  C   . SER A 1 116 ? 7.732   5.398   -13.225 1.00 74.60  ? 115 SER A C   1 
ATOM   978  O  O   . SER A 1 116 ? 8.902   5.847   -13.287 1.00 81.28  ? 115 SER A O   1 
ATOM   979  C  CB  . SER A 1 116 ? 8.036   3.042   -14.092 1.00 68.05  ? 115 SER A CB  1 
ATOM   980  O  OG  . SER A 1 116 ? 6.947   2.446   -14.763 1.00 65.43  ? 115 SER A OG  1 
ATOM   981  N  N   . GLN A 1 117 ? 6.625   6.141   -13.376 1.00 65.72  ? 116 GLN A N   1 
ATOM   982  C  CA  . GLN A 1 117 ? 6.622   7.613   -13.605 1.00 75.98  ? 116 GLN A CA  1 
ATOM   983  C  C   . GLN A 1 117 ? 6.020   8.281   -12.368 1.00 79.43  ? 116 GLN A C   1 
ATOM   984  O  O   . GLN A 1 117 ? 5.109   7.680   -11.775 1.00 84.84  ? 116 GLN A O   1 
ATOM   985  C  CB  . GLN A 1 117 ? 5.802   7.995   -14.843 1.00 67.45  ? 116 GLN A CB  1 
ATOM   986  N  N   . GLU A 1 118 ? 6.506   9.471   -12.009 1.00 85.20  ? 117 GLU A N   1 
ATOM   987  C  CA  . GLU A 1 118 ? 5.905   10.357  -10.977 1.00 93.88  ? 117 GLU A CA  1 
ATOM   988  C  C   . GLU A 1 118 ? 4.555   10.910  -11.449 1.00 106.54 ? 117 GLU A C   1 
ATOM   989  O  O   . GLU A 1 118 ? 3.677   11.115  -10.586 1.00 109.63 ? 117 GLU A O   1 
ATOM   990  C  CB  . GLU A 1 118 ? 6.841   11.524  -10.683 1.00 102.77 ? 117 GLU A CB  1 
ATOM   991  C  CG  . GLU A 1 118 ? 7.548   11.376  -9.358  1.00 115.16 ? 117 GLU A CG  1 
ATOM   992  C  CD  . GLU A 1 118 ? 8.522   12.494  -9.045  1.00 122.95 ? 117 GLU A CD  1 
ATOM   993  O  OE1 . GLU A 1 118 ? 8.929   13.194  -9.988  1.00 128.25 ? 117 GLU A OE1 1 
ATOM   994  O  OE2 . GLU A 1 118 ? 8.867   12.655  -7.856  1.00 143.02 ? 117 GLU A OE2 1 
ATOM   995  N  N   . THR A 1 119 ? 4.430   11.210  -12.748 1.00 116.69 ? 118 THR A N   1 
ATOM   996  C  CA  . THR A 1 119 ? 3.150   11.515  -13.445 1.00 118.55 ? 118 THR A CA  1 
ATOM   997  C  C   . THR A 1 119 ? 2.332   10.215  -13.563 1.00 120.21 ? 118 THR A C   1 
ATOM   998  O  O   . THR A 1 119 ? 2.674   9.380   -14.430 1.00 130.02 ? 118 THR A O   1 
ATOM   999  C  CB  . THR A 1 119 ? 3.419   12.178  -14.805 1.00 105.19 ? 118 THR A CB  1 
ATOM   1000 N  N   . PHE A 1 120 ? 1.323   10.040  -12.698 1.00 117.42 ? 119 PHE A N   1 
ATOM   1001 C  CA  . PHE A 1 120 ? 0.359   8.905   -12.701 1.00 115.05 ? 119 PHE A CA  1 
ATOM   1002 C  C   . PHE A 1 120 ? -0.872  9.297   -13.530 1.00 116.58 ? 119 PHE A C   1 
ATOM   1003 O  O   . PHE A 1 120 ? -2.011  9.361   -13.045 1.00 94.63  ? 119 PHE A O   1 
ATOM   1004 C  CB  . PHE A 1 120 ? -0.070  8.535   -11.277 1.00 119.07 ? 119 PHE A CB  1 
ATOM   1005 C  CG  . PHE A 1 120 ? 0.969   7.837   -10.431 1.00 133.68 ? 119 PHE A CG  1 
ATOM   1006 C  CD1 . PHE A 1 120 ? 2.157   8.472   -10.090 1.00 137.87 ? 119 PHE A CD1 1 
ATOM   1007 C  CD2 . PHE A 1 120 ? 0.742   6.560   -9.925  1.00 131.60 ? 119 PHE A CD2 1 
ATOM   1008 C  CE1 . PHE A 1 120 ? 3.103   7.840   -9.292  1.00 130.76 ? 119 PHE A CE1 1 
ATOM   1009 C  CE2 . PHE A 1 120 ? 1.687   5.932   -9.122  1.00 121.22 ? 119 PHE A CE2 1 
ATOM   1010 C  CZ  . PHE A 1 120 ? 2.868   6.570   -8.809  1.00 125.39 ? 119 PHE A CZ  1 
HETATM 1011 N  N1  . NUA B 2 .   ? 0.394   -12.319 6.289   0.90 49.86  ? 201 NUA A N1  1 
HETATM 1012 N  N3  . NUA B 2 .   ? 1.282   -12.817 7.178   0.90 50.81  ? 201 NUA A N3  1 
HETATM 1013 C  C4  . NUA B 2 .   ? 2.245   -11.178 6.001   0.90 46.87  ? 201 NUA A C4  1 
HETATM 1014 C  C5  . NUA B 2 .   ? 3.015   -9.341  4.565   0.90 38.76  ? 201 NUA A C5  1 
HETATM 1015 C  C6  . NUA B 2 .   ? 4.250   -8.603  4.106   0.90 36.90  ? 201 NUA A C6  1 
HETATM 1016 C  C7  . NUA B 2 .   ? 4.135   -7.076  3.981   0.90 39.40  ? 201 NUA A C7  1 
HETATM 1017 C  C8  . NUA B 2 .   ? 5.532   -6.954  4.589   0.90 36.71  ? 201 NUA A C8  1 
HETATM 1018 C  C10 . NUA B 2 .   ? 2.405   -12.133 7.005   0.90 49.19  ? 201 NUA A C10 1 
HETATM 1019 C  C1  . NUA B 2 .   ? -1.405  -13.560 7.455   0.90 56.52  ? 201 NUA A C1  1 
HETATM 1020 C  C2  . NUA B 2 .   ? -0.965  -12.859 6.200   0.90 54.79  ? 201 NUA A C2  1 
HETATM 1021 C  C3  . NUA B 2 .   ? 0.946   -11.327 5.556   0.90 47.13  ? 201 NUA A C3  1 
HETATM 1022 C  C9  . NUA B 2 .   ? 5.365   -8.362  5.155   0.90 37.57  ? 201 NUA A C9  1 
HETATM 1023 N  N2  . NUA B 2 .   ? 3.226   -10.295 5.505   0.90 41.37  ? 201 NUA A N2  1 
HETATM 1024 O  O1  . NUA B 2 .   ? 1.886   -9.064  4.140   0.90 36.21  ? 201 NUA A O1  1 
HETATM 1025 C  C1  . EDO C 3 .   ? 2.477   15.872  -0.901  1.00 102.57 ? 202 EDO A C1  1 
HETATM 1026 O  O1  . EDO C 3 .   ? 1.283   15.596  -1.660  1.00 92.68  ? 202 EDO A O1  1 
HETATM 1027 C  C2  . EDO C 3 .   ? 3.433   16.856  -1.518  1.00 98.67  ? 202 EDO A C2  1 
HETATM 1028 O  O2  . EDO C 3 .   ? 3.642   18.063  -0.782  1.00 80.44  ? 202 EDO A O2  1 
HETATM 1029 C  C1  . EDO D 3 .   ? -13.985 5.514   0.243   1.00 80.07  ? 203 EDO A C1  1 
HETATM 1030 O  O1  . EDO D 3 .   ? -14.075 5.322   -1.166  1.00 69.69  ? 203 EDO A O1  1 
HETATM 1031 C  C2  . EDO D 3 .   ? -14.912 4.683   1.073   1.00 84.68  ? 203 EDO A C2  1 
HETATM 1032 O  O2  . EDO D 3 .   ? -14.639 3.291   1.038   1.00 85.63  ? 203 EDO A O2  1 
HETATM 1033 C  C1  . EDO E 3 .   ? 18.270  0.215   -2.345  1.00 64.71  ? 204 EDO A C1  1 
HETATM 1034 O  O1  . EDO E 3 .   ? 18.850  0.580   -1.063  1.00 55.51  ? 204 EDO A O1  1 
HETATM 1035 C  C2  . EDO E 3 .   ? 16.970  -0.484  -2.194  1.00 59.49  ? 204 EDO A C2  1 
HETATM 1036 O  O2  . EDO E 3 .   ? 15.868  0.140   -2.797  1.00 60.33  ? 204 EDO A O2  1 
HETATM 1037 C  C1  . EDO F 3 .   ? 13.807  5.355   -0.281  1.00 83.92  ? 205 EDO A C1  1 
HETATM 1038 O  O1  . EDO F 3 .   ? 12.644  6.165   -0.253  1.00 82.24  ? 205 EDO A O1  1 
HETATM 1039 C  C2  . EDO F 3 .   ? 13.532  3.893   -0.140  1.00 72.25  ? 205 EDO A C2  1 
HETATM 1040 O  O2  . EDO F 3 .   ? 13.887  3.089   -1.268  1.00 92.09  ? 205 EDO A O2  1 
HETATM 1041 C  C1  . EDO G 3 .   ? -6.289  1.578   -9.727  1.00 120.54 ? 206 EDO A C1  1 
HETATM 1042 O  O1  . EDO G 3 .   ? -7.005  1.850   -8.542  1.00 99.79  ? 206 EDO A O1  1 
HETATM 1043 C  C2  . EDO G 3 .   ? -5.045  2.387   -9.870  1.00 124.27 ? 206 EDO A C2  1 
HETATM 1044 O  O2  . EDO G 3 .   ? -5.205  3.613   -10.585 1.00 116.83 ? 206 EDO A O2  1 
HETATM 1045 C  C1  . EDO H 3 .   ? -11.131 -7.841  2.687   1.00 72.44  ? 207 EDO A C1  1 
HETATM 1046 O  O1  . EDO H 3 .   ? -12.451 -7.720  3.203   1.00 72.93  ? 207 EDO A O1  1 
HETATM 1047 C  C2  . EDO H 3 .   ? -10.759 -9.256  2.358   1.00 77.56  ? 207 EDO A C2  1 
HETATM 1048 O  O2  . EDO H 3 .   ? -9.745  -9.406  1.367   1.00 76.19  ? 207 EDO A O2  1 
HETATM 1049 C  C1  . EDO I 3 .   ? -9.543  8.013   -5.121  1.00 84.19  ? 208 EDO A C1  1 
HETATM 1050 O  O1  . EDO I 3 .   ? -10.309 7.614   -6.238  1.00 77.57  ? 208 EDO A O1  1 
HETATM 1051 C  C2  . EDO I 3 .   ? -8.140  8.354   -5.446  1.00 86.81  ? 208 EDO A C2  1 
HETATM 1052 O  O2  . EDO I 3 .   ? -7.675  9.542   -4.822  1.00 85.78  ? 208 EDO A O2  1 
HETATM 1053 C  C1  . EDO J 3 .   ? 2.330   10.089  4.016   1.00 91.98  ? 209 EDO A C1  1 
HETATM 1054 O  O1  . EDO J 3 .   ? 1.553   10.246  2.829   1.00 82.31  ? 209 EDO A O1  1 
HETATM 1055 C  C2  . EDO J 3 .   ? 3.769   9.732   3.758   1.00 99.41  ? 209 EDO A C2  1 
HETATM 1056 O  O2  . EDO J 3 .   ? 4.700   9.934   4.829   1.00 75.70  ? 209 EDO A O2  1 
HETATM 1057 CL CL  . CL  K 4 .   ? 0.465   -8.894  15.412  1.00 38.06  ? 210 CL  A CL  1 
HETATM 1058 O  O   . HOH L 5 .   ? -11.410 0.440   -7.120  1.00 73.69  ? 301 HOH A O   1 
HETATM 1059 O  O   . HOH L 5 .   ? 5.730   2.998   12.442  1.00 72.60  ? 302 HOH A O   1 
HETATM 1060 O  O   . HOH L 5 .   ? 19.727  2.610   -0.944  1.00 78.45  ? 303 HOH A O   1 
HETATM 1061 O  O   . HOH L 5 .   ? 9.122   15.429  -10.240 1.00 66.39  ? 304 HOH A O   1 
HETATM 1062 O  O   . HOH L 5 .   ? 16.217  -12.287 -8.187  1.00 55.27  ? 305 HOH A O   1 
HETATM 1063 O  O   . HOH L 5 .   ? -2.021  -1.561  -13.591 1.00 70.89  ? 306 HOH A O   1 
HETATM 1064 O  O   . HOH L 5 .   ? -5.801  -4.909  -7.250  1.00 67.46  ? 307 HOH A O   1 
HETATM 1065 O  O   . HOH L 5 .   ? -9.595  4.739   -2.786  1.00 59.05  ? 308 HOH A O   1 
HETATM 1066 O  O   . HOH L 5 .   ? 11.722  12.180  4.205   1.00 69.15  ? 309 HOH A O   1 
HETATM 1067 O  O   . HOH L 5 .   ? 5.356   9.125   -3.019  1.00 52.69  ? 310 HOH A O   1 
HETATM 1068 O  O   . HOH L 5 .   ? -0.555  10.446  12.401  1.00 65.91  ? 311 HOH A O   1 
HETATM 1069 O  O   . HOH L 5 .   ? -1.428  -0.821  -15.989 1.00 74.85  ? 312 HOH A O   1 
HETATM 1070 O  O   . HOH L 5 .   ? -1.396  -5.759  -5.835  1.00 53.24  ? 313 HOH A O   1 
HETATM 1071 O  O   . HOH L 5 .   ? 4.833   -9.946  -6.412  1.00 75.72  ? 314 HOH A O   1 
HETATM 1072 O  O   . HOH L 5 .   ? 3.512   -8.711  8.829   0.90 41.12  ? 315 HOH A O   1 
HETATM 1073 O  O   . HOH L 5 .   ? -7.637  6.224   0.701   1.00 44.49  ? 316 HOH A O   1 
HETATM 1074 O  O   . HOH L 5 .   ? 0.695   -10.929 13.130  1.00 36.69  ? 317 HOH A O   1 
HETATM 1075 O  O   . HOH L 5 .   ? -14.840 -9.355  5.293   1.00 55.20  ? 318 HOH A O   1 
HETATM 1076 O  O   . HOH L 5 .   ? -24.001 -4.272  2.527   1.00 86.38  ? 319 HOH A O   1 
HETATM 1077 O  O   . HOH L 5 .   ? 2.638   12.207  12.314  1.00 86.99  ? 320 HOH A O   1 
HETATM 1078 O  O   . HOH L 5 .   ? -8.454  9.769   9.821   1.00 69.70  ? 321 HOH A O   1 
HETATM 1079 O  O   . HOH L 5 .   ? -8.657  9.941   0.081   1.00 49.30  ? 322 HOH A O   1 
HETATM 1080 O  O   . HOH L 5 .   ? 8.958   9.950   -12.928 1.00 86.23  ? 323 HOH A O   1 
HETATM 1081 O  O   . HOH L 5 .   ? 3.251   -8.592  -13.950 1.00 76.83  ? 324 HOH A O   1 
HETATM 1082 O  O   . HOH L 5 .   ? 8.819   11.970  -0.272  1.00 76.85  ? 325 HOH A O   1 
HETATM 1083 O  O   . HOH L 5 .   ? 15.915  -8.126  -11.081 1.00 63.48  ? 326 HOH A O   1 
HETATM 1084 O  O   . HOH L 5 .   ? -5.765  9.689   -6.734  1.00 68.76  ? 327 HOH A O   1 
HETATM 1085 O  O   . HOH L 5 .   ? -11.134 5.978   -4.237  1.00 88.97  ? 328 HOH A O   1 
HETATM 1086 O  O   . HOH L 5 .   ? -7.527  8.766   -2.223  1.00 50.57  ? 329 HOH A O   1 
HETATM 1087 O  O   . HOH L 5 .   ? 6.631   12.294  -6.349  1.00 69.30  ? 330 HOH A O   1 
HETATM 1088 O  O   . HOH L 5 .   ? -8.966  -0.357  -4.571  1.00 50.67  ? 331 HOH A O   1 
HETATM 1089 O  O   . HOH L 5 .   ? -4.165  -4.595  12.749  1.00 36.39  ? 332 HOH A O   1 
HETATM 1090 O  O   . HOH L 5 .   ? 9.663   5.831   -4.517  1.00 69.14  ? 333 HOH A O   1 
HETATM 1091 O  O   . HOH L 5 .   ? -7.472  9.586   7.036   1.00 51.00  ? 334 HOH A O   1 
HETATM 1092 O  O   . HOH L 5 .   ? -7.588  -9.304  -2.629  1.00 74.79  ? 335 HOH A O   1 
HETATM 1093 O  O   . HOH L 5 .   ? -17.527 5.672   7.998   1.00 63.87  ? 336 HOH A O   1 
HETATM 1094 O  O   . HOH L 5 .   ? -7.669  11.494  3.385   1.00 48.75  ? 337 HOH A O   1 
HETATM 1095 O  O   . HOH L 5 .   ? 12.409  -13.833 -6.866  1.00 78.90  ? 338 HOH A O   1 
HETATM 1096 O  O   . HOH L 5 .   ? 9.748   -7.822  0.309   1.00 34.52  ? 339 HOH A O   1 
HETATM 1097 O  O   . HOH L 5 .   ? -18.178 -8.631  -2.812  1.00 64.44  ? 340 HOH A O   1 
HETATM 1098 O  O   . HOH L 5 .   ? 12.264  5.610   -8.452  1.00 54.81  ? 341 HOH A O   1 
HETATM 1099 O  O   . HOH L 5 .   ? 5.448   -3.538  14.970  1.00 49.27  ? 342 HOH A O   1 
HETATM 1100 O  O   . HOH L 5 .   ? -5.852  5.095   2.475   1.00 43.01  ? 343 HOH A O   1 
HETATM 1101 O  O   . HOH L 5 .   ? -0.078  -5.450  -8.123  1.00 51.23  ? 344 HOH A O   1 
HETATM 1102 O  O   . HOH L 5 .   ? -6.835  -1.029  11.880  1.00 47.40  ? 345 HOH A O   1 
HETATM 1103 O  O   . HOH L 5 .   ? -4.314  -2.819  14.971  1.00 34.69  ? 346 HOH A O   1 
HETATM 1104 O  O   . HOH L 5 .   ? -6.945  -4.807  18.236  1.00 35.43  ? 347 HOH A O   1 
HETATM 1105 O  O   . HOH L 5 .   ? 16.619  -4.206  -1.114  1.00 36.36  ? 348 HOH A O   1 
HETATM 1106 O  O   . HOH L 5 .   ? -2.657  5.906   -3.540  1.00 48.23  ? 349 HOH A O   1 
HETATM 1107 O  O   . HOH L 5 .   ? 5.479   0.481   16.687  1.00 39.59  ? 350 HOH A O   1 
HETATM 1108 O  O   . HOH L 5 .   ? -4.725  0.903   -3.835  1.00 48.03  ? 351 HOH A O   1 
HETATM 1109 O  O   . HOH L 5 .   ? 4.626   -5.676  13.772  1.00 41.00  ? 352 HOH A O   1 
HETATM 1110 O  O   . HOH L 5 .   ? 15.430  -6.147  -5.501  1.00 54.51  ? 353 HOH A O   1 
HETATM 1111 O  O   . HOH L 5 .   ? -4.255  -10.063 -5.513  1.00 61.24  ? 354 HOH A O   1 
HETATM 1112 O  O   . HOH L 5 .   ? -12.424 -0.604  9.974   1.00 54.84  ? 355 HOH A O   1 
HETATM 1113 O  O   . HOH L 5 .   ? -11.363 -4.972  15.735  1.00 57.65  ? 356 HOH A O   1 
HETATM 1114 O  O   . HOH L 5 .   ? 15.034  -2.611  -2.072  1.00 54.75  ? 357 HOH A O   1 
HETATM 1115 O  O   . HOH L 5 .   ? 6.734   -12.159 -3.759  1.00 65.74  ? 358 HOH A O   1 
HETATM 1116 O  O   . HOH L 5 .   ? 14.939  2.533   4.738   1.00 47.85  ? 359 HOH A O   1 
HETATM 1117 O  O   . HOH L 5 .   ? 5.797   -9.314  -8.594  1.00 67.23  ? 360 HOH A O   1 
HETATM 1118 O  O   . HOH L 5 .   ? 11.915  1.332   9.033   1.00 39.60  ? 361 HOH A O   1 
HETATM 1119 O  O   . HOH L 5 .   ? -9.029  9.274   3.949   1.00 61.88  ? 362 HOH A O   1 
HETATM 1120 O  O   . HOH L 5 .   ? 12.287  3.615   -5.676  1.00 58.48  ? 363 HOH A O   1 
HETATM 1121 O  O   . HOH L 5 .   ? 4.962   2.137   -18.326 1.00 75.49  ? 364 HOH A O   1 
HETATM 1122 O  O   . HOH L 5 .   ? -2.942  -4.134  -8.905  1.00 55.63  ? 365 HOH A O   1 
HETATM 1123 O  O   . HOH L 5 .   ? -15.344 -14.074 0.885   1.00 76.15  ? 366 HOH A O   1 
HETATM 1124 O  O   . HOH L 5 .   ? 10.725  0.544   -13.813 1.00 67.10  ? 367 HOH A O   1 
HETATM 1125 O  O   . HOH L 5 .   ? -0.237  9.868   14.552  1.00 74.18  ? 368 HOH A O   1 
HETATM 1126 O  O   . HOH L 5 .   ? -6.337  -3.670  11.189  1.00 39.43  ? 369 HOH A O   1 
HETATM 1127 O  O   . HOH L 5 .   ? -9.998  -9.839  -1.735  1.00 79.40  ? 370 HOH A O   1 
HETATM 1128 O  O   . HOH L 5 .   ? -11.793 7.894   3.203   1.00 57.76  ? 371 HOH A O   1 
HETATM 1129 O  O   . HOH L 5 .   ? -1.945  -12.456 17.661  1.00 48.06  ? 372 HOH A O   1 
HETATM 1130 O  O   . HOH L 5 .   ? -4.719  -10.237 -1.459  1.00 43.07  ? 373 HOH A O   1 
HETATM 1131 O  O   . HOH L 5 .   ? -14.356 -12.752 4.408   1.00 100.64 ? 374 HOH A O   1 
HETATM 1132 O  O   . HOH L 5 .   ? -10.376 -16.491 10.977  1.00 63.62  ? 375 HOH A O   1 
HETATM 1133 O  O   . HOH L 5 .   ? -2.613  -9.763  -7.705  1.00 60.85  ? 376 HOH A O   1 
HETATM 1134 O  O   . HOH L 5 .   ? 8.004   6.934   -3.692  1.00 53.78  ? 377 HOH A O   1 
HETATM 1135 O  O   . HOH L 5 .   ? 3.868   4.184   -16.907 1.00 61.28  ? 378 HOH A O   1 
HETATM 1136 O  O   . HOH L 5 .   ? 11.972  2.790   -15.276 1.00 67.88  ? 379 HOH A O   1 
HETATM 1137 O  O   . HOH L 5 .   ? 5.178   -7.218  17.423  1.00 63.35  ? 380 HOH A O   1 
HETATM 1138 O  O   . HOH L 5 .   ? -5.923  6.690   -5.958  1.00 69.76  ? 381 HOH A O   1 
HETATM 1139 O  O   . HOH L 5 .   ? 9.382   -6.686  10.798  1.00 51.54  ? 382 HOH A O   1 
HETATM 1140 O  O   . HOH L 5 .   ? -12.255 -13.202 2.762   1.00 75.97  ? 383 HOH A O   1 
HETATM 1141 O  O   . HOH L 5 .   ? -5.433  5.302   -3.806  1.00 49.21  ? 384 HOH A O   1 
HETATM 1142 O  O   . HOH L 5 .   ? -5.737  -10.785 -3.122  1.00 92.66  ? 385 HOH A O   1 
HETATM 1143 O  O   . HOH L 5 .   ? 14.170  8.678   5.769   1.00 77.14  ? 386 HOH A O   1 
HETATM 1144 O  O   . HOH L 5 .   ? -7.438  6.045   -1.919  1.00 55.52  ? 387 HOH A O   1 
HETATM 1145 O  O   . HOH L 5 .   ? -5.779  3.111   -4.760  1.00 63.35  ? 388 HOH A O   1 
HETATM 1146 O  O   . HOH L 5 .   ? 13.922  -1.582  8.969   1.00 67.24  ? 389 HOH A O   1 
HETATM 1147 O  O   . HOH L 5 .   ? -17.194 1.709   9.846   1.00 60.53  ? 390 HOH A O   1 
HETATM 1148 O  O   . HOH L 5 .   ? -9.105  2.406   -4.478  1.00 57.12  ? 391 HOH A O   1 
# 
